data_8FJ9
#
_entry.id   8FJ9
#
_cell.length_a   150.130
_cell.length_b   150.130
_cell.length_c   302.783
_cell.angle_alpha   90.00
_cell.angle_beta   90.00
_cell.angle_gamma   90.00
#
_symmetry.space_group_name_H-M   'P 43 2 2'
#
loop_
_entity.id
_entity.type
_entity.pdbx_description
1 polymer Glucosyltransferase-I
2 non-polymer 'CALCIUM ION'
3 non-polymer 1,2-ETHANEDIOL
4 non-polymer 'SULFATE ION'
5 non-polymer 'CHLORIDE ION'
6 water water
#
_entity_poly.entity_id   1
_entity_poly.type   'polypeptide(L)'
_entity_poly.pdbx_seq_one_letter_code
;LHFDETGAYTDTSIDTVNKDIVTTRSNLYKKYNQVYDRSAQSFEHVDHYLTAESWYRPKYILKDGKTWTQSTEKDFRPLL
MTWWPSQETQRQYVNYMNAQLGINKTYDDTSNQLQLNIAAATIQAKIEAKITTLKNTDWLRQTISAFVKTQSAWNSDSEK
PFDDHLQNGAVLYDNEGKLTPYANSNYRILNRTPTNQTGKKDPRYTADNTIGGYEFLLANDVDNSNPVVQAEQLNWLHFL
MNFGNIYANDPDANFDSIRVDAVDNVDADLLQIAGDYLKAAKGIHKNDKAANDHLSILEAWSDNDTPYLHDDGDNMINMD
NKLRLSLLFSLAKPLNQRSGMNPLITNSLVNRTDDNAETAAVPSYSFIRAHDSEVQDLIRDIIKAEINPNVVGYSFTMEE
IKKAFEIYNKDLLATEKKYTHYNTALSYALLLTNKSSVPRVYYGDMFTDDGQYMAHKTINYEAIETLLKARIKYVSGGQA
MRNQQVGNSEIITSVRYGKGALKATDTGDRTTRTSGVAVIEGNNPSLRLKASDRVVVNMGAAHKNQAYRPLLLTTDNGIK
AYHSDQEAAGLVRYTNDRGELIFTAADIKGYANPQVSGYLGVWVPVGAAADQDVRVAASTAPSTDGKSVHQNAALDSRVM
FEGFSNFQAFATKKEEYTNVVIAKNVDKFAEWGVTDFEMAPQYVSSTDGSFLDSVIQNGYAFTDRYDLGISKPNKYGTAD
DLVKAIKALHSKGIKVMADWVPDQMYAFPEKEVVTATRVDKFGKPVEGSQIKSVLYVADSKSSGKDQQAKYGGAFLEELQ
AKYPELFARKQISTGVPMDPSVKIKQWSAKYFNGTNILGRGAGYVLKDQATNTYFNISDNKLEHHHHHH
;
_entity_poly.pdbx_strand_id   A,B
#
loop_
_chem_comp.id
_chem_comp.type
_chem_comp.name
_chem_comp.formula
CA non-polymer 'CALCIUM ION' 'Ca 2'
CL non-polymer 'CHLORIDE ION' 'Cl -1'
EDO non-polymer 1,2-ETHANEDIOL 'C2 H6 O2'
SO4 non-polymer 'SULFATE ION' 'O4 S -2'
#
# COMPACT_ATOMS: atom_id res chain seq x y z
N ASN A 18 -22.04 -15.37 17.93
CA ASN A 18 -21.88 -16.62 17.11
C ASN A 18 -21.84 -16.23 15.61
N LYS A 19 -22.80 -16.69 14.80
CA LYS A 19 -23.05 -16.21 13.41
C LYS A 19 -24.30 -15.31 13.43
N ASP A 20 -24.12 -14.00 13.28
CA ASP A 20 -25.20 -12.98 13.28
C ASP A 20 -25.48 -12.56 11.83
N ILE A 21 -25.38 -11.27 11.56
CA ILE A 21 -24.99 -10.70 10.23
C ILE A 21 -23.94 -9.62 10.54
N VAL A 22 -22.89 -9.57 9.73
CA VAL A 22 -21.77 -8.65 10.04
C VAL A 22 -21.98 -7.32 9.31
N THR A 23 -22.62 -6.42 10.06
CA THR A 23 -22.86 -4.98 9.79
C THR A 23 -23.47 -4.34 11.04
N ARG A 25 -25.89 -0.37 11.20
CA ARG A 25 -25.65 1.09 10.99
C ARG A 25 -24.14 1.37 11.05
N SER A 26 -23.33 0.41 10.57
CA SER A 26 -21.87 0.55 10.30
C SER A 26 -21.64 0.80 8.80
N ASN A 27 -22.49 0.23 7.95
CA ASN A 27 -22.45 0.35 6.46
C ASN A 27 -23.82 0.86 5.99
N LEU A 28 -23.85 1.92 5.15
CA LEU A 28 -25.12 2.48 4.59
C LEU A 28 -25.41 1.83 3.22
N TYR A 29 -24.51 0.99 2.69
CA TYR A 29 -24.77 0.08 1.54
C TYR A 29 -24.99 -1.35 2.07
N LYS A 30 -25.69 -1.48 3.20
CA LYS A 30 -25.73 -2.71 4.05
C LYS A 30 -26.28 -3.91 3.27
N LYS A 31 -27.28 -3.70 2.41
CA LYS A 31 -27.99 -4.82 1.74
C LYS A 31 -27.24 -5.22 0.46
N TYR A 32 -26.22 -4.45 0.04
CA TYR A 32 -25.36 -4.77 -1.13
C TYR A 32 -24.06 -5.45 -0.66
N ASN A 33 -23.49 -4.97 0.45
CA ASN A 33 -22.18 -5.37 0.99
C ASN A 33 -22.32 -6.54 1.98
N GLN A 34 -23.54 -6.88 2.42
CA GLN A 34 -23.76 -8.00 3.38
C GLN A 34 -23.33 -9.31 2.70
N VAL A 35 -22.99 -10.31 3.51
CA VAL A 35 -22.34 -11.57 3.05
C VAL A 35 -23.31 -12.31 2.12
N TYR A 36 -22.81 -12.79 0.98
CA TYR A 36 -23.53 -13.58 -0.06
C TYR A 36 -24.57 -14.50 0.58
N ASP A 37 -24.13 -15.47 1.40
CA ASP A 37 -25.00 -16.45 2.11
C ASP A 37 -24.48 -16.69 3.53
N ARG A 38 -25.16 -17.56 4.29
CA ARG A 38 -24.80 -17.94 5.68
C ARG A 38 -23.74 -19.06 5.63
N SER A 39 -23.29 -19.42 4.42
CA SER A 39 -22.29 -20.48 4.12
C SER A 39 -20.90 -20.09 4.66
N ALA A 40 -20.05 -21.09 4.84
CA ALA A 40 -18.63 -20.96 5.26
C ALA A 40 -17.75 -20.69 4.04
N GLN A 41 -18.21 -21.05 2.83
CA GLN A 41 -17.45 -20.94 1.55
C GLN A 41 -17.38 -19.48 1.08
N SER A 42 -18.15 -18.58 1.70
CA SER A 42 -18.21 -17.13 1.37
C SER A 42 -17.37 -16.31 2.37
N PHE A 43 -16.63 -16.97 3.25
CA PHE A 43 -15.66 -16.35 4.19
C PHE A 43 -14.29 -17.04 4.08
N GLU A 44 -13.22 -16.24 4.11
CA GLU A 44 -11.84 -16.70 4.39
C GLU A 44 -11.69 -16.80 5.91
N HIS A 45 -11.89 -18.00 6.44
CA HIS A 45 -11.92 -18.31 7.89
C HIS A 45 -10.72 -19.18 8.28
N VAL A 46 -10.44 -19.25 9.57
CA VAL A 46 -9.48 -20.22 10.19
C VAL A 46 -10.24 -20.96 11.28
N ASP A 47 -10.49 -22.26 11.09
CA ASP A 47 -11.25 -23.15 12.00
C ASP A 47 -12.57 -22.47 12.40
N HIS A 48 -13.23 -21.86 11.41
CA HIS A 48 -14.58 -21.22 11.49
C HIS A 48 -14.55 -19.94 12.34
N TYR A 49 -13.38 -19.34 12.54
CA TYR A 49 -13.20 -18.02 13.18
C TYR A 49 -12.79 -17.03 12.08
N LEU A 50 -12.94 -15.73 12.36
CA LEU A 50 -12.57 -14.63 11.43
C LEU A 50 -11.40 -13.83 12.01
N THR A 51 -10.51 -13.36 11.14
CA THR A 51 -9.30 -12.57 11.47
C THR A 51 -9.44 -11.18 10.84
N ALA A 52 -8.74 -10.18 11.38
CA ALA A 52 -8.74 -8.79 10.88
C ALA A 52 -8.37 -8.77 9.39
N GLU A 53 -7.62 -9.76 8.90
CA GLU A 53 -7.19 -9.86 7.48
C GLU A 53 -8.13 -10.79 6.70
N SER A 54 -9.24 -11.25 7.28
CA SER A 54 -10.21 -12.12 6.57
C SER A 54 -10.90 -11.31 5.47
N TRP A 55 -11.02 -11.90 4.27
CA TRP A 55 -11.89 -11.39 3.18
C TRP A 55 -13.15 -12.27 3.11
N TYR A 56 -14.14 -11.82 2.34
CA TYR A 56 -15.46 -12.49 2.18
C TYR A 56 -16.06 -12.10 0.83
N ARG A 57 -17.09 -12.84 0.42
CA ARG A 57 -17.87 -12.58 -0.82
C ARG A 57 -19.13 -11.81 -0.44
N PRO A 58 -19.24 -10.52 -0.83
CA PRO A 58 -20.49 -9.78 -0.62
C PRO A 58 -21.58 -10.26 -1.58
N LYS A 59 -22.84 -9.89 -1.33
CA LYS A 59 -24.01 -10.21 -2.19
C LYS A 59 -23.90 -9.43 -3.51
N TYR A 60 -23.38 -8.20 -3.46
CA TYR A 60 -23.17 -7.36 -4.66
C TYR A 60 -21.81 -6.64 -4.55
N ILE A 61 -21.16 -6.47 -5.71
CA ILE A 61 -19.93 -5.65 -5.91
C ILE A 61 -20.35 -4.31 -6.50
N LEU A 62 -19.69 -3.21 -6.11
CA LEU A 62 -19.87 -1.88 -6.77
C LEU A 62 -18.85 -1.79 -7.91
N LYS A 63 -19.09 -2.52 -9.00
CA LYS A 63 -18.11 -2.73 -10.11
C LYS A 63 -17.64 -1.37 -10.65
N ASP A 64 -16.32 -1.16 -10.64
CA ASP A 64 -15.63 0.09 -11.08
C ASP A 64 -16.06 1.27 -10.21
N GLY A 65 -16.62 1.03 -9.03
CA GLY A 65 -17.16 2.05 -8.12
C GLY A 65 -18.29 2.85 -8.77
N LYS A 66 -18.98 2.23 -9.73
CA LYS A 66 -20.00 2.89 -10.60
C LYS A 66 -21.34 2.13 -10.46
N THR A 67 -21.37 0.90 -10.96
CA THR A 67 -22.60 0.12 -11.21
C THR A 67 -22.61 -1.10 -10.27
N TRP A 68 -23.58 -1.19 -9.35
CA TRP A 68 -23.81 -2.37 -8.46
C TRP A 68 -24.07 -3.62 -9.31
N THR A 69 -23.04 -4.45 -9.50
CA THR A 69 -23.08 -5.76 -10.17
C THR A 69 -23.26 -6.88 -9.12
N GLN A 70 -24.07 -7.90 -9.45
CA GLN A 70 -24.41 -9.06 -8.58
C GLN A 70 -23.42 -10.19 -8.82
N THR A 72 -20.38 -11.37 -8.53
CA THR A 72 -20.00 -12.06 -7.26
C THR A 72 -19.73 -13.54 -7.55
N GLU A 73 -18.59 -13.86 -8.16
CA GLU A 73 -18.12 -15.25 -8.37
C GLU A 73 -16.89 -15.47 -7.49
N LYS A 74 -15.72 -15.05 -7.98
CA LYS A 74 -14.41 -15.02 -7.27
C LYS A 74 -14.14 -13.58 -6.81
N ASP A 75 -15.20 -12.82 -6.51
CA ASP A 75 -15.16 -11.38 -6.15
C ASP A 75 -15.12 -11.25 -4.63
N PHE A 76 -14.04 -11.73 -4.01
CA PHE A 76 -13.79 -11.62 -2.55
C PHE A 76 -13.28 -10.19 -2.29
N ARG A 77 -13.69 -9.61 -1.17
CA ARG A 77 -13.29 -8.24 -0.76
C ARG A 77 -12.99 -8.24 0.74
N PRO A 78 -12.10 -7.34 1.23
CA PRO A 78 -11.78 -7.25 2.65
C PRO A 78 -13.00 -6.99 3.54
N LEU A 79 -13.06 -7.65 4.69
CA LEU A 79 -14.15 -7.45 5.68
C LEU A 79 -14.05 -6.02 6.24
N LEU A 80 -12.84 -5.49 6.37
CA LEU A 80 -12.60 -4.14 6.97
C LEU A 80 -13.03 -3.04 6.01
N MET A 81 -13.39 -3.37 4.76
CA MET A 81 -14.03 -2.45 3.79
C MET A 81 -15.42 -2.02 4.29
N THR A 82 -16.14 -2.92 4.97
CA THR A 82 -17.59 -2.81 5.27
C THR A 82 -17.91 -3.10 6.75
N TRP A 83 -16.92 -3.50 7.57
CA TRP A 83 -17.10 -3.85 9.01
C TRP A 83 -15.85 -3.46 9.80
N TRP A 84 -16.02 -3.00 11.03
CA TRP A 84 -14.90 -2.56 11.91
C TRP A 84 -15.23 -3.04 13.33
N PRO A 85 -14.25 -3.48 14.14
CA PRO A 85 -14.54 -3.97 15.48
C PRO A 85 -15.05 -2.86 16.41
N SER A 86 -14.37 -1.72 16.40
CA SER A 86 -14.75 -0.55 17.22
C SER A 86 -14.93 0.64 16.29
N GLN A 87 -15.65 1.65 16.74
CA GLN A 87 -15.88 2.85 15.88
C GLN A 87 -14.55 3.60 15.65
N GLU A 88 -13.68 3.56 16.67
CA GLU A 88 -12.31 4.13 16.65
C GLU A 88 -11.49 3.48 15.54
N THR A 89 -11.66 2.16 15.33
CA THR A 89 -10.93 1.39 14.28
C THR A 89 -11.44 1.83 12.89
N GLN A 90 -12.73 2.12 12.77
CA GLN A 90 -13.33 2.65 11.51
C GLN A 90 -12.67 3.98 11.17
N ARG A 91 -12.53 4.86 12.16
CA ARG A 91 -11.88 6.19 12.03
C ARG A 91 -10.47 5.98 11.46
N GLN A 92 -9.68 5.11 12.10
CA GLN A 92 -8.24 4.86 11.78
C GLN A 92 -8.15 4.27 10.37
N TYR A 93 -9.07 3.35 10.04
CA TYR A 93 -9.21 2.71 8.70
C TYR A 93 -9.50 3.78 7.63
N VAL A 94 -10.38 4.73 7.96
CA VAL A 94 -10.79 5.84 7.05
C VAL A 94 -9.57 6.74 6.81
N ASN A 95 -8.95 7.23 7.90
CA ASN A 95 -7.75 8.10 7.87
C ASN A 95 -6.65 7.42 7.05
N TYR A 96 -6.43 6.11 7.28
CA TYR A 96 -5.34 5.33 6.64
C TYR A 96 -5.60 5.22 5.13
N MET A 97 -6.78 4.74 4.75
CA MET A 97 -7.13 4.43 3.34
C MET A 97 -7.36 5.72 2.56
N ASN A 98 -7.76 6.80 3.25
CA ASN A 98 -7.81 8.16 2.65
C ASN A 98 -6.41 8.51 2.15
N ALA A 99 -5.40 8.38 3.02
CA ALA A 99 -3.98 8.68 2.74
C ALA A 99 -3.44 7.75 1.64
N GLN A 100 -3.96 6.54 1.51
CA GLN A 100 -3.47 5.52 0.54
C GLN A 100 -4.04 5.77 -0.86
N LEU A 101 -5.25 6.35 -0.95
CA LEU A 101 -6.00 6.52 -2.22
C LEU A 101 -6.00 7.98 -2.68
N GLY A 102 -5.26 8.87 -1.99
CA GLY A 102 -5.13 10.29 -2.34
C GLY A 102 -6.38 11.10 -2.03
N ILE A 103 -7.17 10.69 -1.03
CA ILE A 103 -8.29 11.49 -0.46
C ILE A 103 -7.70 12.43 0.60
N ASN A 104 -7.47 13.69 0.25
CA ASN A 104 -6.91 14.72 1.16
C ASN A 104 -8.03 15.12 2.12
N LYS A 105 -8.17 14.39 3.23
CA LYS A 105 -9.14 14.66 4.32
C LYS A 105 -8.91 13.64 5.45
N THR A 106 -8.68 14.11 6.67
CA THR A 106 -8.64 13.28 7.91
C THR A 106 -9.90 13.56 8.73
N TYR A 107 -10.17 12.70 9.70
CA TYR A 107 -11.31 12.78 10.67
C TYR A 107 -10.73 12.60 12.07
N ASP A 108 -11.06 13.49 13.01
CA ASP A 108 -10.45 13.51 14.37
C ASP A 108 -11.37 12.76 15.36
N ASP A 109 -11.03 12.85 16.65
CA ASP A 109 -11.59 12.08 17.80
C ASP A 109 -13.10 12.31 17.92
N THR A 110 -13.60 13.47 17.49
CA THR A 110 -15.00 13.93 17.78
C THR A 110 -15.93 13.64 16.60
N SER A 111 -15.43 13.13 15.47
CA SER A 111 -16.23 12.76 14.27
C SER A 111 -17.38 11.82 14.68
N ASN A 112 -18.50 11.86 13.95
CA ASN A 112 -19.71 11.05 14.28
C ASN A 112 -19.79 9.86 13.32
N GLN A 113 -20.76 8.96 13.53
CA GLN A 113 -20.86 7.63 12.86
C GLN A 113 -21.29 7.82 11.39
N LEU A 114 -22.10 8.83 11.07
CA LEU A 114 -22.58 9.10 9.68
C LEU A 114 -21.40 9.57 8.81
N GLN A 115 -20.58 10.50 9.33
CA GLN A 115 -19.38 11.02 8.64
C GLN A 115 -18.46 9.85 8.26
N LEU A 116 -18.19 8.95 9.21
CA LEU A 116 -17.27 7.79 9.04
C LEU A 116 -17.86 6.80 8.02
N ASN A 117 -19.17 6.55 8.08
CA ASN A 117 -19.88 5.62 7.17
C ASN A 117 -19.77 6.12 5.72
N ILE A 118 -19.93 7.43 5.51
CA ILE A 118 -19.88 8.06 4.15
C ILE A 118 -18.42 8.05 3.68
N ALA A 119 -17.46 8.29 4.57
CA ALA A 119 -16.01 8.17 4.30
C ALA A 119 -15.70 6.75 3.79
N ALA A 120 -16.24 5.73 4.45
CA ALA A 120 -16.02 4.31 4.12
C ALA A 120 -16.68 3.97 2.79
N ALA A 121 -17.87 4.54 2.56
CA ALA A 121 -18.66 4.39 1.32
C ALA A 121 -18.22 5.47 0.33
N THR A 122 -16.91 5.61 0.16
CA THR A 122 -16.20 6.51 -0.80
C THR A 122 -14.87 5.81 -1.06
N ILE A 123 -14.16 5.52 0.04
CA ILE A 123 -13.02 4.56 0.07
C ILE A 123 -13.44 3.33 -0.74
N GLN A 124 -14.58 2.72 -0.38
CA GLN A 124 -15.09 1.50 -1.07
C GLN A 124 -15.10 1.75 -2.58
N ALA A 125 -15.70 2.87 -3.00
CA ALA A 125 -15.93 3.23 -4.42
C ALA A 125 -14.59 3.34 -5.16
N LYS A 126 -13.60 4.00 -4.56
CA LYS A 126 -12.25 4.24 -5.15
C LYS A 126 -11.43 2.94 -5.10
N ILE A 127 -11.66 2.10 -4.08
CA ILE A 127 -11.05 0.74 -4.01
C ILE A 127 -11.47 -0.03 -5.27
N GLU A 128 -12.78 -0.10 -5.54
CA GLU A 128 -13.37 -0.86 -6.68
C GLU A 128 -12.94 -0.26 -8.01
N ALA A 129 -12.69 1.06 -8.05
CA ALA A 129 -12.17 1.81 -9.21
C ALA A 129 -10.76 1.32 -9.54
N LYS A 130 -9.91 1.23 -8.52
CA LYS A 130 -8.49 0.80 -8.67
C LYS A 130 -8.42 -0.69 -9.00
N ILE A 131 -9.34 -1.51 -8.47
CA ILE A 131 -9.42 -2.98 -8.75
C ILE A 131 -9.67 -3.18 -10.25
N THR A 132 -10.48 -2.32 -10.87
CA THR A 132 -10.84 -2.38 -12.32
C THR A 132 -9.72 -1.75 -13.16
N THR A 133 -9.18 -0.60 -12.76
CA THR A 133 -8.06 0.09 -13.46
C THR A 133 -6.83 -0.84 -13.46
N LEU A 134 -6.41 -1.31 -12.28
CA LEU A 134 -5.19 -2.15 -12.09
C LEU A 134 -5.47 -3.61 -12.48
N LYS A 135 -6.74 -4.01 -12.62
CA LYS A 135 -7.20 -5.33 -13.16
C LYS A 135 -6.86 -6.50 -12.22
N ASN A 136 -6.29 -6.25 -11.04
CA ASN A 136 -5.92 -7.31 -10.05
C ASN A 136 -6.34 -6.84 -8.65
N THR A 137 -5.94 -7.58 -7.58
CA THR A 137 -6.32 -7.27 -6.17
C THR A 137 -5.14 -7.28 -5.18
N ASP A 138 -3.95 -7.77 -5.57
CA ASP A 138 -2.76 -7.87 -4.68
C ASP A 138 -2.54 -6.60 -3.82
N TRP A 139 -2.37 -5.47 -4.49
CA TRP A 139 -2.18 -4.10 -3.93
C TRP A 139 -3.09 -3.89 -2.71
N LEU A 140 -4.30 -4.46 -2.72
CA LEU A 140 -5.30 -4.23 -1.63
C LEU A 140 -5.04 -5.21 -0.47
N ARG A 141 -4.63 -6.45 -0.78
CA ARG A 141 -4.13 -7.43 0.22
C ARG A 141 -3.04 -6.76 1.06
N GLN A 142 -2.02 -6.18 0.42
CA GLN A 142 -0.86 -5.51 1.07
C GLN A 142 -1.31 -4.26 1.82
N THR A 143 -2.25 -3.47 1.26
CA THR A 143 -2.72 -2.19 1.86
C THR A 143 -3.53 -2.46 3.14
N ILE A 144 -4.44 -3.44 3.11
CA ILE A 144 -5.27 -3.82 4.30
C ILE A 144 -4.37 -4.45 5.37
N SER A 145 -3.49 -5.38 4.98
CA SER A 145 -2.46 -5.99 5.87
C SER A 145 -1.72 -4.87 6.60
N ALA A 146 -1.14 -3.94 5.84
CA ALA A 146 -0.36 -2.79 6.35
C ALA A 146 -1.19 -2.01 7.36
N PHE A 147 -2.47 -1.71 7.05
CA PHE A 147 -3.38 -0.99 7.97
C PHE A 147 -3.54 -1.79 9.27
N VAL A 148 -3.85 -3.09 9.14
CA VAL A 148 -4.08 -4.01 10.29
C VAL A 148 -2.86 -3.96 11.24
N LYS A 149 -1.66 -3.96 10.68
CA LYS A 149 -0.38 -4.01 11.46
C LYS A 149 -0.11 -2.67 12.15
N THR A 150 -0.88 -1.61 11.85
CA THR A 150 -0.77 -0.29 12.53
C THR A 150 -1.55 -0.31 13.85
N GLN A 151 -2.48 -1.25 14.05
CA GLN A 151 -3.38 -1.30 15.23
C GLN A 151 -2.74 -2.15 16.33
N SER A 152 -2.70 -1.62 17.55
CA SER A 152 -1.94 -2.18 18.69
C SER A 152 -2.47 -3.59 19.03
N ALA A 153 -3.77 -3.83 18.83
CA ALA A 153 -4.43 -5.13 19.14
C ALA A 153 -4.06 -6.18 18.08
N TRP A 154 -3.49 -5.78 16.95
CA TRP A 154 -3.19 -6.65 15.79
C TRP A 154 -1.69 -6.62 15.42
N ASN A 155 -0.82 -6.18 16.34
CA ASN A 155 0.66 -6.15 16.13
C ASN A 155 1.39 -6.47 17.46
N SER A 156 2.72 -6.30 17.45
CA SER A 156 3.63 -6.69 18.55
C SER A 156 3.26 -6.01 19.87
N ASP A 157 2.62 -4.84 19.83
CA ASP A 157 2.35 -3.99 21.03
C ASP A 157 1.61 -4.82 22.09
N SER A 158 0.65 -5.65 21.70
CA SER A 158 -0.16 -6.50 22.63
C SER A 158 0.60 -7.78 23.01
N GLU A 159 1.72 -8.07 22.34
CA GLU A 159 2.59 -9.26 22.59
C GLU A 159 3.75 -8.89 23.52
N LYS A 160 4.09 -7.60 23.63
CA LYS A 160 5.12 -7.06 24.57
C LYS A 160 4.62 -7.29 25.99
N PRO A 161 5.51 -7.28 27.02
CA PRO A 161 6.93 -7.01 26.86
C PRO A 161 7.71 -8.22 26.31
N PHE A 162 8.76 -7.95 25.54
CA PHE A 162 9.68 -8.97 25.01
C PHE A 162 10.49 -9.59 26.16
N ASP A 163 10.98 -10.83 25.97
CA ASP A 163 11.81 -11.59 26.95
C ASP A 163 13.02 -12.18 26.21
N ASP A 164 13.87 -12.94 26.90
CA ASP A 164 15.19 -13.39 26.40
C ASP A 164 15.05 -14.63 25.50
N HIS A 165 13.82 -15.07 25.18
CA HIS A 165 13.54 -15.95 24.02
C HIS A 165 14.30 -15.40 22.80
N LEU A 166 14.93 -16.26 22.01
CA LEU A 166 15.78 -15.83 20.86
C LEU A 166 14.98 -14.97 19.87
N GLN A 167 13.66 -15.15 19.81
CA GLN A 167 12.73 -14.44 18.90
C GLN A 167 11.76 -13.59 19.73
N ASN A 168 12.24 -13.05 20.84
CA ASN A 168 11.62 -11.91 21.60
C ASN A 168 10.49 -12.40 22.50
N GLY A 169 9.94 -13.59 22.27
CA GLY A 169 8.82 -14.10 23.09
C GLY A 169 8.17 -15.34 22.49
N ALA A 170 7.36 -16.02 23.30
CA ALA A 170 6.65 -17.26 22.93
C ALA A 170 5.25 -17.27 23.55
N VAL A 171 4.38 -18.08 22.94
CA VAL A 171 3.01 -18.34 23.45
C VAL A 171 2.84 -19.86 23.65
N LEU A 172 2.21 -20.25 24.75
CA LEU A 172 1.98 -21.66 25.17
C LEU A 172 0.51 -22.03 24.91
N TYR A 173 0.27 -23.07 24.10
CA TYR A 173 -1.09 -23.57 23.74
C TYR A 173 -1.71 -24.28 24.95
N ASP A 174 -2.91 -23.83 25.36
CA ASP A 174 -3.66 -24.33 26.55
C ASP A 174 -4.12 -25.77 26.28
N ASN A 175 -3.94 -26.63 27.27
CA ASN A 175 -4.24 -28.09 27.20
C ASN A 175 -5.75 -28.30 27.06
N GLU A 176 -6.56 -27.44 27.69
CA GLU A 176 -8.05 -27.51 27.70
C GLU A 176 -8.60 -26.17 27.19
N GLY A 177 -8.80 -26.06 25.87
CA GLY A 177 -9.33 -24.86 25.19
C GLY A 177 -10.75 -25.10 24.70
N LYS A 178 -11.72 -24.50 25.38
CA LYS A 178 -13.17 -24.79 25.19
C LYS A 178 -13.55 -24.41 23.76
N LEU A 179 -12.93 -23.37 23.21
CA LEU A 179 -13.23 -22.83 21.85
C LEU A 179 -12.28 -23.41 20.80
N THR A 180 -11.27 -24.18 21.21
CA THR A 180 -10.28 -24.82 20.29
C THR A 180 -9.97 -26.23 20.76
N PRO A 181 -11.00 -27.12 20.88
CA PRO A 181 -10.80 -28.46 21.44
C PRO A 181 -9.91 -29.34 20.57
N TYR A 182 -9.83 -29.05 19.27
CA TYR A 182 -8.95 -29.73 18.27
C TYR A 182 -7.45 -29.46 18.56
N ALA A 183 -7.14 -28.44 19.38
CA ALA A 183 -5.77 -28.06 19.76
C ALA A 183 -5.49 -28.47 21.21
N ASN A 184 -6.39 -29.22 21.84
CA ASN A 184 -6.22 -29.73 23.22
C ASN A 184 -5.12 -30.80 23.24
N SER A 185 -4.58 -31.07 24.43
CA SER A 185 -3.56 -32.10 24.69
C SER A 185 -3.62 -32.49 26.17
N ASN A 186 -3.31 -33.75 26.48
CA ASN A 186 -3.16 -34.26 27.87
C ASN A 186 -1.68 -34.21 28.29
N TYR A 187 -0.82 -33.53 27.51
CA TYR A 187 0.65 -33.53 27.67
C TYR A 187 1.15 -32.07 27.71
N ARG A 188 2.00 -31.68 26.75
CA ARG A 188 2.71 -30.38 26.79
C ARG A 188 3.45 -30.26 28.14
N ILE A 189 4.10 -31.34 28.55
CA ILE A 189 4.95 -31.39 29.78
C ILE A 189 6.28 -30.72 29.43
N LEU A 190 6.55 -29.55 30.01
CA LEU A 190 7.65 -28.64 29.58
C LEU A 190 8.91 -28.86 30.43
N ASN A 191 10.07 -28.48 29.87
CA ASN A 191 11.37 -28.33 30.58
C ASN A 191 11.83 -29.68 31.16
N ARG A 192 11.46 -30.81 30.53
CA ARG A 192 11.91 -32.17 30.94
C ARG A 192 13.27 -32.47 30.30
N THR A 193 14.25 -31.61 30.59
CA THR A 193 15.70 -31.75 30.28
C THR A 193 16.24 -33.01 30.95
N PRO A 194 17.43 -33.52 30.58
CA PRO A 194 18.01 -34.66 31.29
C PRO A 194 18.05 -34.42 32.80
N THR A 195 18.43 -33.22 33.21
CA THR A 195 18.50 -32.76 34.63
C THR A 195 17.12 -32.87 35.29
N ASN A 196 16.07 -32.51 34.56
CA ASN A 196 14.71 -32.23 35.11
C ASN A 196 13.67 -33.19 34.51
N GLN A 197 14.11 -34.34 34.01
CA GLN A 197 13.28 -35.30 33.22
C GLN A 197 12.03 -35.74 34.01
N THR A 198 12.11 -35.91 35.33
CA THR A 198 10.97 -36.39 36.15
C THR A 198 10.13 -35.22 36.68
N GLY A 199 10.45 -33.97 36.31
CA GLY A 199 9.72 -32.77 36.79
C GLY A 199 10.28 -32.25 38.12
N LYS A 200 11.35 -32.89 38.58
CA LYS A 200 12.15 -32.53 39.77
C LYS A 200 13.61 -32.57 39.32
N LYS A 201 14.47 -31.68 39.84
CA LYS A 201 15.93 -31.69 39.58
C LYS A 201 16.51 -33.05 40.02
N ASP A 202 17.32 -33.68 39.19
CA ASP A 202 17.94 -34.99 39.53
C ASP A 202 18.93 -34.77 40.68
N PRO A 203 18.78 -35.47 41.82
CA PRO A 203 19.73 -35.31 42.93
C PRO A 203 21.13 -35.87 42.61
N ARG A 204 21.26 -36.68 41.57
CA ARG A 204 22.54 -37.34 41.18
C ARG A 204 23.53 -36.34 40.57
N TYR A 205 23.06 -35.23 39.98
CA TYR A 205 23.92 -34.33 39.16
C TYR A 205 23.89 -32.92 39.75
N THR A 206 25.04 -32.49 40.27
CA THR A 206 25.19 -31.24 41.07
C THR A 206 26.11 -30.23 40.39
N ALA A 207 26.73 -30.57 39.26
CA ALA A 207 27.66 -29.65 38.54
C ALA A 207 26.90 -28.43 38.00
N ASP A 208 25.60 -28.56 37.72
CA ASP A 208 24.73 -27.46 37.23
C ASP A 208 23.58 -27.29 38.23
N ASN A 209 23.55 -26.17 38.96
CA ASN A 209 22.53 -25.88 40.00
C ASN A 209 21.13 -25.71 39.36
N THR A 210 21.02 -25.50 38.04
CA THR A 210 19.75 -25.11 37.37
C THR A 210 18.97 -26.38 36.97
N ILE A 211 17.85 -26.20 36.27
CA ILE A 211 17.04 -27.31 35.70
C ILE A 211 17.67 -27.75 34.37
N GLY A 212 18.79 -27.16 33.96
CA GLY A 212 19.63 -27.70 32.86
C GLY A 212 19.02 -27.55 31.48
N GLY A 213 18.29 -26.46 31.23
CA GLY A 213 17.77 -26.08 29.89
C GLY A 213 16.45 -25.35 30.00
N TYR A 214 15.69 -25.30 28.91
CA TYR A 214 14.40 -24.58 28.80
C TYR A 214 13.68 -25.02 27.53
N GLU A 215 12.35 -25.10 27.57
CA GLU A 215 11.53 -25.71 26.49
C GLU A 215 11.57 -24.88 25.20
N PHE A 216 11.28 -23.59 25.24
CA PHE A 216 11.04 -22.75 24.04
C PHE A 216 12.35 -22.11 23.54
N LEU A 217 12.88 -22.66 22.44
CA LEU A 217 14.15 -22.22 21.81
C LEU A 217 13.82 -21.33 20.60
N LEU A 218 13.20 -21.92 19.58
CA LEU A 218 12.92 -21.28 18.26
C LEU A 218 11.59 -21.79 17.69
N ALA A 219 10.92 -20.93 16.93
CA ALA A 219 9.83 -21.26 15.97
C ALA A 219 8.75 -22.08 16.68
N ASN A 220 8.16 -23.05 15.99
CA ASN A 220 7.08 -23.93 16.51
C ASN A 220 7.72 -25.03 17.35
N ASP A 221 7.42 -25.05 18.65
CA ASP A 221 8.06 -25.97 19.62
C ASP A 221 7.29 -27.29 19.66
N VAL A 222 7.93 -28.34 19.16
CA VAL A 222 7.36 -29.72 19.09
C VAL A 222 7.19 -30.23 20.52
N ASP A 223 6.02 -30.79 20.84
CA ASP A 223 5.74 -31.41 22.16
C ASP A 223 6.29 -32.84 22.16
N ASN A 224 7.56 -32.98 22.52
CA ASN A 224 8.25 -34.28 22.63
C ASN A 224 7.88 -34.98 23.94
N SER A 225 6.91 -34.46 24.71
CA SER A 225 6.28 -35.19 25.83
C SER A 225 5.04 -35.98 25.36
N ASN A 226 4.59 -35.75 24.13
CA ASN A 226 3.38 -36.41 23.57
C ASN A 226 3.78 -37.79 23.05
N PRO A 227 3.23 -38.89 23.60
CA PRO A 227 3.60 -40.24 23.19
C PRO A 227 3.49 -40.53 21.69
N VAL A 228 2.54 -39.86 21.01
CA VAL A 228 2.33 -40.01 19.53
C VAL A 228 3.50 -39.34 18.81
N VAL A 229 3.93 -38.18 19.30
CA VAL A 229 5.08 -37.43 18.71
C VAL A 229 6.36 -38.22 18.97
N GLN A 230 6.51 -38.81 20.15
CA GLN A 230 7.70 -39.63 20.51
C GLN A 230 7.83 -40.75 19.47
N ALA A 231 6.75 -41.49 19.22
CA ALA A 231 6.71 -42.57 18.19
C ALA A 231 7.14 -42.01 16.83
N GLU A 232 6.66 -40.82 16.46
CA GLU A 232 6.97 -40.20 15.13
C GLU A 232 8.44 -39.80 15.06
N GLN A 233 9.04 -39.37 16.18
CA GLN A 233 10.49 -39.01 16.22
C GLN A 233 11.30 -40.28 15.97
N LEU A 234 10.88 -41.41 16.56
CA LEU A 234 11.53 -42.72 16.31
C LEU A 234 11.33 -43.11 14.84
N ASN A 235 10.12 -42.92 14.31
CA ASN A 235 9.80 -43.21 12.87
C ASN A 235 10.81 -42.46 12.00
N TRP A 236 10.98 -41.17 12.27
CA TRP A 236 11.92 -40.27 11.56
C TRP A 236 13.36 -40.77 11.75
N LEU A 237 13.73 -41.16 12.96
CA LEU A 237 15.08 -41.71 13.24
C LEU A 237 15.33 -42.92 12.34
N HIS A 238 14.40 -43.88 12.31
CA HIS A 238 14.49 -45.10 11.47
C HIS A 238 14.67 -44.72 10.00
N PHE A 239 13.87 -43.76 9.53
CA PHE A 239 13.91 -43.24 8.15
C PHE A 239 15.34 -42.79 7.82
N LEU A 240 15.95 -41.95 8.66
CA LEU A 240 17.29 -41.37 8.40
C LEU A 240 18.34 -42.50 8.37
N MET A 241 18.23 -43.49 9.26
CA MET A 241 19.22 -44.60 9.36
C MET A 241 19.00 -45.60 8.22
N ASN A 242 17.91 -45.44 7.46
CA ASN A 242 17.58 -46.31 6.30
C ASN A 242 17.30 -45.45 5.06
N PHE A 243 17.78 -44.22 5.01
CA PHE A 243 17.44 -43.25 3.95
C PHE A 243 17.71 -43.87 2.57
N GLY A 244 18.89 -44.46 2.40
CA GLY A 244 19.29 -45.17 1.17
C GLY A 244 18.26 -46.22 0.75
N ASN A 245 17.91 -47.15 1.64
CA ASN A 245 16.96 -48.24 1.33
C ASN A 245 15.62 -47.65 0.92
N ILE A 246 15.16 -46.62 1.64
CA ILE A 246 13.79 -46.07 1.49
C ILE A 246 13.73 -45.18 0.25
N TYR A 247 14.62 -44.23 0.09
CA TYR A 247 14.54 -43.23 -1.01
C TYR A 247 15.00 -43.85 -2.34
N ALA A 248 16.19 -44.46 -2.38
CA ALA A 248 16.90 -44.85 -3.62
C ALA A 248 17.00 -46.37 -3.75
N ASN A 249 16.32 -47.13 -2.89
CA ASN A 249 16.43 -48.61 -2.82
C ASN A 249 17.92 -49.01 -2.90
N ASP A 250 18.79 -48.28 -2.19
CA ASP A 250 20.27 -48.46 -2.22
C ASP A 250 20.79 -48.60 -0.79
N PRO A 251 21.20 -49.82 -0.36
CA PRO A 251 21.64 -50.04 1.01
C PRO A 251 22.99 -49.38 1.35
N ASP A 252 23.71 -48.85 0.37
CA ASP A 252 25.01 -48.15 0.57
C ASP A 252 24.81 -46.64 0.74
N ALA A 253 23.58 -46.14 0.81
CA ALA A 253 23.28 -44.68 0.91
C ALA A 253 22.55 -44.35 2.23
N ASN A 254 22.61 -45.24 3.22
CA ASN A 254 22.04 -45.03 4.58
C ASN A 254 23.01 -44.16 5.42
N PHE A 255 22.47 -43.22 6.19
CA PHE A 255 23.18 -42.57 7.31
C PHE A 255 23.51 -43.64 8.36
N ASP A 256 24.72 -43.61 8.93
CA ASP A 256 25.24 -44.64 9.87
C ASP A 256 24.97 -44.23 11.31
N SER A 257 24.88 -42.94 11.58
CA SER A 257 24.87 -42.36 12.95
C SER A 257 23.98 -41.11 13.00
N ILE A 258 23.72 -40.60 14.20
CA ILE A 258 22.91 -39.37 14.39
C ILE A 258 23.63 -38.39 15.33
N ARG A 259 23.31 -37.11 15.17
CA ARG A 259 23.55 -36.03 16.15
C ARG A 259 22.20 -35.62 16.75
N VAL A 260 22.05 -35.66 18.08
CA VAL A 260 20.83 -35.18 18.77
C VAL A 260 20.99 -33.68 19.00
N ASP A 261 20.28 -32.88 18.20
CA ASP A 261 20.30 -31.40 18.25
C ASP A 261 19.48 -30.92 19.46
N ALA A 262 19.98 -29.91 20.17
CA ALA A 262 19.21 -29.11 21.16
C ALA A 262 18.64 -30.01 22.26
N VAL A 263 19.47 -30.89 22.81
CA VAL A 263 19.08 -31.85 23.89
C VAL A 263 18.45 -31.09 25.07
N ASP A 264 18.99 -29.94 25.45
CA ASP A 264 18.55 -29.19 26.66
C ASP A 264 17.24 -28.45 26.38
N ASN A 265 16.67 -28.54 25.17
CA ASN A 265 15.41 -27.82 24.84
C ASN A 265 14.29 -28.80 24.49
N VAL A 266 14.50 -30.11 24.70
CA VAL A 266 13.48 -31.15 24.37
C VAL A 266 13.33 -32.10 25.56
N ASP A 267 12.22 -32.83 25.58
CA ASP A 267 11.96 -33.90 26.56
C ASP A 267 13.03 -34.99 26.37
N ALA A 268 13.78 -35.28 27.44
CA ALA A 268 14.96 -36.18 27.44
C ALA A 268 14.53 -37.64 27.23
N ASP A 269 13.23 -37.94 27.21
CA ASP A 269 12.71 -39.29 26.82
C ASP A 269 13.28 -39.65 25.45
N LEU A 270 13.51 -38.67 24.58
CA LEU A 270 14.07 -38.91 23.23
C LEU A 270 15.47 -39.54 23.35
N LEU A 271 16.15 -39.39 24.49
CA LEU A 271 17.51 -39.95 24.68
C LEU A 271 17.42 -41.46 24.91
N GLN A 272 16.46 -41.91 25.71
CA GLN A 272 16.20 -43.36 25.90
C GLN A 272 15.68 -43.96 24.59
N ILE A 273 14.83 -43.22 23.87
CA ILE A 273 14.19 -43.68 22.61
C ILE A 273 15.29 -43.91 21.57
N ALA A 274 16.21 -42.97 21.41
CA ALA A 274 17.30 -43.06 20.41
C ALA A 274 18.29 -44.13 20.85
N GLY A 275 18.65 -44.17 22.13
CA GLY A 275 19.61 -45.15 22.68
C GLY A 275 19.07 -46.56 22.53
N ASP A 276 17.82 -46.77 22.94
CA ASP A 276 17.11 -48.06 22.75
C ASP A 276 17.13 -48.44 21.27
N TYR A 277 16.91 -47.50 20.36
CA TYR A 277 16.85 -47.78 18.91
C TYR A 277 18.21 -48.26 18.43
N LEU A 278 19.27 -47.53 18.74
CA LEU A 278 20.67 -47.89 18.37
C LEU A 278 21.01 -49.28 18.93
N LYS A 279 20.57 -49.60 20.15
CA LYS A 279 20.85 -50.90 20.79
C LYS A 279 20.08 -52.00 20.06
N ALA A 280 18.78 -51.81 19.82
CA ALA A 280 17.88 -52.82 19.22
C ALA A 280 18.23 -53.01 17.74
N ALA A 281 18.34 -51.93 16.99
CA ALA A 281 18.51 -51.96 15.52
C ALA A 281 19.96 -52.24 15.16
N LYS A 282 20.93 -51.64 15.85
CA LYS A 282 22.35 -51.70 15.44
C LYS A 282 23.21 -52.57 16.38
N GLY A 283 22.69 -52.96 17.55
CA GLY A 283 23.42 -53.81 18.53
C GLY A 283 24.71 -53.17 19.05
N ILE A 284 24.71 -51.85 19.25
CA ILE A 284 25.92 -51.09 19.71
C ILE A 284 26.37 -51.54 21.11
N HIS A 285 25.48 -52.18 21.89
N HIS A 285 25.47 -52.18 21.90
CA HIS A 285 25.75 -52.62 23.29
CA HIS A 285 25.74 -52.63 23.29
C HIS A 285 26.52 -53.95 23.31
C HIS A 285 26.53 -53.94 23.31
N LYS A 286 26.62 -54.64 22.17
CA LYS A 286 27.22 -56.00 22.11
C LYS A 286 28.74 -55.90 22.13
N ASN A 287 29.30 -55.03 21.30
CA ASN A 287 30.78 -54.89 21.13
C ASN A 287 31.11 -53.53 20.50
N ASP A 288 32.38 -53.18 20.51
CA ASP A 288 32.90 -51.86 20.06
C ASP A 288 32.79 -51.76 18.54
N LYS A 289 32.85 -52.88 17.82
CA LYS A 289 32.74 -52.85 16.34
C LYS A 289 31.40 -52.23 15.96
N ALA A 290 30.32 -52.74 16.53
CA ALA A 290 28.94 -52.25 16.30
C ALA A 290 28.85 -50.79 16.74
N ALA A 291 29.27 -50.48 17.97
CA ALA A 291 29.18 -49.12 18.55
C ALA A 291 29.89 -48.11 17.65
N ASN A 292 31.12 -48.42 17.26
CA ASN A 292 32.01 -47.49 16.51
C ASN A 292 31.53 -47.36 15.06
N ASP A 293 30.74 -48.31 14.56
CA ASP A 293 30.12 -48.24 13.21
C ASP A 293 28.89 -47.32 13.21
N HIS A 294 28.37 -46.91 14.38
CA HIS A 294 27.17 -46.05 14.52
C HIS A 294 27.39 -45.02 15.63
N LEU A 295 28.57 -44.39 15.67
CA LEU A 295 28.99 -43.48 16.75
C LEU A 295 28.15 -42.20 16.66
N SER A 296 27.24 -42.01 17.62
CA SER A 296 26.24 -40.91 17.65
C SER A 296 26.54 -39.97 18.80
N ILE A 297 26.26 -38.68 18.62
CA ILE A 297 26.70 -37.59 19.53
C ILE A 297 25.50 -36.76 19.98
N LEU A 298 25.62 -36.10 21.12
CA LEU A 298 24.69 -35.03 21.59
C LEU A 298 25.38 -33.68 21.43
N GLU A 299 24.59 -32.62 21.24
CA GLU A 299 24.95 -31.23 21.60
C GLU A 299 24.20 -30.85 22.88
N ALA A 300 24.79 -31.13 24.05
CA ALA A 300 24.15 -31.02 25.38
C ALA A 300 25.04 -30.17 26.30
N TRP A 301 24.63 -28.90 26.50
CA TRP A 301 25.45 -27.81 27.10
C TRP A 301 25.53 -27.93 28.62
N SER A 302 24.48 -28.37 29.31
CA SER A 302 24.49 -28.49 30.80
C SER A 302 25.60 -29.47 31.23
N ASP A 303 26.30 -29.15 32.32
CA ASP A 303 27.44 -29.94 32.84
C ASP A 303 26.90 -31.23 33.50
N ASN A 304 25.58 -31.33 33.67
CA ASN A 304 24.88 -32.54 34.18
C ASN A 304 24.70 -33.57 33.07
N ASP A 305 24.77 -33.19 31.80
CA ASP A 305 24.31 -34.06 30.68
C ASP A 305 25.33 -35.19 30.46
N THR A 306 26.61 -34.92 30.60
CA THR A 306 27.68 -35.96 30.41
C THR A 306 27.47 -37.07 31.44
N PRO A 307 27.50 -36.79 32.77
CA PRO A 307 27.27 -37.84 33.76
C PRO A 307 25.90 -38.53 33.61
N TYR A 308 24.85 -37.78 33.24
CA TYR A 308 23.51 -38.33 32.90
C TYR A 308 23.70 -39.41 31.83
N LEU A 309 24.38 -39.05 30.75
CA LEU A 309 24.51 -39.91 29.55
C LEU A 309 25.37 -41.12 29.91
N HIS A 310 26.38 -40.93 30.77
CA HIS A 310 27.23 -42.04 31.26
C HIS A 310 26.38 -43.05 32.03
N ASP A 311 25.56 -42.60 32.99
CA ASP A 311 24.69 -43.49 33.80
C ASP A 311 23.67 -44.18 32.89
N ASP A 312 23.19 -43.50 31.86
CA ASP A 312 22.16 -44.01 30.91
C ASP A 312 22.74 -45.15 30.06
N GLY A 313 24.07 -45.30 29.97
CA GLY A 313 24.74 -46.44 29.32
C GLY A 313 25.73 -46.08 28.20
N ASP A 314 26.19 -44.82 28.09
CA ASP A 314 27.11 -44.37 27.03
C ASP A 314 26.60 -44.88 25.68
N ASN A 315 25.31 -44.71 25.41
CA ASN A 315 24.67 -45.08 24.11
C ASN A 315 25.01 -43.99 23.09
N MET A 316 25.36 -42.80 23.57
CA MET A 316 25.85 -41.68 22.72
C MET A 316 26.93 -40.95 23.51
N ILE A 317 27.70 -40.09 22.85
CA ILE A 317 28.79 -39.30 23.50
C ILE A 317 28.43 -37.82 23.43
N ASN A 318 28.80 -37.06 24.46
CA ASN A 318 28.63 -35.59 24.54
C ASN A 318 29.96 -34.90 24.21
N MET A 319 29.90 -33.59 23.96
CA MET A 319 31.09 -32.71 23.89
C MET A 319 31.78 -32.70 25.27
N ASP A 320 33.10 -32.48 25.28
CA ASP A 320 33.86 -32.08 26.49
C ASP A 320 33.85 -30.55 26.53
N ASN A 321 32.88 -29.97 27.23
CA ASN A 321 32.66 -28.50 27.25
C ASN A 321 33.78 -27.85 28.05
N LYS A 322 34.26 -28.50 29.11
CA LYS A 322 35.37 -27.96 29.95
C LYS A 322 36.62 -27.78 29.07
N LEU A 323 37.01 -28.78 28.29
CA LEU A 323 38.23 -28.68 27.46
C LEU A 323 38.03 -27.58 26.40
N ARG A 324 36.82 -27.45 25.86
CA ARG A 324 36.48 -26.38 24.88
C ARG A 324 36.76 -25.02 25.51
N LEU A 325 36.21 -24.78 26.70
CA LEU A 325 36.38 -23.50 27.45
C LEU A 325 37.86 -23.31 27.81
N SER A 326 38.58 -24.38 28.17
CA SER A 326 40.02 -24.34 28.52
C SER A 326 40.82 -23.86 27.31
N LEU A 327 40.60 -24.48 26.15
CA LEU A 327 41.25 -24.07 24.88
C LEU A 327 40.88 -22.61 24.56
N LEU A 328 39.58 -22.28 24.57
CA LEU A 328 39.07 -20.94 24.19
C LEU A 328 39.78 -19.87 25.03
N PHE A 329 39.86 -20.06 26.35
CA PHE A 329 40.33 -19.01 27.30
C PHE A 329 41.87 -19.05 27.43
N SER A 330 42.52 -20.18 27.20
CA SER A 330 44.00 -20.31 27.33
C SER A 330 44.69 -19.89 26.04
N LEU A 331 44.05 -20.11 24.89
CA LEU A 331 44.73 -19.96 23.56
C LEU A 331 44.05 -18.92 22.67
N ALA A 332 42.72 -18.92 22.57
CA ALA A 332 41.99 -18.25 21.47
C ALA A 332 41.63 -16.80 21.82
N LYS A 333 41.40 -16.49 23.10
CA LYS A 333 40.99 -15.13 23.55
C LYS A 333 42.11 -14.12 23.28
N PRO A 334 41.78 -12.81 23.22
CA PRO A 334 42.80 -11.75 23.20
C PRO A 334 43.78 -11.83 24.38
N LEU A 335 44.98 -11.27 24.20
CA LEU A 335 46.17 -11.50 25.06
C LEU A 335 45.89 -11.10 26.52
N ASN A 336 45.04 -10.10 26.76
CA ASN A 336 44.82 -9.54 28.12
C ASN A 336 43.62 -10.24 28.79
N GLN A 337 42.86 -11.05 28.04
CA GLN A 337 41.70 -11.84 28.55
C GLN A 337 42.07 -13.32 28.69
N ARG A 338 43.32 -13.66 28.42
CA ARG A 338 43.81 -15.05 28.30
C ARG A 338 44.14 -15.56 29.70
N SER A 339 43.69 -16.77 30.02
CA SER A 339 43.94 -17.47 31.30
C SER A 339 45.35 -18.07 31.31
N GLY A 340 45.77 -18.59 32.46
CA GLY A 340 46.93 -19.50 32.54
C GLY A 340 46.71 -20.73 31.68
N MET A 341 47.75 -21.55 31.48
CA MET A 341 47.72 -22.68 30.53
C MET A 341 47.25 -23.98 31.23
N ASN A 342 47.37 -24.08 32.55
CA ASN A 342 47.18 -25.37 33.28
C ASN A 342 45.79 -25.95 33.04
N PRO A 343 44.72 -25.15 32.81
CA PRO A 343 43.41 -25.72 32.46
C PRO A 343 43.46 -26.71 31.28
N LEU A 344 44.38 -26.49 30.33
CA LEU A 344 44.53 -27.35 29.12
C LEU A 344 44.81 -28.79 29.55
N ILE A 345 45.42 -28.96 30.73
CA ILE A 345 45.78 -30.27 31.32
C ILE A 345 44.60 -30.78 32.14
N THR A 346 44.06 -29.97 33.05
CA THR A 346 43.22 -30.45 34.18
C THR A 346 41.73 -30.10 34.00
N ASN A 347 41.38 -29.02 33.31
CA ASN A 347 39.95 -28.60 33.15
C ASN A 347 39.38 -29.28 31.90
N SER A 348 38.93 -30.52 32.08
CA SER A 348 38.51 -31.46 31.02
C SER A 348 37.80 -32.64 31.68
N LEU A 349 37.03 -33.44 30.93
CA LEU A 349 36.50 -34.73 31.44
C LEU A 349 37.67 -35.63 31.86
N VAL A 350 38.84 -35.46 31.26
CA VAL A 350 40.02 -36.31 31.53
C VAL A 350 41.19 -35.43 31.95
N ASN A 351 41.76 -35.72 33.11
CA ASN A 351 42.99 -35.05 33.59
C ASN A 351 44.16 -35.71 32.85
N ARG A 352 44.83 -34.96 31.98
CA ARG A 352 45.84 -35.51 31.02
C ARG A 352 47.25 -35.32 31.57
N THR A 353 47.40 -35.05 32.87
CA THR A 353 48.71 -35.02 33.57
C THR A 353 49.46 -36.34 33.29
N ASP A 354 48.81 -37.47 33.57
CA ASP A 354 49.32 -38.82 33.23
C ASP A 354 48.11 -39.70 32.87
N ASP A 355 47.76 -39.74 31.59
CA ASP A 355 46.64 -40.56 31.05
C ASP A 355 47.24 -41.86 30.53
N ASN A 356 47.15 -42.92 31.33
CA ASN A 356 47.78 -44.24 31.03
C ASN A 356 46.70 -45.32 30.94
N ALA A 357 45.43 -44.92 30.85
CA ALA A 357 44.26 -45.83 30.94
C ALA A 357 44.07 -46.53 29.59
N GLU A 358 43.84 -47.85 29.61
CA GLU A 358 43.47 -48.61 28.40
C GLU A 358 42.13 -48.05 27.88
N THR A 359 41.20 -47.78 28.80
CA THR A 359 39.86 -47.19 28.51
C THR A 359 39.65 -46.01 29.46
N ALA A 360 39.35 -44.82 28.93
CA ALA A 360 39.05 -43.64 29.76
C ALA A 360 37.70 -43.87 30.47
N ALA A 361 37.47 -43.19 31.60
CA ALA A 361 36.25 -43.34 32.42
C ALA A 361 35.01 -43.01 31.57
N VAL A 362 35.06 -41.90 30.82
CA VAL A 362 33.90 -41.38 30.05
C VAL A 362 34.36 -41.09 28.62
N PRO A 363 33.57 -41.50 27.61
CA PRO A 363 33.87 -41.11 26.23
C PRO A 363 33.33 -39.71 25.94
N SER A 364 33.93 -39.01 24.97
CA SER A 364 33.58 -37.63 24.58
C SER A 364 34.14 -37.30 23.19
N TYR A 365 33.63 -36.23 22.58
CA TYR A 365 34.28 -35.54 21.45
C TYR A 365 34.69 -34.14 21.91
N SER A 366 35.78 -33.64 21.32
CA SER A 366 36.47 -32.37 21.64
C SER A 366 36.49 -31.47 20.41
N PHE A 367 36.28 -30.17 20.60
CA PHE A 367 36.37 -29.14 19.52
C PHE A 367 36.70 -27.77 20.12
N ILE A 368 37.19 -26.88 19.27
CA ILE A 368 37.44 -25.45 19.62
C ILE A 368 36.36 -24.58 18.99
N ARG A 369 35.94 -24.88 17.75
CA ARG A 369 34.80 -24.22 17.08
C ARG A 369 33.90 -25.26 16.42
N ALA A 370 32.67 -24.84 16.11
CA ALA A 370 31.67 -25.60 15.33
C ALA A 370 30.82 -24.61 14.53
N HIS A 371 29.87 -25.11 13.74
CA HIS A 371 29.03 -24.30 12.84
C HIS A 371 28.36 -23.19 13.65
N ASP A 372 27.95 -23.47 14.89
CA ASP A 372 27.23 -22.50 15.78
C ASP A 372 28.20 -21.89 16.81
N SER A 373 29.14 -22.66 17.35
CA SER A 373 30.01 -22.25 18.48
C SER A 373 31.23 -21.44 17.99
N GLU A 374 31.34 -20.18 18.42
CA GLU A 374 32.46 -19.24 18.11
C GLU A 374 32.49 -18.93 16.60
N VAL A 375 31.33 -18.83 15.97
CA VAL A 375 31.21 -18.28 14.58
C VAL A 375 30.14 -17.18 14.59
N GLN A 376 28.87 -17.55 14.69
CA GLN A 376 27.75 -16.57 14.71
C GLN A 376 27.89 -15.64 15.92
N ASP A 377 28.49 -16.11 17.02
CA ASP A 377 28.80 -15.29 18.22
C ASP A 377 29.75 -14.15 17.81
N LEU A 378 30.72 -14.42 16.92
CA LEU A 378 31.75 -13.43 16.51
C LEU A 378 31.13 -12.44 15.53
N ILE A 379 30.31 -12.93 14.60
CA ILE A 379 29.53 -12.08 13.64
C ILE A 379 28.63 -11.12 14.43
N ARG A 380 27.95 -11.61 15.49
CA ARG A 380 27.09 -10.78 16.38
C ARG A 380 27.92 -9.69 17.06
N ASP A 381 29.07 -10.06 17.62
CA ASP A 381 30.05 -9.11 18.24
C ASP A 381 30.40 -8.01 17.24
N ILE A 382 30.67 -8.37 15.97
CA ILE A 382 31.06 -7.42 14.89
C ILE A 382 29.87 -6.52 14.56
N ILE A 383 28.69 -7.10 14.37
CA ILE A 383 27.45 -6.33 14.04
C ILE A 383 27.13 -5.37 15.19
N LYS A 384 27.02 -5.88 16.42
CA LYS A 384 26.65 -5.09 17.62
C LYS A 384 27.67 -3.95 17.83
N ALA A 385 28.92 -4.13 17.38
CA ALA A 385 30.00 -3.12 17.48
C ALA A 385 29.87 -2.07 16.37
N GLU A 386 30.14 -2.44 15.11
CA GLU A 386 30.40 -1.49 13.99
C GLU A 386 29.18 -1.27 13.08
N ILE A 387 28.02 -1.87 13.35
CA ILE A 387 26.75 -1.59 12.59
C ILE A 387 25.59 -1.33 13.56
N ASN A 388 24.90 -2.36 14.03
CA ASN A 388 23.63 -2.11 14.73
C ASN A 388 23.68 -2.71 16.12
N PRO A 389 23.70 -1.87 17.17
CA PRO A 389 23.73 -2.32 18.55
C PRO A 389 22.42 -2.93 19.05
N ASN A 390 21.32 -2.75 18.32
CA ASN A 390 20.01 -3.28 18.75
C ASN A 390 19.70 -4.62 18.07
N VAL A 391 20.70 -5.31 17.51
CA VAL A 391 20.45 -6.69 16.99
C VAL A 391 19.80 -7.55 18.08
N VAL A 392 18.72 -8.26 17.72
CA VAL A 392 18.01 -9.25 18.58
C VAL A 392 18.67 -10.62 18.37
N GLY A 393 19.24 -11.20 19.43
CA GLY A 393 19.90 -12.52 19.41
C GLY A 393 20.72 -12.73 18.15
N TYR A 394 20.39 -13.74 17.35
CA TYR A 394 21.10 -14.09 16.10
C TYR A 394 20.19 -13.84 14.90
N SER A 395 19.15 -13.02 15.07
CA SER A 395 18.17 -12.64 14.01
C SER A 395 18.77 -11.54 13.14
N PHE A 396 19.87 -11.83 12.44
CA PHE A 396 20.58 -10.92 11.52
C PHE A 396 19.81 -10.82 10.22
N THR A 397 20.02 -9.74 9.46
CA THR A 397 19.62 -9.62 8.03
C THR A 397 20.83 -10.01 7.18
N MET A 398 20.62 -10.48 5.95
CA MET A 398 21.73 -10.92 5.07
C MET A 398 22.72 -9.80 4.77
N GLU A 399 22.25 -8.56 4.81
CA GLU A 399 23.07 -7.38 4.47
C GLU A 399 24.06 -7.13 5.62
N GLU A 400 23.55 -7.21 6.85
CA GLU A 400 24.34 -7.14 8.11
C GLU A 400 25.46 -8.19 8.06
N ILE A 401 25.11 -9.42 7.65
CA ILE A 401 26.03 -10.59 7.55
C ILE A 401 27.13 -10.30 6.52
N LYS A 402 26.74 -9.88 5.32
CA LYS A 402 27.69 -9.72 4.19
C LYS A 402 28.75 -8.69 4.60
N LYS A 403 28.35 -7.62 5.30
CA LYS A 403 29.27 -6.50 5.61
C LYS A 403 30.11 -6.86 6.85
N ALA A 404 29.52 -7.55 7.83
CA ALA A 404 30.24 -8.11 9.00
C ALA A 404 31.41 -8.99 8.54
N PHE A 405 31.21 -9.78 7.49
CA PHE A 405 32.21 -10.74 6.95
C PHE A 405 33.41 -10.02 6.32
N GLU A 406 33.27 -8.75 5.89
CA GLU A 406 34.42 -7.97 5.36
C GLU A 406 35.40 -7.67 6.50
N ILE A 407 34.85 -7.30 7.66
CA ILE A 407 35.60 -7.02 8.92
C ILE A 407 36.22 -8.33 9.42
N TYR A 408 35.39 -9.36 9.58
CA TYR A 408 35.76 -10.73 10.00
C TYR A 408 36.96 -11.22 9.17
N ASN A 409 36.83 -11.21 7.83
CA ASN A 409 37.78 -11.87 6.90
C ASN A 409 39.13 -11.14 6.96
N LYS A 410 39.11 -9.83 7.21
CA LYS A 410 40.35 -9.01 7.32
C LYS A 410 41.00 -9.29 8.68
N ASP A 411 40.19 -9.35 9.75
CA ASP A 411 40.65 -9.67 11.12
C ASP A 411 41.36 -11.03 11.14
N LEU A 412 40.87 -12.02 10.40
CA LEU A 412 41.48 -13.38 10.32
C LEU A 412 42.97 -13.26 10.03
N LEU A 413 43.39 -12.32 9.16
CA LEU A 413 44.78 -12.22 8.65
C LEU A 413 45.61 -11.24 9.47
N ALA A 414 45.00 -10.51 10.41
CA ALA A 414 45.71 -9.59 11.33
C ALA A 414 46.51 -10.37 12.36
N THR A 415 47.66 -9.84 12.78
CA THR A 415 48.42 -10.28 13.98
C THR A 415 47.65 -9.87 15.24
N GLU A 416 47.22 -8.61 15.34
CA GLU A 416 46.32 -8.12 16.42
C GLU A 416 44.87 -8.33 15.95
N LYS A 417 44.24 -9.40 16.42
CA LYS A 417 42.83 -9.74 16.10
C LYS A 417 41.94 -9.07 17.15
N LYS A 418 40.86 -8.42 16.72
CA LYS A 418 39.90 -7.74 17.63
C LYS A 418 38.65 -8.62 17.82
N TYR A 419 38.36 -9.55 16.91
CA TYR A 419 37.10 -10.33 16.90
C TYR A 419 37.34 -11.84 16.82
N THR A 420 38.32 -12.30 16.04
CA THR A 420 38.51 -13.72 15.65
C THR A 420 39.56 -14.40 16.54
N HIS A 421 39.61 -15.74 16.50
CA HIS A 421 40.42 -16.58 17.42
C HIS A 421 41.92 -16.45 17.13
N TYR A 422 42.73 -16.29 18.17
CA TYR A 422 44.20 -16.50 18.13
C TYR A 422 44.50 -18.00 18.26
N ASN A 423 45.68 -18.41 17.78
CA ASN A 423 46.36 -19.68 18.15
C ASN A 423 45.52 -20.91 17.69
N THR A 424 44.78 -20.80 16.59
CA THR A 424 43.97 -21.91 16.05
C THR A 424 44.84 -23.17 15.95
N ALA A 425 46.07 -23.04 15.44
CA ALA A 425 46.99 -24.17 15.22
C ALA A 425 47.42 -24.79 16.57
N LEU A 426 47.58 -23.96 17.61
CA LEU A 426 47.93 -24.46 18.97
C LEU A 426 46.77 -25.31 19.48
N SER A 427 45.54 -24.85 19.27
CA SER A 427 44.31 -25.57 19.69
C SER A 427 44.26 -26.92 18.99
N TYR A 428 44.52 -26.97 17.68
CA TYR A 428 44.41 -28.20 16.86
C TYR A 428 45.57 -29.16 17.18
N ALA A 429 46.74 -28.65 17.54
CA ALA A 429 47.89 -29.47 17.95
C ALA A 429 47.52 -30.27 19.22
N LEU A 430 46.80 -29.66 20.17
CA LEU A 430 46.31 -30.36 21.39
C LEU A 430 45.12 -31.26 21.02
N LEU A 431 44.14 -30.76 20.27
CA LEU A 431 42.93 -31.56 19.92
C LEU A 431 43.33 -32.86 19.22
N LEU A 432 44.33 -32.82 18.34
CA LEU A 432 44.68 -33.94 17.44
C LEU A 432 45.82 -34.81 18.00
N THR A 433 46.39 -34.47 19.16
CA THR A 433 47.39 -35.34 19.88
C THR A 433 46.87 -35.79 21.24
N ASN A 434 45.81 -35.19 21.77
CA ASN A 434 45.21 -35.59 23.06
C ASN A 434 44.71 -37.04 22.98
N LYS A 435 44.90 -37.76 24.09
CA LYS A 435 44.34 -39.11 24.31
C LYS A 435 42.92 -38.94 24.87
N SER A 436 42.09 -39.98 24.77
CA SER A 436 40.81 -40.14 25.51
C SER A 436 39.75 -39.14 25.04
N SER A 437 39.79 -38.71 23.78
CA SER A 437 38.67 -37.97 23.16
C SER A 437 38.74 -38.11 21.64
N VAL A 438 37.57 -38.10 21.01
CA VAL A 438 37.42 -38.05 19.53
C VAL A 438 37.50 -36.60 19.14
N PRO A 439 38.57 -36.16 18.43
CA PRO A 439 38.65 -34.77 17.98
C PRO A 439 37.59 -34.56 16.89
N ARG A 440 36.92 -33.41 16.90
CA ARG A 440 36.05 -32.99 15.78
C ARG A 440 36.64 -31.71 15.17
N VAL A 441 37.13 -31.84 13.93
CA VAL A 441 37.66 -30.70 13.12
C VAL A 441 36.48 -29.92 12.53
N TYR A 442 36.47 -28.60 12.71
CA TYR A 442 35.45 -27.69 12.12
C TYR A 442 35.87 -27.31 10.70
N TYR A 443 34.95 -27.47 9.74
CA TYR A 443 35.14 -27.10 8.31
C TYR A 443 35.77 -25.70 8.22
N GLY A 444 35.20 -24.75 8.96
CA GLY A 444 35.53 -23.31 8.88
C GLY A 444 36.89 -22.97 9.44
N ASP A 445 37.63 -23.95 9.97
CA ASP A 445 39.02 -23.75 10.46
C ASP A 445 40.02 -24.16 9.38
N MET A 446 39.61 -24.97 8.41
CA MET A 446 40.45 -25.42 7.27
C MET A 446 40.08 -24.64 5.99
N PHE A 447 38.81 -24.27 5.83
CA PHE A 447 38.28 -23.48 4.69
C PHE A 447 37.57 -22.25 5.24
N THR A 448 37.42 -21.22 4.41
CA THR A 448 36.74 -19.94 4.76
C THR A 448 35.31 -20.25 5.25
N ASP A 449 34.88 -19.60 6.31
CA ASP A 449 33.51 -19.75 6.87
C ASP A 449 32.48 -19.31 5.81
N ASP A 450 32.86 -18.34 4.99
CA ASP A 450 32.02 -17.85 3.85
C ASP A 450 32.63 -18.40 2.56
N GLY A 451 31.94 -18.18 1.44
CA GLY A 451 32.41 -18.61 0.12
C GLY A 451 31.92 -20.02 -0.19
N GLN A 452 32.29 -20.50 -1.38
CA GLN A 452 31.83 -21.78 -1.94
C GLN A 452 32.58 -22.90 -1.21
N TYR A 453 31.98 -24.08 -1.20
CA TYR A 453 32.45 -25.23 -0.39
C TYR A 453 33.83 -25.66 -0.88
N MET A 454 34.81 -25.60 0.02
CA MET A 454 36.21 -26.09 -0.13
C MET A 454 36.94 -25.27 -1.20
N ALA A 455 36.46 -24.06 -1.49
CA ALA A 455 37.01 -23.17 -2.55
C ALA A 455 38.27 -22.44 -2.07
N HIS A 456 38.29 -21.96 -0.82
CA HIS A 456 39.39 -21.14 -0.26
C HIS A 456 39.88 -21.74 1.07
N LYS A 457 41.16 -22.06 1.13
CA LYS A 457 41.85 -22.57 2.35
C LYS A 457 42.12 -21.39 3.29
N THR A 458 41.99 -21.60 4.60
CA THR A 458 42.44 -20.63 5.64
C THR A 458 43.96 -20.68 5.69
N ILE A 459 44.56 -19.74 6.41
CA ILE A 459 46.04 -19.67 6.59
C ILE A 459 46.50 -20.86 7.45
N ASN A 460 45.59 -21.54 8.13
CA ASN A 460 45.88 -22.66 9.07
C ASN A 460 45.67 -24.02 8.40
N TYR A 461 45.13 -24.05 7.18
CA TYR A 461 44.84 -25.31 6.44
C TYR A 461 46.06 -26.24 6.51
N GLU A 462 47.26 -25.73 6.19
CA GLU A 462 48.48 -26.56 6.04
C GLU A 462 48.81 -27.20 7.39
N ALA A 463 48.85 -26.40 8.47
CA ALA A 463 49.15 -26.86 9.85
C ALA A 463 48.17 -27.98 10.22
N ILE A 464 46.88 -27.75 10.01
CA ILE A 464 45.84 -28.72 10.40
C ILE A 464 46.00 -29.99 9.56
N GLU A 465 46.14 -29.87 8.24
CA GLU A 465 46.32 -31.02 7.32
C GLU A 465 47.55 -31.84 7.77
N THR A 466 48.66 -31.17 8.06
CA THR A 466 49.92 -31.83 8.53
C THR A 466 49.65 -32.62 9.82
N LEU A 467 48.98 -32.01 10.81
CA LEU A 467 48.62 -32.67 12.10
C LEU A 467 47.73 -33.88 11.85
N LEU A 468 46.75 -33.77 10.96
CA LEU A 468 45.79 -34.88 10.68
C LEU A 468 46.55 -36.08 10.10
N LYS A 469 47.48 -35.87 9.18
CA LYS A 469 48.27 -36.96 8.55
C LYS A 469 49.24 -37.54 9.59
N ALA A 470 49.87 -36.68 10.38
CA ALA A 470 50.78 -37.03 11.49
C ALA A 470 50.00 -37.87 12.51
N ARG A 471 48.73 -37.55 12.76
CA ARG A 471 47.92 -38.26 13.79
C ARG A 471 47.82 -39.72 13.39
N ILE A 472 47.48 -39.99 12.13
CA ILE A 472 47.40 -41.37 11.56
C ILE A 472 48.73 -42.09 11.84
N LYS A 473 49.86 -41.41 11.63
CA LYS A 473 51.20 -42.03 11.57
C LYS A 473 51.82 -42.19 12.96
N TYR A 474 51.65 -41.20 13.86
CA TYR A 474 52.48 -41.06 15.08
C TYR A 474 51.67 -41.13 16.38
N VAL A 475 50.38 -40.76 16.39
CA VAL A 475 49.64 -40.47 17.65
C VAL A 475 49.02 -41.76 18.21
N SER A 476 49.65 -42.30 19.25
CA SER A 476 49.22 -43.54 19.93
C SER A 476 49.92 -43.64 21.28
N GLY A 477 49.36 -44.44 22.18
CA GLY A 477 49.97 -44.73 23.49
C GLY A 477 49.51 -43.76 24.56
N GLY A 478 50.09 -43.89 25.74
CA GLY A 478 49.75 -43.05 26.91
C GLY A 478 50.11 -41.61 26.65
N GLN A 479 49.62 -40.71 27.51
CA GLN A 479 49.84 -39.26 27.41
C GLN A 479 50.40 -38.74 28.73
N ALA A 480 51.29 -37.75 28.62
CA ALA A 480 51.79 -36.93 29.74
C ALA A 480 51.73 -35.46 29.30
N MET A 481 51.15 -34.62 30.14
CA MET A 481 51.19 -33.15 29.96
C MET A 481 51.91 -32.56 31.19
N ARG A 482 52.78 -31.58 30.95
CA ARG A 482 53.53 -30.85 32.01
C ARG A 482 53.33 -29.36 31.78
N ASN A 483 53.26 -28.62 32.88
CA ASN A 483 53.16 -27.15 32.87
C ASN A 483 54.40 -26.64 33.61
N GLN A 484 55.35 -26.07 32.87
CA GLN A 484 56.62 -25.55 33.44
C GLN A 484 56.59 -24.01 33.45
N GLN A 485 56.88 -23.41 34.61
CA GLN A 485 57.15 -21.96 34.75
C GLN A 485 58.59 -21.73 34.32
N VAL A 486 58.81 -20.92 33.27
CA VAL A 486 60.16 -20.60 32.72
C VAL A 486 60.20 -19.14 32.30
N GLY A 487 61.36 -18.50 32.53
CA GLY A 487 61.55 -17.06 32.30
C GLY A 487 60.43 -16.28 32.93
N ASN A 488 59.74 -15.46 32.13
CA ASN A 488 58.73 -14.48 32.59
C ASN A 488 57.32 -15.09 32.54
N SER A 489 57.16 -16.28 31.93
CA SER A 489 55.85 -16.86 31.54
C SER A 489 55.84 -18.38 31.80
N GLU A 490 55.15 -19.14 30.96
CA GLU A 490 54.97 -20.60 31.15
C GLU A 490 54.85 -21.30 29.79
N ILE A 491 55.13 -22.60 29.77
CA ILE A 491 54.90 -23.49 28.60
C ILE A 491 54.19 -24.74 29.09
N ILE A 492 53.49 -25.43 28.21
CA ILE A 492 53.00 -26.83 28.43
C ILE A 492 53.69 -27.73 27.39
N THR A 493 54.06 -28.94 27.81
CA THR A 493 54.48 -30.05 26.95
C THR A 493 53.35 -31.08 26.99
N SER A 494 53.06 -31.70 25.86
CA SER A 494 52.10 -32.82 25.71
C SER A 494 52.84 -33.90 24.92
N VAL A 495 52.93 -35.11 25.46
CA VAL A 495 53.67 -36.24 24.85
C VAL A 495 52.72 -37.42 24.66
N ARG A 496 52.81 -38.11 23.53
CA ARG A 496 52.26 -39.47 23.35
C ARG A 496 53.46 -40.42 23.21
N TYR A 497 53.51 -41.51 24.01
CA TYR A 497 54.71 -42.38 24.16
C TYR A 497 54.92 -43.29 22.95
N GLY A 498 53.91 -43.48 22.10
CA GLY A 498 53.98 -44.34 20.90
C GLY A 498 53.09 -45.56 21.04
N LYS A 499 52.74 -46.19 19.92
CA LYS A 499 51.83 -47.37 19.89
C LYS A 499 52.38 -48.45 20.82
N GLY A 500 51.55 -48.94 21.75
CA GLY A 500 51.88 -50.07 22.64
C GLY A 500 52.48 -49.61 23.96
N ALA A 501 52.83 -48.33 24.11
CA ALA A 501 53.41 -47.73 25.33
C ALA A 501 52.37 -46.88 26.05
N LEU A 502 51.62 -47.47 26.98
CA LEU A 502 50.61 -46.74 27.82
C LEU A 502 51.33 -45.94 28.90
N LYS A 503 52.51 -46.41 29.33
CA LYS A 503 53.26 -45.83 30.46
C LYS A 503 54.63 -45.37 29.97
N ALA A 504 55.19 -44.35 30.64
CA ALA A 504 56.51 -43.75 30.36
C ALA A 504 57.63 -44.81 30.45
N THR A 505 57.43 -45.88 31.21
CA THR A 505 58.48 -46.93 31.44
C THR A 505 58.40 -48.06 30.40
N ASP A 506 57.33 -48.16 29.61
CA ASP A 506 57.19 -49.19 28.53
C ASP A 506 58.27 -48.93 27.47
N THR A 507 59.11 -49.93 27.18
CA THR A 507 60.27 -49.83 26.26
C THR A 507 59.83 -50.12 24.82
N GLY A 508 58.63 -50.69 24.63
CA GLY A 508 57.98 -50.76 23.32
C GLY A 508 58.63 -51.75 22.38
N ASP A 509 58.04 -51.93 21.19
CA ASP A 509 58.61 -52.70 20.05
C ASP A 509 59.08 -51.69 18.99
N ARG A 510 59.29 -52.14 17.75
CA ARG A 510 59.84 -51.31 16.64
C ARG A 510 58.87 -50.18 16.31
N THR A 511 57.56 -50.45 16.30
CA THR A 511 56.51 -49.47 15.94
C THR A 511 56.40 -48.39 17.03
N THR A 512 56.61 -48.73 18.30
CA THR A 512 56.64 -47.74 19.41
C THR A 512 57.76 -46.72 19.13
N ARG A 513 58.96 -47.24 18.83
CA ARG A 513 60.19 -46.44 18.57
C ARG A 513 59.90 -45.34 17.55
N THR A 514 59.19 -45.64 16.46
CA THR A 514 58.98 -44.71 15.31
C THR A 514 57.61 -44.04 15.40
N SER A 515 56.96 -44.07 16.57
CA SER A 515 55.69 -43.35 16.82
C SER A 515 55.80 -42.54 18.10
N GLY A 516 54.73 -41.86 18.48
CA GLY A 516 54.72 -40.87 19.57
C GLY A 516 54.93 -39.47 19.03
N VAL A 517 54.80 -38.46 19.88
CA VAL A 517 54.88 -37.04 19.46
C VAL A 517 55.11 -36.17 20.71
N ALA A 518 55.81 -35.05 20.54
CA ALA A 518 55.97 -33.98 21.57
C ALA A 518 55.36 -32.69 21.01
N VAL A 519 54.47 -32.06 21.77
CA VAL A 519 53.88 -30.72 21.50
C VAL A 519 54.37 -29.78 22.59
N ILE A 520 55.02 -28.67 22.21
CA ILE A 520 55.41 -27.57 23.13
C ILE A 520 54.61 -26.31 22.75
N GLU A 521 53.93 -25.70 23.71
CA GLU A 521 53.05 -24.53 23.48
C GLU A 521 53.26 -23.49 24.57
N GLY A 522 53.26 -22.21 24.17
CA GLY A 522 53.12 -21.06 25.06
C GLY A 522 52.02 -20.15 24.56
N ASN A 523 51.33 -19.43 25.45
CA ASN A 523 50.18 -18.56 25.10
C ASN A 523 50.50 -17.09 25.40
N ASN A 524 51.79 -16.73 25.49
CA ASN A 524 52.26 -15.34 25.76
C ASN A 524 53.33 -14.95 24.75
N PRO A 525 53.08 -13.95 23.87
CA PRO A 525 54.07 -13.50 22.88
C PRO A 525 55.37 -12.92 23.47
N SER A 526 55.39 -12.55 24.76
CA SER A 526 56.56 -11.94 25.43
C SER A 526 57.44 -13.03 26.07
N LEU A 527 57.03 -14.30 25.99
CA LEU A 527 57.78 -15.46 26.57
C LEU A 527 59.25 -15.35 26.17
N ARG A 528 60.15 -15.21 27.13
CA ARG A 528 61.61 -15.26 26.91
C ARG A 528 62.23 -16.15 27.97
N LEU A 529 62.95 -17.18 27.55
CA LEU A 529 63.68 -18.09 28.48
C LEU A 529 64.99 -17.42 28.88
N LYS A 530 65.39 -17.58 30.14
CA LYS A 530 66.73 -17.20 30.63
C LYS A 530 67.75 -18.16 29.99
N ALA A 531 68.98 -17.70 29.80
CA ALA A 531 70.10 -18.51 29.26
C ALA A 531 70.21 -19.85 30.00
N SER A 532 69.84 -19.90 31.29
CA SER A 532 69.97 -21.10 32.16
C SER A 532 68.73 -22.00 32.09
N ASP A 533 67.65 -21.57 31.42
CA ASP A 533 66.36 -22.30 31.39
C ASP A 533 66.47 -23.52 30.45
N ARG A 534 66.07 -24.70 30.94
CA ARG A 534 65.97 -25.95 30.15
C ARG A 534 64.51 -26.44 30.22
N VAL A 535 63.92 -26.77 29.08
CA VAL A 535 62.62 -27.50 28.99
C VAL A 535 62.95 -28.95 28.67
N VAL A 536 62.88 -29.84 29.67
CA VAL A 536 63.25 -31.28 29.56
C VAL A 536 61.98 -32.08 29.35
N VAL A 537 61.77 -32.62 28.14
CA VAL A 537 60.53 -33.33 27.73
C VAL A 537 60.80 -34.84 27.69
N ASN A 538 60.22 -35.59 28.63
CA ASN A 538 60.32 -37.07 28.71
C ASN A 538 59.47 -37.65 27.57
N MET A 539 60.13 -38.26 26.57
CA MET A 539 59.47 -38.87 25.38
C MET A 539 59.05 -40.31 25.66
N GLY A 540 59.67 -40.96 26.66
CA GLY A 540 59.31 -42.33 27.09
C GLY A 540 60.46 -43.29 26.87
N ALA A 541 60.42 -44.46 27.52
CA ALA A 541 61.55 -45.40 27.64
C ALA A 541 61.86 -46.05 26.27
N ALA A 542 60.94 -45.93 25.32
CA ALA A 542 61.08 -46.45 23.94
C ALA A 542 61.93 -45.52 23.08
N HIS A 543 62.30 -44.34 23.57
CA HIS A 543 62.90 -43.26 22.74
C HIS A 543 64.23 -42.78 23.34
N LYS A 544 65.03 -43.69 23.92
CA LYS A 544 66.41 -43.37 24.38
C LYS A 544 67.33 -43.18 23.15
N ASN A 545 68.25 -42.22 23.23
CA ASN A 545 69.28 -41.95 22.18
C ASN A 545 68.65 -42.03 20.78
N GLN A 546 67.73 -41.12 20.45
CA GLN A 546 66.91 -41.21 19.22
C GLN A 546 66.85 -39.86 18.50
N ALA A 547 66.90 -39.91 17.17
CA ALA A 547 66.77 -38.74 16.27
C ALA A 547 65.30 -38.33 16.20
N TYR A 548 65.04 -37.05 16.42
CA TYR A 548 63.70 -36.42 16.27
C TYR A 548 63.83 -35.32 15.24
N ARG A 549 62.73 -35.00 14.56
CA ARG A 549 62.68 -33.92 13.54
C ARG A 549 61.39 -33.13 13.75
N PRO A 550 61.36 -31.85 13.37
CA PRO A 550 60.15 -31.05 13.52
C PRO A 550 59.06 -31.47 12.53
N LEU A 551 57.80 -31.37 12.97
CA LEU A 551 56.58 -31.42 12.13
C LEU A 551 56.04 -29.99 11.92
N LEU A 552 55.98 -29.19 12.98
CA LEU A 552 55.59 -27.76 12.93
C LEU A 552 56.57 -26.95 13.77
N LEU A 553 56.99 -25.79 13.28
CA LEU A 553 57.79 -24.80 14.04
C LEU A 553 57.20 -23.41 13.80
N THR A 554 57.09 -22.62 14.86
CA THR A 554 56.65 -21.21 14.77
C THR A 554 57.81 -20.43 14.13
N THR A 555 57.47 -19.57 13.18
CA THR A 555 58.39 -18.62 12.51
C THR A 555 57.89 -17.19 12.77
N ASP A 556 58.66 -16.19 12.34
CA ASP A 556 58.33 -14.75 12.49
C ASP A 556 56.97 -14.45 11.85
N ASN A 557 56.63 -15.05 10.71
CA ASN A 557 55.44 -14.68 9.92
C ASN A 557 54.32 -15.71 10.04
N GLY A 558 54.58 -16.90 10.59
CA GLY A 558 53.54 -17.94 10.76
C GLY A 558 54.08 -19.25 11.30
N ILE A 559 53.73 -20.35 10.63
CA ILE A 559 54.11 -21.74 11.02
C ILE A 559 54.68 -22.45 9.80
N LYS A 560 55.89 -22.97 9.90
CA LYS A 560 56.53 -23.84 8.88
C LYS A 560 56.09 -25.29 9.17
N ALA A 561 55.49 -25.95 8.19
CA ALA A 561 55.12 -27.38 8.21
C ALA A 561 56.19 -28.22 7.49
N TYR A 562 56.46 -29.42 8.00
CA TYR A 562 57.42 -30.41 7.44
C TYR A 562 56.65 -31.69 7.09
N HIS A 563 56.59 -32.00 5.79
CA HIS A 563 55.75 -33.07 5.21
C HIS A 563 56.53 -34.39 5.11
N SER A 564 57.82 -34.41 5.47
CA SER A 564 58.70 -35.61 5.38
C SER A 564 59.90 -35.46 6.30
N ASP A 565 60.60 -36.56 6.59
CA ASP A 565 61.89 -36.55 7.34
C ASP A 565 62.90 -35.68 6.56
N GLN A 566 62.96 -35.82 5.23
CA GLN A 566 63.98 -35.16 4.37
C GLN A 566 63.79 -33.64 4.37
N GLU A 567 62.54 -33.18 4.30
CA GLU A 567 62.21 -31.73 4.33
C GLU A 567 62.76 -31.10 5.61
N ALA A 568 62.98 -31.88 6.68
CA ALA A 568 63.40 -31.39 8.01
C ALA A 568 64.85 -31.82 8.32
N ALA A 569 65.55 -32.34 7.31
CA ALA A 569 66.86 -33.04 7.43
C ALA A 569 67.88 -32.20 8.24
N GLY A 570 67.83 -30.87 8.10
CA GLY A 570 68.78 -29.94 8.73
C GLY A 570 68.47 -29.62 10.19
N LEU A 571 67.30 -30.03 10.70
CA LEU A 571 66.82 -29.58 12.04
C LEU A 571 66.71 -30.77 13.00
N VAL A 572 67.37 -31.89 12.70
CA VAL A 572 67.37 -33.11 13.57
C VAL A 572 68.01 -32.74 14.91
N ARG A 573 67.40 -33.20 16.01
CA ARG A 573 67.96 -33.17 17.38
C ARG A 573 67.75 -34.55 17.98
N TYR A 574 68.35 -34.81 19.15
CA TYR A 574 68.41 -36.15 19.75
C TYR A 574 67.90 -36.11 21.19
N THR A 575 67.23 -37.18 21.58
CA THR A 575 67.00 -37.52 23.00
C THR A 575 68.35 -37.91 23.60
N ASN A 576 68.50 -37.78 24.91
CA ASN A 576 69.65 -38.28 25.70
C ASN A 576 69.38 -39.75 26.05
N ASP A 577 70.23 -40.35 26.90
CA ASP A 577 70.14 -41.78 27.29
C ASP A 577 68.95 -42.01 28.24
N ARG A 578 68.24 -40.97 28.67
CA ARG A 578 67.04 -41.09 29.54
C ARG A 578 65.75 -40.89 28.73
N GLY A 579 65.86 -40.67 27.42
CA GLY A 579 64.69 -40.50 26.52
C GLY A 579 64.10 -39.10 26.61
N GLU A 580 64.89 -38.10 27.01
CA GLU A 580 64.46 -36.69 27.15
C GLU A 580 64.95 -35.90 25.93
N LEU A 581 64.04 -35.22 25.22
CA LEU A 581 64.36 -34.05 24.37
C LEU A 581 64.60 -32.88 25.31
N ILE A 582 65.56 -32.00 24.98
CA ILE A 582 65.91 -30.80 25.78
C ILE A 582 65.92 -29.58 24.85
N PHE A 583 65.19 -28.54 25.24
CA PHE A 583 65.04 -27.26 24.49
C PHE A 583 65.55 -26.12 25.37
N THR A 584 66.01 -25.03 24.73
CA THR A 584 66.58 -23.83 25.40
C THR A 584 66.01 -22.59 24.73
N ALA A 585 66.53 -21.41 25.10
CA ALA A 585 66.12 -20.10 24.54
C ALA A 585 66.28 -20.12 23.02
N ALA A 586 67.28 -20.86 22.51
CA ALA A 586 67.58 -20.99 21.06
C ALA A 586 66.37 -21.58 20.32
N ASP A 587 65.57 -22.43 20.98
CA ASP A 587 64.49 -23.23 20.36
C ASP A 587 63.13 -22.55 20.60
N ILE A 588 62.87 -22.15 21.85
CA ILE A 588 61.54 -21.68 22.34
C ILE A 588 61.62 -20.19 22.67
N LYS A 589 60.68 -19.41 22.12
CA LYS A 589 60.45 -17.99 22.49
C LYS A 589 59.05 -17.57 22.00
N GLY A 590 58.52 -16.49 22.56
CA GLY A 590 57.24 -15.90 22.13
C GLY A 590 57.33 -15.26 20.76
N TYR A 591 56.28 -15.44 19.96
CA TYR A 591 56.08 -14.81 18.63
C TYR A 591 54.71 -14.13 18.63
N ALA A 592 54.46 -13.29 17.62
CA ALA A 592 53.15 -12.63 17.41
C ALA A 592 52.94 -12.42 15.91
N ASN A 593 52.20 -13.32 15.28
CA ASN A 593 51.91 -13.30 13.82
C ASN A 593 50.44 -13.69 13.64
N PRO A 594 49.90 -13.70 12.40
CA PRO A 594 48.49 -14.04 12.19
C PRO A 594 48.08 -15.43 12.72
N GLN A 595 49.03 -16.35 12.86
CA GLN A 595 48.77 -17.77 13.21
C GLN A 595 49.09 -18.04 14.68
N VAL A 596 50.13 -17.42 15.23
CA VAL A 596 50.63 -17.72 16.61
C VAL A 596 50.69 -16.43 17.41
N SER A 597 50.24 -16.51 18.66
CA SER A 597 50.35 -15.50 19.74
C SER A 597 50.89 -16.24 20.97
N GLY A 598 52.20 -16.49 20.97
CA GLY A 598 52.89 -17.40 21.90
C GLY A 598 53.87 -18.27 21.15
N TYR A 599 53.82 -19.59 21.34
CA TYR A 599 54.77 -20.53 20.69
C TYR A 599 54.08 -21.87 20.39
N LEU A 600 54.41 -22.47 19.25
CA LEU A 600 54.03 -23.86 18.88
C LEU A 600 55.26 -24.55 18.29
N GLY A 601 55.62 -25.71 18.85
CA GLY A 601 56.63 -26.65 18.35
C GLY A 601 56.09 -28.05 18.45
N VAL A 602 56.16 -28.82 17.36
CA VAL A 602 55.68 -30.24 17.32
C VAL A 602 56.81 -31.07 16.72
N TRP A 603 57.25 -32.10 17.44
CA TRP A 603 58.38 -32.99 17.07
C TRP A 603 57.91 -34.45 16.99
N VAL A 604 58.38 -35.17 15.98
CA VAL A 604 58.07 -36.62 15.73
C VAL A 604 59.39 -37.36 15.60
N PRO A 605 59.44 -38.68 15.94
CA PRO A 605 60.66 -39.45 15.80
C PRO A 605 60.98 -39.60 14.31
N VAL A 606 62.27 -39.70 13.97
CA VAL A 606 62.75 -39.91 12.57
C VAL A 606 62.54 -41.39 12.22
N GLY A 607 62.13 -41.66 10.98
CA GLY A 607 62.29 -42.99 10.35
C GLY A 607 61.02 -43.82 10.34
N ALA A 608 59.86 -43.18 10.51
CA ALA A 608 58.55 -43.81 10.29
C ALA A 608 58.37 -44.10 8.80
N ALA A 609 58.08 -45.35 8.46
CA ALA A 609 57.75 -45.77 7.08
C ALA A 609 56.67 -44.83 6.52
N ALA A 610 56.67 -44.62 5.21
CA ALA A 610 55.72 -43.74 4.49
C ALA A 610 54.27 -44.14 4.82
N ASP A 611 54.02 -45.43 5.04
CA ASP A 611 52.63 -45.95 5.21
C ASP A 611 52.36 -46.33 6.68
N GLN A 612 53.21 -45.91 7.63
CA GLN A 612 53.03 -46.25 9.07
C GLN A 612 51.66 -45.73 9.51
N ASP A 613 50.84 -46.60 10.12
CA ASP A 613 49.48 -46.29 10.62
C ASP A 613 49.31 -46.97 11.99
N VAL A 614 49.35 -46.21 13.07
CA VAL A 614 49.32 -46.73 14.47
C VAL A 614 47.88 -46.84 14.97
N ARG A 615 46.89 -46.52 14.16
CA ARG A 615 45.46 -46.66 14.54
C ARG A 615 45.13 -48.15 14.71
N VAL A 616 44.04 -48.46 15.41
CA VAL A 616 43.57 -49.86 15.67
C VAL A 616 42.06 -49.90 15.48
N ALA A 617 41.55 -51.02 14.98
CA ALA A 617 40.11 -51.24 14.71
C ALA A 617 39.42 -51.72 15.99
N ALA A 618 38.14 -51.40 16.13
CA ALA A 618 37.27 -51.88 17.22
C ALA A 618 37.24 -53.40 17.20
N SER A 619 37.27 -54.02 18.37
CA SER A 619 37.24 -55.49 18.59
C SER A 619 35.79 -55.97 18.53
N THR A 620 35.56 -57.25 18.20
CA THR A 620 34.23 -57.92 18.25
C THR A 620 34.03 -58.62 19.60
N ALA A 621 35.01 -58.56 20.50
CA ALA A 621 34.92 -59.12 21.87
C ALA A 621 33.70 -58.53 22.58
N PRO A 622 32.95 -59.32 23.38
CA PRO A 622 31.75 -58.82 24.03
C PRO A 622 32.07 -57.69 25.01
N SER A 623 31.25 -56.65 25.04
CA SER A 623 31.29 -55.57 26.06
C SER A 623 30.73 -56.12 27.37
N THR A 624 31.36 -55.81 28.51
CA THR A 624 31.01 -56.42 29.83
C THR A 624 30.84 -55.37 30.94
N ASP A 625 31.03 -54.07 30.68
CA ASP A 625 30.93 -53.02 31.72
C ASP A 625 29.56 -52.30 31.68
N GLY A 626 28.62 -52.76 30.85
CA GLY A 626 27.25 -52.21 30.77
C GLY A 626 27.15 -50.93 29.95
N LYS A 627 28.23 -50.54 29.27
CA LYS A 627 28.30 -49.31 28.42
C LYS A 627 28.47 -49.71 26.96
N SER A 628 27.94 -48.91 26.04
CA SER A 628 27.99 -49.20 24.59
C SER A 628 29.31 -48.68 24.02
N VAL A 629 29.62 -47.40 24.24
CA VAL A 629 30.83 -46.74 23.69
C VAL A 629 31.94 -46.77 24.75
N HIS A 630 33.17 -47.06 24.33
CA HIS A 630 34.36 -47.14 25.21
C HIS A 630 35.48 -46.27 24.65
N GLN A 631 35.95 -45.29 25.42
CA GLN A 631 37.06 -44.42 24.99
C GLN A 631 38.40 -45.17 25.14
N ASN A 632 38.65 -46.09 24.20
CA ASN A 632 39.90 -46.91 24.16
C ASN A 632 40.69 -46.51 22.90
N ALA A 633 41.81 -47.18 22.64
CA ALA A 633 42.68 -46.91 21.46
C ALA A 633 41.85 -46.93 20.17
N ALA A 634 40.84 -47.78 20.06
CA ALA A 634 40.02 -47.89 18.82
C ALA A 634 39.19 -46.61 18.65
N LEU A 635 38.51 -46.13 19.70
CA LEU A 635 37.73 -44.88 19.62
C LEU A 635 38.67 -43.68 19.46
N ASP A 636 39.82 -43.68 20.12
CA ASP A 636 40.85 -42.62 19.99
C ASP A 636 41.35 -42.56 18.54
N SER A 637 41.29 -43.66 17.78
CA SER A 637 41.81 -43.74 16.38
C SER A 637 40.86 -43.01 15.42
N ARG A 638 39.70 -42.58 15.88
CA ARG A 638 38.65 -41.96 15.03
C ARG A 638 38.86 -40.45 14.96
N VAL A 639 38.37 -39.83 13.89
CA VAL A 639 38.35 -38.34 13.74
C VAL A 639 37.00 -37.95 13.15
N MET A 640 36.34 -37.00 13.81
CA MET A 640 35.03 -36.46 13.41
C MET A 640 35.29 -35.19 12.60
N PHE A 641 34.56 -35.00 11.50
CA PHE A 641 34.69 -33.79 10.65
C PHE A 641 33.31 -33.14 10.53
N GLU A 642 33.16 -31.92 11.03
CA GLU A 642 31.91 -31.13 10.88
C GLU A 642 31.95 -30.47 9.50
N GLY A 643 31.24 -31.04 8.54
CA GLY A 643 31.51 -30.82 7.11
C GLY A 643 30.66 -29.71 6.52
N PHE A 644 30.42 -28.64 7.29
CA PHE A 644 29.73 -27.43 6.79
C PHE A 644 30.02 -26.21 7.65
N SER A 645 29.74 -25.03 7.08
CA SER A 645 29.66 -23.72 7.75
C SER A 645 28.26 -23.16 7.54
N ASN A 646 27.70 -22.49 8.56
CA ASN A 646 26.42 -21.73 8.46
C ASN A 646 26.50 -20.74 7.30
N PHE A 647 27.65 -20.08 7.13
CA PHE A 647 27.81 -18.89 6.25
C PHE A 647 28.46 -19.29 4.91
N GLN A 648 28.48 -20.58 4.57
CA GLN A 648 28.76 -21.03 3.18
C GLN A 648 27.94 -20.15 2.24
N ALA A 649 28.54 -19.71 1.13
CA ALA A 649 27.84 -19.08 0.00
C ALA A 649 26.81 -20.07 -0.57
N PHE A 650 25.74 -19.57 -1.18
CA PHE A 650 24.80 -20.38 -2.01
C PHE A 650 25.49 -20.72 -3.32
N ALA A 651 25.32 -21.95 -3.79
CA ALA A 651 25.90 -22.48 -5.05
C ALA A 651 25.30 -21.72 -6.24
N THR A 652 26.13 -21.34 -7.22
CA THR A 652 25.70 -20.65 -8.46
C THR A 652 25.54 -21.69 -9.59
N LYS A 653 26.33 -22.76 -9.56
CA LYS A 653 26.29 -23.86 -10.56
C LYS A 653 26.37 -25.21 -9.82
N LYS A 654 26.01 -26.29 -10.51
CA LYS A 654 25.79 -27.65 -9.93
C LYS A 654 27.12 -28.18 -9.35
N GLU A 655 28.25 -27.78 -9.94
CA GLU A 655 29.61 -28.27 -9.58
C GLU A 655 30.00 -27.71 -8.21
N GLU A 656 29.32 -26.65 -7.74
CA GLU A 656 29.63 -25.94 -6.46
C GLU A 656 28.71 -26.43 -5.33
N TYR A 657 27.70 -27.25 -5.63
CA TYR A 657 26.85 -27.93 -4.61
C TYR A 657 27.76 -28.72 -3.66
N THR A 658 27.56 -28.59 -2.34
CA THR A 658 28.40 -29.16 -1.26
C THR A 658 28.50 -30.69 -1.45
N ASN A 659 27.36 -31.37 -1.57
CA ASN A 659 27.30 -32.85 -1.65
C ASN A 659 28.02 -33.32 -2.92
N VAL A 660 28.05 -32.52 -3.99
CA VAL A 660 28.77 -32.86 -5.24
C VAL A 660 30.27 -32.71 -4.98
N VAL A 661 30.67 -31.63 -4.30
CA VAL A 661 32.10 -31.37 -3.97
C VAL A 661 32.59 -32.47 -3.00
N ILE A 662 31.75 -32.89 -2.05
CA ILE A 662 32.10 -33.94 -1.04
C ILE A 662 32.45 -35.23 -1.78
N ALA A 663 31.61 -35.65 -2.73
CA ALA A 663 31.77 -36.90 -3.51
C ALA A 663 33.08 -36.83 -4.30
N LYS A 664 33.36 -35.66 -4.89
CA LYS A 664 34.58 -35.47 -5.72
C LYS A 664 35.84 -35.54 -4.85
N ASN A 665 35.80 -35.05 -3.61
CA ASN A 665 37.02 -34.81 -2.77
C ASN A 665 37.14 -35.85 -1.64
N VAL A 666 36.45 -36.98 -1.75
CA VAL A 666 36.32 -37.97 -0.65
C VAL A 666 37.70 -38.58 -0.35
N ASP A 667 38.61 -38.62 -1.33
CA ASP A 667 40.01 -39.11 -1.14
C ASP A 667 40.74 -38.24 -0.12
N LYS A 668 40.43 -36.94 -0.08
CA LYS A 668 41.08 -35.97 0.85
C LYS A 668 40.70 -36.36 2.30
N PHE A 669 39.44 -36.70 2.55
CA PHE A 669 38.91 -36.97 3.91
C PHE A 669 39.56 -38.25 4.45
N ALA A 670 39.69 -39.26 3.61
CA ALA A 670 40.32 -40.55 3.96
C ALA A 670 41.80 -40.30 4.32
N GLU A 671 42.46 -39.41 3.57
CA GLU A 671 43.88 -39.03 3.77
C GLU A 671 44.03 -38.32 5.14
N TRP A 672 43.03 -37.55 5.56
CA TRP A 672 43.01 -36.81 6.85
C TRP A 672 42.67 -37.74 8.02
N GLY A 673 42.27 -38.98 7.73
CA GLY A 673 41.86 -39.95 8.75
C GLY A 673 40.47 -39.65 9.31
N VAL A 674 39.65 -38.90 8.56
CA VAL A 674 38.22 -38.67 8.90
C VAL A 674 37.53 -40.03 8.85
N THR A 675 37.00 -40.48 9.99
CA THR A 675 36.25 -41.76 10.12
C THR A 675 34.76 -41.43 10.18
N ASP A 676 34.40 -40.24 10.66
CA ASP A 676 32.99 -39.83 10.91
C ASP A 676 32.75 -38.45 10.30
N PHE A 677 32.00 -38.42 9.20
CA PHE A 677 31.66 -37.17 8.46
C PHE A 677 30.32 -36.68 8.97
N GLU A 678 30.33 -35.60 9.75
CA GLU A 678 29.09 -34.97 10.26
C GLU A 678 28.55 -34.07 9.15
N MET A 679 27.53 -34.50 8.43
CA MET A 679 26.89 -33.68 7.37
C MET A 679 25.95 -32.67 8.05
N ALA A 680 25.79 -31.51 7.44
CA ALA A 680 24.74 -30.53 7.78
C ALA A 680 23.38 -31.21 7.78
N PRO A 681 22.39 -30.70 8.53
CA PRO A 681 21.00 -31.16 8.37
C PRO A 681 20.58 -30.97 6.89
N GLN A 682 20.03 -32.02 6.27
CA GLN A 682 19.78 -32.10 4.81
C GLN A 682 18.32 -31.72 4.49
N TYR A 683 17.57 -31.23 5.47
CA TYR A 683 16.14 -30.85 5.32
C TYR A 683 16.10 -29.58 4.46
N VAL A 684 15.13 -29.49 3.55
CA VAL A 684 14.91 -28.28 2.72
C VAL A 684 14.57 -27.15 3.68
N SER A 685 15.31 -26.05 3.57
CA SER A 685 15.21 -24.90 4.51
C SER A 685 13.94 -24.09 4.21
N SER A 686 13.29 -23.59 5.26
CA SER A 686 12.26 -22.53 5.14
C SER A 686 12.98 -21.23 4.78
N THR A 687 12.23 -20.21 4.33
CA THR A 687 12.79 -18.95 3.77
C THR A 687 12.18 -17.72 4.49
N ASP A 688 11.49 -17.94 5.61
CA ASP A 688 10.82 -16.88 6.42
C ASP A 688 11.82 -15.82 6.92
N GLY A 689 13.09 -16.18 7.11
CA GLY A 689 14.15 -15.25 7.58
C GLY A 689 13.94 -14.80 9.02
N SER A 690 13.17 -15.54 9.83
CA SER A 690 12.83 -15.19 11.24
C SER A 690 13.98 -15.59 12.19
N PHE A 691 15.06 -16.17 11.66
CA PHE A 691 16.28 -16.53 12.44
C PHE A 691 17.45 -16.71 11.46
N LEU A 692 18.68 -16.65 11.96
CA LEU A 692 19.90 -16.88 11.16
C LEU A 692 19.74 -18.14 10.30
N ASP A 693 19.22 -19.21 10.88
CA ASP A 693 19.16 -20.57 10.26
C ASP A 693 18.29 -20.52 8.99
N SER A 694 17.23 -19.70 8.97
CA SER A 694 16.29 -19.56 7.83
C SER A 694 16.69 -18.40 6.89
N VAL A 695 17.78 -17.68 7.21
CA VAL A 695 18.39 -16.64 6.34
C VAL A 695 19.51 -17.27 5.52
N ILE A 696 20.42 -18.03 6.14
CA ILE A 696 21.55 -18.70 5.43
C ILE A 696 21.20 -20.15 5.08
N GLN A 697 20.01 -20.62 5.47
CA GLN A 697 19.39 -21.89 5.02
C GLN A 697 20.32 -23.08 5.26
N ASN A 698 20.78 -23.25 6.50
CA ASN A 698 21.80 -24.27 6.87
C ASN A 698 21.14 -25.66 6.90
N GLY A 699 19.85 -25.74 7.24
CA GLY A 699 19.08 -27.00 7.29
C GLY A 699 18.37 -27.19 8.63
N TYR A 700 18.59 -26.31 9.60
CA TYR A 700 18.00 -26.43 10.97
C TYR A 700 16.61 -25.81 11.03
N ALA A 701 16.23 -24.96 10.07
CA ALA A 701 14.88 -24.34 9.97
C ALA A 701 14.14 -24.96 8.79
N PHE A 702 13.10 -25.75 9.08
CA PHE A 702 12.40 -26.59 8.06
C PHE A 702 10.94 -26.79 8.44
N THR A 703 10.16 -27.21 7.44
CA THR A 703 8.68 -27.43 7.48
C THR A 703 8.38 -28.91 7.26
N ASP A 704 9.30 -29.64 6.62
CA ASP A 704 9.11 -31.04 6.20
C ASP A 704 10.32 -31.85 6.63
N ARG A 705 10.18 -32.65 7.68
CA ARG A 705 11.27 -33.46 8.28
C ARG A 705 11.83 -34.47 7.27
N TYR A 706 11.04 -34.91 6.29
CA TYR A 706 11.44 -36.00 5.35
C TYR A 706 11.88 -35.44 3.99
N ASP A 707 11.90 -34.12 3.82
CA ASP A 707 12.23 -33.46 2.52
C ASP A 707 13.74 -33.25 2.46
N LEU A 708 14.51 -34.31 2.23
CA LEU A 708 15.98 -34.23 2.16
C LEU A 708 16.39 -33.92 0.73
N GLY A 709 16.03 -32.72 0.27
CA GLY A 709 16.28 -32.24 -1.11
C GLY A 709 15.44 -32.98 -2.13
N ILE A 710 14.22 -33.39 -1.77
CA ILE A 710 13.34 -34.23 -2.65
C ILE A 710 12.43 -33.31 -3.50
N SER A 711 11.65 -32.43 -2.86
CA SER A 711 10.70 -31.50 -3.54
C SER A 711 11.48 -30.43 -4.32
N LYS A 712 12.72 -30.17 -3.91
CA LYS A 712 13.56 -29.05 -4.38
C LYS A 712 14.96 -29.29 -3.81
N PRO A 713 16.05 -28.76 -4.40
CA PRO A 713 17.38 -28.86 -3.78
C PRO A 713 17.41 -28.22 -2.39
N ASN A 714 18.18 -28.81 -1.47
CA ASN A 714 18.62 -28.12 -0.23
C ASN A 714 19.84 -27.28 -0.60
N LYS A 715 20.42 -26.53 0.35
CA LYS A 715 21.59 -25.66 0.10
C LYS A 715 22.77 -26.48 -0.45
N TYR A 716 22.76 -27.80 -0.23
CA TYR A 716 23.92 -28.70 -0.45
C TYR A 716 23.71 -29.55 -1.71
N GLY A 717 22.53 -29.46 -2.31
CA GLY A 717 22.21 -30.11 -3.60
C GLY A 717 20.91 -30.89 -3.55
N THR A 718 20.72 -31.77 -4.54
CA THR A 718 19.50 -32.61 -4.71
C THR A 718 19.60 -33.84 -3.80
N ALA A 719 18.47 -34.49 -3.57
CA ALA A 719 18.40 -35.81 -2.88
C ALA A 719 19.39 -36.78 -3.53
N ASP A 720 19.51 -36.78 -4.86
CA ASP A 720 20.42 -37.69 -5.61
C ASP A 720 21.87 -37.30 -5.31
N ASP A 721 22.16 -36.00 -5.22
CA ASP A 721 23.51 -35.47 -4.87
C ASP A 721 23.89 -35.98 -3.46
N LEU A 722 22.94 -35.97 -2.52
CA LEU A 722 23.12 -36.49 -1.14
C LEU A 722 23.42 -37.98 -1.20
N VAL A 723 22.60 -38.75 -1.92
CA VAL A 723 22.76 -40.23 -2.07
C VAL A 723 24.17 -40.52 -2.59
N LYS A 724 24.64 -39.77 -3.60
CA LYS A 724 25.98 -40.00 -4.21
C LYS A 724 27.07 -39.66 -3.20
N ALA A 725 26.87 -38.60 -2.39
CA ALA A 725 27.83 -38.15 -1.35
C ALA A 725 28.01 -39.23 -0.28
N ILE A 726 26.91 -39.83 0.16
CA ILE A 726 26.93 -40.87 1.23
C ILE A 726 27.65 -42.11 0.68
N LYS A 727 27.37 -42.49 -0.57
CA LYS A 727 27.98 -43.68 -1.24
C LYS A 727 29.49 -43.47 -1.40
N ALA A 728 29.89 -42.28 -1.85
CA ALA A 728 31.32 -41.90 -2.03
C ALA A 728 32.05 -42.01 -0.68
N LEU A 729 31.46 -41.47 0.39
CA LEU A 729 32.04 -41.53 1.76
C LEU A 729 32.13 -42.99 2.21
N HIS A 730 31.06 -43.77 2.01
CA HIS A 730 31.04 -45.22 2.34
C HIS A 730 32.12 -45.98 1.55
N SER A 731 32.41 -45.54 0.31
CA SER A 731 33.41 -46.18 -0.58
C SER A 731 34.79 -46.12 0.06
N LYS A 732 35.03 -45.18 0.98
CA LYS A 732 36.34 -44.99 1.67
C LYS A 732 36.26 -45.46 3.13
N GLY A 733 35.19 -46.12 3.54
CA GLY A 733 35.01 -46.63 4.90
C GLY A 733 34.59 -45.55 5.89
N ILE A 734 34.19 -44.38 5.40
CA ILE A 734 33.81 -43.21 6.23
C ILE A 734 32.34 -43.32 6.60
N LYS A 735 32.02 -43.22 7.89
CA LYS A 735 30.63 -43.22 8.41
C LYS A 735 30.05 -41.82 8.25
N VAL A 736 28.74 -41.71 8.03
CA VAL A 736 28.04 -40.42 7.74
C VAL A 736 26.94 -40.22 8.78
N MET A 737 26.90 -39.03 9.38
CA MET A 737 26.00 -38.70 10.52
C MET A 737 24.84 -37.82 10.03
N ALA A 738 23.61 -38.22 10.35
CA ALA A 738 22.35 -37.47 10.10
C ALA A 738 22.06 -36.56 11.30
N ASP A 739 21.69 -35.31 11.05
CA ASP A 739 21.36 -34.34 12.14
C ASP A 739 19.89 -34.51 12.51
N TRP A 740 19.62 -35.19 13.61
CA TRP A 740 18.27 -35.41 14.20
C TRP A 740 17.85 -34.14 14.93
N VAL A 741 16.80 -33.45 14.46
CA VAL A 741 16.41 -32.10 14.95
C VAL A 741 14.94 -32.13 15.37
N PRO A 742 14.61 -32.71 16.54
CA PRO A 742 13.22 -32.82 16.98
C PRO A 742 12.65 -31.66 17.79
N ASP A 743 13.39 -30.58 17.99
CA ASP A 743 12.95 -29.49 18.91
C ASP A 743 11.86 -28.62 18.25
N GLN A 744 12.05 -28.21 17.00
CA GLN A 744 11.12 -27.21 16.42
C GLN A 744 11.03 -27.33 14.91
N MET A 745 9.98 -26.74 14.33
CA MET A 745 9.73 -26.66 12.86
C MET A 745 9.29 -25.23 12.54
N TYR A 746 9.60 -24.75 11.34
CA TYR A 746 9.32 -23.36 10.91
C TYR A 746 8.24 -23.33 9.81
N ALA A 747 7.54 -22.19 9.73
CA ALA A 747 6.86 -21.67 8.52
C ALA A 747 5.88 -22.70 7.96
N PHE A 748 4.92 -23.13 8.77
CA PHE A 748 3.82 -24.03 8.31
C PHE A 748 2.93 -23.25 7.33
N PRO A 749 2.47 -23.87 6.23
CA PRO A 749 1.67 -23.18 5.23
C PRO A 749 0.20 -22.91 5.57
N GLU A 750 -0.38 -23.61 6.55
CA GLU A 750 -1.83 -23.51 6.90
C GLU A 750 -2.00 -22.94 8.32
N LYS A 751 -2.87 -21.94 8.47
CA LYS A 751 -3.12 -21.26 9.76
C LYS A 751 -4.01 -22.16 10.62
N GLU A 752 -3.97 -21.96 11.93
CA GLU A 752 -4.83 -22.65 12.93
C GLU A 752 -5.13 -21.67 14.05
N VAL A 753 -6.30 -21.76 14.66
CA VAL A 753 -6.68 -20.90 15.82
C VAL A 753 -6.52 -21.76 17.08
N VAL A 754 -5.74 -21.26 18.04
CA VAL A 754 -5.39 -21.95 19.31
C VAL A 754 -5.78 -21.03 20.48
N THR A 755 -6.18 -21.62 21.61
CA THR A 755 -6.25 -20.92 22.91
C THR A 755 -4.83 -20.88 23.47
N ALA A 756 -4.32 -19.69 23.79
CA ALA A 756 -2.89 -19.44 24.02
C ALA A 756 -2.69 -18.46 25.17
N THR A 757 -1.56 -18.61 25.88
CA THR A 757 -1.10 -17.72 26.98
C THR A 757 0.32 -17.26 26.68
N ARG A 758 0.59 -15.97 26.81
CA ARG A 758 1.96 -15.41 26.69
C ARG A 758 2.83 -15.99 27.81
N VAL A 759 4.02 -16.51 27.48
CA VAL A 759 4.95 -17.17 28.44
C VAL A 759 6.40 -16.73 28.17
N ASP A 760 7.29 -16.97 29.13
CA ASP A 760 8.76 -16.89 28.95
C ASP A 760 9.25 -18.21 28.34
N LYS A 761 10.55 -18.34 28.10
CA LYS A 761 11.12 -19.52 27.39
C LYS A 761 10.95 -20.79 28.25
N PHE A 762 10.65 -20.66 29.54
CA PHE A 762 10.42 -21.78 30.49
C PHE A 762 8.93 -22.17 30.51
N GLY A 763 8.08 -21.37 29.86
CA GLY A 763 6.62 -21.59 29.76
C GLY A 763 5.83 -21.02 30.93
N LYS A 764 6.45 -20.15 31.75
CA LYS A 764 5.76 -19.47 32.88
C LYS A 764 4.94 -18.31 32.30
N PRO A 765 3.61 -18.24 32.59
CA PRO A 765 2.78 -17.12 32.12
C PRO A 765 3.33 -15.76 32.56
N VAL A 766 3.17 -14.75 31.71
CA VAL A 766 3.76 -13.38 31.87
C VAL A 766 2.78 -12.37 32.51
N GLU A 767 3.34 -11.47 33.34
CA GLU A 767 2.78 -10.30 34.09
C GLU A 767 1.28 -10.09 33.87
N GLY A 768 0.94 -9.05 33.12
CA GLY A 768 -0.46 -8.75 32.83
C GLY A 768 -0.68 -8.75 31.34
N SER A 769 -0.38 -9.87 30.70
CA SER A 769 -0.55 -9.95 29.23
C SER A 769 -2.02 -10.08 28.87
N GLN A 770 -2.42 -9.41 27.79
CA GLN A 770 -3.79 -9.54 27.22
C GLN A 770 -3.95 -10.92 26.56
N ILE A 771 -2.84 -11.62 26.26
CA ILE A 771 -2.85 -13.03 25.76
C ILE A 771 -2.80 -13.97 26.97
N LYS A 772 -3.98 -14.37 27.46
CA LYS A 772 -4.16 -15.17 28.68
C LYS A 772 -5.43 -16.02 28.49
N SER A 773 -5.27 -17.24 27.95
CA SER A 773 -6.37 -18.16 27.59
C SER A 773 -7.27 -17.50 26.55
N VAL A 774 -6.67 -16.87 25.53
CA VAL A 774 -7.36 -16.13 24.43
C VAL A 774 -6.98 -16.77 23.10
N LEU A 775 -7.81 -16.55 22.08
CA LEU A 775 -7.60 -17.10 20.72
C LEU A 775 -6.44 -16.35 20.08
N TYR A 776 -5.61 -17.07 19.35
CA TYR A 776 -4.40 -16.58 18.66
C TYR A 776 -4.28 -17.37 17.36
N VAL A 777 -3.86 -16.74 16.27
CA VAL A 777 -3.75 -17.40 14.95
C VAL A 777 -2.29 -17.74 14.74
N ALA A 778 -1.99 -19.04 14.73
CA ALA A 778 -0.65 -19.62 14.53
C ALA A 778 -0.57 -20.15 13.10
N ASP A 779 0.62 -20.16 12.51
CA ASP A 779 0.95 -20.98 11.32
C ASP A 779 1.43 -22.35 11.82
N SER A 780 0.53 -23.32 12.06
CA SER A 780 0.92 -24.63 12.65
C SER A 780 0.13 -25.80 12.05
N LYS A 781 -0.10 -25.80 10.73
CA LYS A 781 -0.59 -27.01 10.02
C LYS A 781 0.26 -27.22 8.77
N SER A 782 0.77 -28.44 8.59
CA SER A 782 1.50 -28.87 7.36
C SER A 782 0.47 -29.06 6.24
N SER A 783 0.95 -29.16 4.99
CA SER A 783 0.12 -29.21 3.77
C SER A 783 -0.75 -30.47 3.77
N GLY A 784 -0.25 -31.57 4.34
CA GLY A 784 -0.88 -32.90 4.23
C GLY A 784 -0.63 -33.52 2.87
N LYS A 785 0.26 -32.92 2.06
CA LYS A 785 0.60 -33.36 0.68
C LYS A 785 2.11 -33.30 0.47
N ASP A 786 2.88 -33.38 1.56
CA ASP A 786 4.36 -33.25 1.59
C ASP A 786 4.95 -34.63 1.90
N GLN A 787 6.27 -34.71 2.12
CA GLN A 787 6.97 -35.96 2.46
C GLN A 787 6.48 -36.46 3.82
N GLN A 788 6.20 -35.56 4.76
CA GLN A 788 5.60 -35.92 6.07
C GLN A 788 4.37 -36.79 5.82
N ALA A 789 3.44 -36.33 4.97
CA ALA A 789 2.18 -37.03 4.64
C ALA A 789 2.45 -38.43 4.08
N LYS A 790 3.60 -38.64 3.44
CA LYS A 790 3.97 -39.93 2.80
C LYS A 790 4.60 -40.89 3.82
N TYR A 791 5.62 -40.43 4.57
CA TYR A 791 6.49 -41.28 5.43
C TYR A 791 6.05 -41.24 6.91
N GLY A 792 5.22 -40.28 7.30
CA GLY A 792 4.73 -40.13 8.67
C GLY A 792 4.16 -41.43 9.21
N GLY A 793 4.81 -42.00 10.23
CA GLY A 793 4.37 -43.24 10.91
C GLY A 793 4.40 -44.44 9.99
N ALA A 794 5.06 -44.35 8.85
CA ALA A 794 5.03 -45.38 7.79
C ALA A 794 5.75 -46.66 8.25
N PHE A 795 6.61 -46.56 9.27
CA PHE A 795 7.52 -47.65 9.71
C PHE A 795 7.19 -48.10 11.13
N LEU A 796 6.12 -47.58 11.73
CA LEU A 796 5.77 -47.88 13.14
C LEU A 796 5.36 -49.35 13.28
N GLU A 797 4.74 -49.95 12.25
CA GLU A 797 4.32 -51.37 12.30
C GLU A 797 5.57 -52.26 12.19
N GLU A 798 6.49 -51.95 11.26
CA GLU A 798 7.80 -52.62 11.11
C GLU A 798 8.58 -52.53 12.44
N LEU A 799 8.63 -51.34 13.05
CA LEU A 799 9.43 -51.11 14.29
C LEU A 799 8.80 -51.88 15.46
N GLN A 800 7.48 -51.87 15.57
CA GLN A 800 6.78 -52.57 16.69
C GLN A 800 6.87 -54.09 16.52
N ALA A 801 7.12 -54.56 15.30
CA ALA A 801 7.21 -56.00 14.96
C ALA A 801 8.61 -56.52 15.33
N LYS A 802 9.65 -55.81 14.87
CA LYS A 802 11.07 -56.16 15.10
C LYS A 802 11.47 -55.90 16.55
N TYR A 803 11.10 -54.73 17.11
CA TYR A 803 11.67 -54.18 18.36
C TYR A 803 10.56 -53.82 19.34
N PRO A 804 9.75 -54.79 19.82
CA PRO A 804 8.65 -54.47 20.72
C PRO A 804 9.03 -53.80 22.03
N GLU A 805 10.27 -54.00 22.53
N GLU A 805 10.26 -54.00 22.54
CA GLU A 805 10.71 -53.46 23.84
CA GLU A 805 10.66 -53.45 23.86
C GLU A 805 10.71 -51.92 23.78
C GLU A 805 10.69 -51.91 23.78
N LEU A 806 11.00 -51.33 22.62
CA LEU A 806 10.96 -49.84 22.41
C LEU A 806 9.61 -49.29 22.82
N PHE A 807 8.52 -50.02 22.53
CA PHE A 807 7.12 -49.56 22.69
C PHE A 807 6.53 -50.06 24.02
N ALA A 808 7.27 -50.89 24.75
CA ALA A 808 6.88 -51.43 26.07
C ALA A 808 7.36 -50.49 27.17
N ARG A 809 8.54 -49.90 26.96
CA ARG A 809 9.22 -48.98 27.92
C ARG A 809 8.25 -47.86 28.26
N LYS A 810 7.98 -47.70 29.56
CA LYS A 810 7.30 -46.52 30.11
C LYS A 810 8.35 -45.40 30.17
N GLN A 811 8.24 -44.41 29.28
CA GLN A 811 9.18 -43.27 29.18
C GLN A 811 9.15 -42.51 30.51
N ILE A 812 10.27 -41.88 30.89
CA ILE A 812 10.43 -41.34 32.27
C ILE A 812 9.50 -40.14 32.47
N SER A 813 9.48 -39.19 31.54
CA SER A 813 8.77 -37.89 31.73
C SER A 813 7.26 -38.08 31.83
N THR A 814 6.71 -39.06 31.10
CA THR A 814 5.25 -39.29 30.96
C THR A 814 4.75 -40.45 31.82
N GLY A 815 5.60 -41.42 32.13
CA GLY A 815 5.22 -42.65 32.87
C GLY A 815 4.48 -43.65 31.99
N VAL A 816 4.37 -43.40 30.67
CA VAL A 816 3.63 -44.28 29.72
C VAL A 816 4.48 -44.52 28.48
N PRO A 817 4.20 -45.60 27.71
CA PRO A 817 4.96 -45.87 26.50
C PRO A 817 4.63 -44.89 25.36
N MET A 818 5.47 -44.91 24.33
CA MET A 818 5.19 -44.32 23.01
C MET A 818 3.85 -44.88 22.53
N ASP A 819 3.08 -44.07 21.78
CA ASP A 819 1.74 -44.41 21.26
C ASP A 819 1.82 -44.39 19.73
N PRO A 820 2.12 -45.55 19.10
CA PRO A 820 2.16 -45.64 17.63
C PRO A 820 0.80 -45.88 16.97
N SER A 821 -0.29 -45.94 17.77
CA SER A 821 -1.67 -46.20 17.30
C SER A 821 -2.16 -45.06 16.38
N VAL A 822 -1.58 -43.86 16.49
CA VAL A 822 -1.87 -42.71 15.59
C VAL A 822 -0.62 -42.39 14.78
N LYS A 823 -0.80 -42.05 13.50
CA LYS A 823 0.28 -41.66 12.57
C LYS A 823 0.16 -40.16 12.27
N ILE A 824 1.27 -39.42 12.37
CA ILE A 824 1.29 -37.97 12.05
C ILE A 824 1.57 -37.86 10.55
N LYS A 825 0.52 -37.65 9.77
CA LYS A 825 0.58 -37.36 8.31
C LYS A 825 0.52 -35.85 8.12
N GLN A 826 -0.12 -35.15 9.06
CA GLN A 826 -0.26 -33.67 9.04
C GLN A 826 0.03 -33.13 10.44
N TRP A 827 1.04 -32.25 10.56
CA TRP A 827 1.33 -31.51 11.80
C TRP A 827 0.18 -30.54 12.08
N SER A 828 -0.17 -30.40 13.35
CA SER A 828 -1.30 -29.60 13.86
C SER A 828 -0.91 -29.13 15.27
N ALA A 829 -1.48 -28.02 15.74
CA ALA A 829 -1.14 -27.37 17.03
C ALA A 829 -1.19 -28.37 18.20
N LYS A 830 -2.02 -29.42 18.12
CA LYS A 830 -2.18 -30.41 19.23
C LYS A 830 -0.86 -31.17 19.49
N TYR A 831 0.07 -31.16 18.54
CA TYR A 831 1.39 -31.85 18.62
C TYR A 831 2.50 -30.87 19.02
N PHE A 832 2.17 -29.61 19.33
CA PHE A 832 3.17 -28.56 19.65
C PHE A 832 2.87 -27.95 21.04
N ASN A 833 3.92 -27.54 21.74
CA ASN A 833 3.83 -26.86 23.05
C ASN A 833 3.31 -25.44 22.82
N GLY A 834 3.78 -24.81 21.75
CA GLY A 834 3.48 -23.40 21.45
C GLY A 834 4.34 -22.88 20.29
N THR A 835 4.45 -21.56 20.15
CA THR A 835 5.20 -20.90 19.05
C THR A 835 5.78 -19.58 19.57
N ASN A 836 6.84 -19.12 18.91
CA ASN A 836 7.34 -17.73 19.05
C ASN A 836 6.19 -16.81 18.65
N ILE A 837 6.08 -15.66 19.34
CA ILE A 837 5.13 -14.57 19.04
C ILE A 837 5.31 -14.17 17.57
N LEU A 838 4.20 -14.01 16.84
CA LEU A 838 4.20 -13.81 15.37
C LEU A 838 3.82 -12.37 15.00
N GLY A 839 3.61 -11.49 15.98
CA GLY A 839 3.31 -10.06 15.74
C GLY A 839 1.94 -9.89 15.11
N ARG A 840 0.96 -10.67 15.56
CA ARG A 840 -0.45 -10.65 15.08
C ARG A 840 -1.35 -10.03 16.15
N GLY A 841 -0.87 -9.93 17.40
CA GLY A 841 -1.55 -9.24 18.50
C GLY A 841 -2.57 -10.10 19.21
N ALA A 842 -3.06 -9.63 20.36
CA ALA A 842 -3.97 -10.38 21.27
C ALA A 842 -5.42 -10.36 20.78
N GLY A 843 -5.76 -9.55 19.77
CA GLY A 843 -7.16 -9.34 19.33
C GLY A 843 -7.37 -9.65 17.87
N TYR A 844 -6.51 -10.45 17.25
CA TYR A 844 -6.50 -10.74 15.79
C TYR A 844 -7.77 -11.50 15.39
N VAL A 845 -8.33 -12.30 16.30
CA VAL A 845 -9.59 -13.08 16.08
C VAL A 845 -10.76 -12.17 16.45
N LEU A 846 -11.62 -11.89 15.46
CA LEU A 846 -12.65 -10.81 15.52
C LEU A 846 -13.81 -11.23 16.42
N LYS A 847 -14.27 -10.31 17.26
CA LYS A 847 -15.46 -10.47 18.15
C LYS A 847 -16.59 -9.56 17.66
N ASP A 848 -17.84 -9.94 17.93
CA ASP A 848 -19.02 -9.04 17.84
C ASP A 848 -18.93 -8.05 19.00
N GLN A 849 -19.01 -6.75 18.72
CA GLN A 849 -18.75 -5.65 19.70
C GLN A 849 -19.73 -5.77 20.87
N ALA A 850 -21.02 -5.91 20.56
CA ALA A 850 -22.13 -5.98 21.55
C ALA A 850 -21.97 -7.21 22.45
N THR A 851 -21.99 -8.42 21.88
CA THR A 851 -22.02 -9.71 22.62
C THR A 851 -20.68 -9.99 23.33
N ASN A 852 -19.59 -9.36 22.89
CA ASN A 852 -18.19 -9.65 23.34
C ASN A 852 -17.91 -11.15 23.13
N THR A 853 -18.35 -11.68 21.99
CA THR A 853 -18.28 -13.11 21.58
C THR A 853 -17.42 -13.19 20.32
N TYR A 854 -16.58 -14.23 20.23
CA TYR A 854 -15.81 -14.55 19.01
C TYR A 854 -16.80 -14.95 17.90
N PHE A 855 -16.66 -14.35 16.73
CA PHE A 855 -17.43 -14.75 15.52
C PHE A 855 -17.07 -16.21 15.20
N ASN A 856 -18.06 -17.10 15.27
CA ASN A 856 -17.96 -18.49 14.75
C ASN A 856 -18.98 -18.67 13.64
N ILE A 857 -18.59 -19.23 12.48
CA ILE A 857 -19.47 -19.32 11.28
C ILE A 857 -20.26 -20.64 11.31
N VAL B 22 25.08 13.69 -10.34
CA VAL B 22 25.32 13.73 -8.86
C VAL B 22 24.09 13.15 -8.13
N THR B 23 23.73 11.89 -8.42
CA THR B 23 22.56 11.17 -7.83
C THR B 23 23.03 10.26 -6.67
N THR B 24 23.15 8.96 -6.89
CA THR B 24 23.40 7.91 -5.86
C THR B 24 24.57 8.32 -4.95
N ARG B 25 24.28 8.84 -3.75
CA ARG B 25 25.25 9.18 -2.67
C ARG B 25 25.15 8.10 -1.58
N ASN B 27 23.59 4.84 -1.10
CA ASN B 27 23.25 3.44 -1.51
C ASN B 27 24.50 2.55 -1.33
N LEU B 28 24.32 1.34 -0.79
CA LEU B 28 25.40 0.36 -0.48
C LEU B 28 25.80 -0.41 -1.74
N TYR B 29 24.87 -0.56 -2.69
CA TYR B 29 25.11 -1.11 -4.04
C TYR B 29 25.16 0.07 -5.02
N LYS B 30 26.00 1.06 -4.72
CA LYS B 30 26.15 2.33 -5.51
C LYS B 30 26.63 2.00 -6.93
N LYS B 31 27.49 1.01 -7.09
CA LYS B 31 28.05 0.60 -8.41
C LYS B 31 27.03 -0.27 -9.16
N TYR B 32 25.99 -0.79 -8.48
CA TYR B 32 24.93 -1.64 -9.06
C TYR B 32 23.66 -0.81 -9.31
N ASN B 33 23.28 -0.01 -8.31
CA ASN B 33 22.05 0.82 -8.30
C ASN B 33 22.33 2.19 -8.93
N GLN B 34 23.44 2.31 -9.67
CA GLN B 34 23.79 3.61 -10.30
C GLN B 34 22.85 3.88 -11.49
N VAL B 35 22.69 5.15 -11.84
CA VAL B 35 21.84 5.48 -13.03
C VAL B 35 22.52 4.84 -14.23
N TYR B 36 21.74 4.17 -15.07
CA TYR B 36 22.22 3.39 -16.23
C TYR B 36 23.21 4.23 -17.04
N ASP B 37 22.75 5.38 -17.57
CA ASP B 37 23.55 6.33 -18.41
C ASP B 37 23.07 7.77 -18.13
N ARG B 38 23.70 8.75 -18.79
CA ARG B 38 23.36 10.20 -18.69
C ARG B 38 22.19 10.51 -19.65
N SER B 39 21.64 9.49 -20.30
CA SER B 39 20.53 9.56 -21.29
C SER B 39 19.23 9.95 -20.59
N ALA B 40 18.27 10.44 -21.39
CA ALA B 40 16.90 10.85 -20.98
C ALA B 40 15.98 9.61 -20.92
N GLN B 41 16.31 8.54 -21.65
CA GLN B 41 15.49 7.29 -21.78
C GLN B 41 15.55 6.46 -20.50
N SER B 42 16.46 6.78 -19.57
CA SER B 42 16.67 6.05 -18.30
C SER B 42 15.99 6.77 -17.13
N PHE B 43 15.28 7.88 -17.39
CA PHE B 43 14.57 8.70 -16.37
C PHE B 43 13.13 8.95 -16.78
N GLU B 44 12.20 8.85 -15.81
CA GLU B 44 10.83 9.42 -15.90
C GLU B 44 10.93 10.90 -15.52
N HIS B 45 11.07 11.78 -16.53
CA HIS B 45 11.28 13.24 -16.36
C HIS B 45 10.07 14.00 -16.89
N VAL B 46 9.94 15.27 -16.50
CA VAL B 46 8.98 16.25 -17.08
C VAL B 46 9.80 17.47 -17.53
N ASP B 47 9.87 17.71 -18.84
CA ASP B 47 10.65 18.81 -19.47
C ASP B 47 12.09 18.81 -18.90
N HIS B 48 12.67 17.61 -18.76
CA HIS B 48 14.08 17.35 -18.35
C HIS B 48 14.31 17.70 -16.88
N TYR B 49 13.24 17.79 -16.06
CA TYR B 49 13.32 17.96 -14.59
C TYR B 49 12.85 16.65 -13.95
N LEU B 50 13.17 16.44 -12.66
CA LEU B 50 12.79 15.21 -11.91
C LEU B 50 11.83 15.55 -10.76
N THR B 51 10.90 14.62 -10.48
CA THR B 51 9.84 14.76 -9.45
C THR B 51 10.05 13.69 -8.37
N ALA B 52 9.55 13.92 -7.15
CA ALA B 52 9.66 12.97 -6.03
C ALA B 52 9.09 11.60 -6.43
N GLU B 53 8.16 11.55 -7.38
CA GLU B 53 7.52 10.29 -7.86
C GLU B 53 8.22 9.77 -9.13
N SER B 54 9.33 10.37 -9.56
CA SER B 54 10.12 9.91 -10.73
C SER B 54 10.71 8.52 -10.43
N TRP B 55 10.57 7.59 -11.38
CA TRP B 55 11.31 6.30 -11.42
C TRP B 55 12.42 6.42 -12.48
N TYR B 56 13.31 5.42 -12.51
CA TYR B 56 14.50 5.39 -13.40
C TYR B 56 14.92 3.93 -13.61
N ARG B 57 15.79 3.72 -14.60
CA ARG B 57 16.41 2.43 -14.95
C ARG B 57 17.76 2.34 -14.25
N PRO B 58 17.91 1.46 -13.22
CA PRO B 58 19.20 1.26 -12.58
C PRO B 58 20.14 0.44 -13.50
N LYS B 59 21.43 0.39 -13.17
CA LYS B 59 22.45 -0.43 -13.89
C LYS B 59 22.17 -1.93 -13.66
N TYR B 60 21.73 -2.28 -12.45
CA TYR B 60 21.36 -3.66 -12.02
C TYR B 60 20.17 -3.59 -11.04
N ILE B 61 19.45 -4.70 -10.94
CA ILE B 61 18.31 -4.87 -9.99
C ILE B 61 18.52 -6.18 -9.23
N LEU B 62 18.88 -6.11 -7.94
CA LEU B 62 19.06 -7.36 -7.15
C LEU B 62 17.72 -8.08 -7.23
N LYS B 63 17.54 -8.99 -8.19
CA LYS B 63 16.20 -9.62 -8.40
C LYS B 63 15.55 -10.14 -7.11
N ASP B 64 16.33 -10.40 -6.05
CA ASP B 64 15.82 -10.90 -4.73
C ASP B 64 16.95 -10.83 -3.69
N THR B 67 20.51 -11.86 -6.17
CA THR B 67 21.19 -12.13 -7.47
C THR B 67 21.17 -10.85 -8.35
N TRP B 68 22.29 -10.12 -8.37
CA TRP B 68 22.45 -8.83 -9.11
C TRP B 68 22.35 -9.12 -10.62
N THR B 69 21.17 -8.91 -11.21
CA THR B 69 20.91 -8.99 -12.67
C THR B 69 20.90 -7.57 -13.25
N THR B 72 19.06 -5.30 -16.60
CA THR B 72 18.07 -4.23 -16.33
C THR B 72 16.93 -4.32 -17.34
N GLU B 73 17.18 -3.88 -18.58
CA GLU B 73 16.20 -3.81 -19.70
C GLU B 73 15.12 -2.75 -19.38
N LYS B 74 13.89 -3.19 -19.16
CA LYS B 74 12.68 -2.36 -18.94
C LYS B 74 12.30 -2.44 -17.45
N ASP B 75 13.31 -2.61 -16.59
CA ASP B 75 13.18 -2.80 -15.12
C ASP B 75 13.33 -1.44 -14.43
N PHE B 76 12.35 -0.56 -14.63
CA PHE B 76 12.29 0.78 -13.99
C PHE B 76 11.93 0.61 -12.50
N ARG B 77 12.57 1.39 -11.63
CA ARG B 77 12.40 1.30 -10.15
C ARG B 77 12.36 2.72 -9.58
N PRO B 78 11.70 2.92 -8.43
CA PRO B 78 11.61 4.23 -7.79
C PRO B 78 12.96 4.86 -7.45
N LEU B 79 13.10 6.16 -7.68
CA LEU B 79 14.32 6.92 -7.36
C LEU B 79 14.47 6.99 -5.84
N LEU B 80 13.35 7.02 -5.10
CA LEU B 80 13.36 7.16 -3.62
C LEU B 80 13.72 5.82 -2.96
N MET B 81 13.86 4.75 -3.75
CA MET B 81 14.42 3.44 -3.30
C MET B 81 15.91 3.62 -2.97
N THR B 82 16.62 4.49 -3.69
CA THR B 82 18.11 4.57 -3.74
C THR B 82 18.63 6.00 -3.53
N TRP B 83 17.76 7.01 -3.49
CA TRP B 83 18.15 8.45 -3.33
C TRP B 83 17.07 9.18 -2.51
N TRP B 84 17.48 10.15 -1.68
CA TRP B 84 16.55 10.96 -0.84
C TRP B 84 17.05 12.41 -0.90
N PRO B 85 16.17 13.44 -0.89
CA PRO B 85 16.61 14.83 -0.93
C PRO B 85 17.47 15.07 0.31
N SER B 86 16.80 15.05 1.45
CA SER B 86 17.37 15.09 2.81
C SER B 86 17.21 13.67 3.34
N GLN B 87 18.15 13.19 4.14
CA GLN B 87 18.05 11.78 4.60
C GLN B 87 17.20 11.74 5.90
N GLU B 88 16.59 12.87 6.30
CA GLU B 88 15.39 12.88 7.19
C GLU B 88 14.24 12.21 6.42
N THR B 89 14.17 12.44 5.10
CA THR B 89 13.23 11.80 4.16
C THR B 89 13.56 10.30 4.08
N GLN B 90 14.84 9.94 4.13
CA GLN B 90 15.29 8.52 4.11
C GLN B 90 14.73 7.81 5.36
N ARG B 91 14.84 8.46 6.52
CA ARG B 91 14.31 7.95 7.81
C ARG B 91 12.81 7.65 7.64
N GLN B 92 12.05 8.64 7.14
CA GLN B 92 10.57 8.59 6.99
C GLN B 92 10.22 7.47 6.01
N TYR B 93 10.98 7.38 4.92
CA TYR B 93 10.85 6.36 3.84
C TYR B 93 11.09 4.96 4.43
N VAL B 94 12.09 4.83 5.31
CA VAL B 94 12.45 3.53 5.97
C VAL B 94 11.30 3.15 6.91
N ASN B 95 10.92 4.06 7.82
CA ASN B 95 9.80 3.87 8.77
C ASN B 95 8.52 3.45 8.02
N TYR B 96 8.24 4.13 6.90
CA TYR B 96 7.01 3.94 6.08
C TYR B 96 7.03 2.53 5.46
N MET B 97 8.10 2.21 4.72
CA MET B 97 8.20 0.96 3.92
C MET B 97 8.44 -0.24 4.85
N ASN B 98 9.05 -0.01 6.02
CA ASN B 98 9.13 -1.03 7.11
C ASN B 98 7.70 -1.47 7.44
N ALA B 99 6.82 -0.51 7.74
CA ALA B 99 5.41 -0.74 8.14
C ALA B 99 4.63 -1.39 6.99
N GLN B 100 5.01 -1.13 5.73
CA GLN B 100 4.28 -1.62 4.54
C GLN B 100 4.65 -3.08 4.22
N LEU B 101 5.89 -3.50 4.55
CA LEU B 101 6.47 -4.81 4.15
C LEU B 101 6.58 -5.75 5.36
N GLY B 102 6.03 -5.36 6.52
CA GLY B 102 5.98 -6.19 7.74
C GLY B 102 7.33 -6.29 8.45
N ILE B 103 8.18 -5.27 8.32
CA ILE B 103 9.47 -5.14 9.07
C ILE B 103 9.17 -4.43 10.39
N ASN B 104 9.15 -5.20 11.48
CA ASN B 104 8.90 -4.63 12.84
C ASN B 104 10.10 -3.78 13.27
N LYS B 105 9.83 -2.78 14.11
CA LYS B 105 10.78 -1.78 14.70
C LYS B 105 11.15 -0.70 13.67
N THR B 106 10.94 0.57 14.07
CA THR B 106 11.19 1.81 13.29
C THR B 106 12.58 2.34 13.65
N TYR B 107 12.95 3.53 13.14
CA TYR B 107 14.20 4.26 13.44
C TYR B 107 13.86 5.69 13.88
N ASP B 108 14.47 6.15 14.97
CA ASP B 108 14.22 7.49 15.58
C ASP B 108 15.23 8.50 15.03
N ASP B 109 15.27 9.70 15.63
CA ASP B 109 16.17 10.84 15.30
C ASP B 109 17.65 10.44 15.44
N THR B 110 17.96 9.40 16.24
CA THR B 110 19.32 9.07 16.74
C THR B 110 20.08 8.14 15.77
N SER B 111 19.42 7.60 14.72
CA SER B 111 20.07 6.74 13.69
C SER B 111 21.31 7.44 13.12
N ASN B 112 22.30 6.66 12.66
CA ASN B 112 23.41 7.14 11.79
C ASN B 112 23.06 6.80 10.33
N GLN B 113 23.92 7.21 9.39
CA GLN B 113 23.66 7.17 7.92
C GLN B 113 23.73 5.72 7.41
N LEU B 114 24.60 4.88 8.01
CA LEU B 114 24.77 3.47 7.57
C LEU B 114 23.56 2.65 8.04
N GLN B 115 23.04 2.86 9.26
CA GLN B 115 21.81 2.18 9.76
C GLN B 115 20.67 2.38 8.75
N LEU B 116 20.44 3.63 8.30
CA LEU B 116 19.38 4.01 7.32
C LEU B 116 19.66 3.33 5.98
N ASN B 117 20.93 3.31 5.54
CA ASN B 117 21.34 2.75 4.23
C ASN B 117 21.08 1.23 4.21
N ILE B 118 21.36 0.53 5.31
CA ILE B 118 21.15 -0.95 5.44
C ILE B 118 19.65 -1.22 5.52
N ALA B 119 18.90 -0.38 6.24
CA ALA B 119 17.42 -0.42 6.28
C ALA B 119 16.86 -0.32 4.85
N ALA B 120 17.38 0.62 4.05
CA ALA B 120 16.96 0.90 2.66
C ALA B 120 17.35 -0.28 1.76
N ALA B 121 18.50 -0.90 2.01
CA ALA B 121 19.05 -2.06 1.26
C ALA B 121 18.19 -3.31 1.50
N THR B 122 17.68 -3.49 2.72
CA THR B 122 16.79 -4.62 3.15
C THR B 122 15.43 -4.43 2.49
N ILE B 123 14.85 -3.24 2.69
CA ILE B 123 13.61 -2.77 2.02
C ILE B 123 13.77 -3.09 0.52
N GLN B 124 14.86 -2.65 -0.11
CA GLN B 124 15.14 -2.89 -1.54
C GLN B 124 15.00 -4.39 -1.85
N ALA B 125 15.65 -5.24 -1.04
CA ALA B 125 15.71 -6.71 -1.24
C ALA B 125 14.29 -7.31 -1.19
N LYS B 126 13.49 -6.89 -0.22
CA LYS B 126 12.11 -7.40 0.02
C LYS B 126 11.15 -6.77 -0.99
N ILE B 127 11.43 -5.56 -1.47
CA ILE B 127 10.70 -4.92 -2.62
C ILE B 127 10.81 -5.89 -3.81
N GLU B 128 12.03 -6.27 -4.18
CA GLU B 128 12.33 -7.12 -5.36
C GLU B 128 11.76 -8.54 -5.17
N ALA B 129 11.69 -8.98 -3.90
CA ALA B 129 11.07 -10.27 -3.48
C ALA B 129 9.56 -10.24 -3.80
N LYS B 130 8.88 -9.16 -3.41
CA LYS B 130 7.41 -8.99 -3.61
C LYS B 130 7.10 -8.77 -5.09
N ILE B 131 7.99 -8.11 -5.85
CA ILE B 131 7.82 -7.90 -7.32
C ILE B 131 7.78 -9.28 -8.01
N THR B 132 8.59 -10.24 -7.55
CA THR B 132 8.65 -11.63 -8.07
C THR B 132 7.54 -12.48 -7.44
N THR B 133 7.33 -12.37 -6.11
CA THR B 133 6.29 -13.12 -5.34
C THR B 133 4.91 -12.81 -5.94
N LEU B 134 4.54 -11.53 -6.02
CA LEU B 134 3.38 -11.04 -6.83
C LEU B 134 3.77 -11.12 -8.31
N LYS B 135 3.50 -10.11 -9.14
CA LYS B 135 3.86 -10.17 -10.59
C LYS B 135 4.01 -8.77 -11.22
N ASN B 136 3.86 -7.69 -10.45
CA ASN B 136 3.74 -6.29 -10.97
C ASN B 136 4.56 -5.36 -10.08
N THR B 137 4.47 -4.06 -10.34
CA THR B 137 5.04 -2.99 -9.47
C THR B 137 3.94 -2.00 -9.08
N ASP B 138 2.68 -2.26 -9.46
CA ASP B 138 1.51 -1.39 -9.21
C ASP B 138 1.44 -0.99 -7.72
N TRP B 139 1.46 -1.99 -6.84
CA TRP B 139 1.47 -1.86 -5.36
C TRP B 139 2.59 -0.92 -4.89
N LEU B 140 3.74 -0.88 -5.58
CA LEU B 140 4.88 -0.03 -5.13
C LEU B 140 4.73 1.40 -5.67
N ARG B 141 4.20 1.57 -6.89
CA ARG B 141 3.74 2.89 -7.43
C ARG B 141 2.85 3.57 -6.38
N GLN B 142 1.81 2.88 -5.92
CA GLN B 142 0.79 3.37 -4.96
C GLN B 142 1.45 3.63 -3.59
N THR B 143 2.34 2.74 -3.14
CA THR B 143 2.99 2.80 -1.81
C THR B 143 3.93 4.02 -1.74
N ILE B 144 4.76 4.23 -2.77
CA ILE B 144 5.75 5.36 -2.82
C ILE B 144 4.98 6.68 -2.98
N SER B 145 3.98 6.73 -3.88
CA SER B 145 3.07 7.89 -4.06
C SER B 145 2.54 8.29 -2.68
N ALA B 146 1.92 7.35 -1.98
CA ALA B 146 1.33 7.53 -0.63
C ALA B 146 2.37 8.10 0.33
N PHE B 147 3.59 7.53 0.33
CA PHE B 147 4.71 8.02 1.19
C PHE B 147 5.05 9.47 0.84
N VAL B 148 5.21 9.78 -0.45
CA VAL B 148 5.55 11.15 -0.96
C VAL B 148 4.52 12.15 -0.43
N LYS B 149 3.23 11.78 -0.44
CA LYS B 149 2.11 12.68 -0.05
C LYS B 149 2.06 12.86 1.48
N THR B 150 2.88 12.12 2.25
CA THR B 150 3.01 12.30 3.73
C THR B 150 3.99 13.44 4.05
N GLN B 151 4.84 13.85 3.09
CA GLN B 151 5.90 14.87 3.31
C GLN B 151 5.36 16.26 2.97
N SER B 152 5.54 17.21 3.89
CA SER B 152 4.93 18.56 3.86
C SER B 152 5.36 19.30 2.57
N ALA B 153 6.57 19.06 2.07
CA ALA B 153 7.11 19.75 0.87
C ALA B 153 6.49 19.17 -0.41
N TRP B 154 5.79 18.04 -0.32
CA TRP B 154 5.21 17.30 -1.46
C TRP B 154 3.69 17.10 -1.31
N ASN B 155 3.02 17.90 -0.46
CA ASN B 155 1.54 17.86 -0.28
C ASN B 155 1.00 19.28 -0.01
N SER B 156 -0.28 19.38 0.34
CA SER B 156 -1.05 20.64 0.47
C SER B 156 -0.41 21.59 1.48
N ASP B 157 0.33 21.07 2.47
CA ASP B 157 0.89 21.87 3.60
C ASP B 157 1.70 23.06 3.06
N SER B 158 2.50 22.87 2.01
CA SER B 158 3.35 23.93 1.39
C SER B 158 2.54 24.81 0.43
N GLU B 159 1.29 24.43 0.11
CA GLU B 159 0.36 25.18 -0.77
C GLU B 159 -0.56 26.07 0.05
N LYS B 160 -0.69 25.82 1.36
CA LYS B 160 -1.45 26.68 2.32
C LYS B 160 -0.75 28.04 2.40
N PRO B 161 -1.43 29.11 2.89
CA PRO B 161 -2.80 29.05 3.37
C PRO B 161 -3.82 29.00 2.22
N PHE B 162 -4.93 28.29 2.42
CA PHE B 162 -6.06 28.21 1.46
C PHE B 162 -6.77 29.57 1.41
N ASP B 163 -7.44 29.86 0.30
CA ASP B 163 -8.22 31.11 0.04
C ASP B 163 -9.60 30.73 -0.52
N ASP B 164 -10.43 31.72 -0.85
CA ASP B 164 -11.86 31.53 -1.22
C ASP B 164 -12.00 31.10 -2.69
N HIS B 165 -10.90 30.82 -3.39
CA HIS B 165 -10.91 30.04 -4.65
C HIS B 165 -11.77 28.79 -4.41
N LEU B 166 -12.63 28.42 -5.35
CA LEU B 166 -13.59 27.29 -5.19
C LEU B 166 -12.86 25.99 -4.84
N GLN B 167 -11.59 25.86 -5.25
CA GLN B 167 -10.73 24.66 -5.05
C GLN B 167 -9.55 25.03 -4.14
N ASN B 168 -9.78 25.93 -3.18
CA ASN B 168 -8.89 26.19 -2.01
C ASN B 168 -7.71 27.08 -2.38
N GLY B 169 -7.37 27.22 -3.66
CA GLY B 169 -6.22 28.04 -4.08
C GLY B 169 -5.84 27.84 -5.53
N ALA B 170 -5.01 28.75 -6.03
CA ALA B 170 -4.54 28.80 -7.44
C ALA B 170 -3.07 29.20 -7.49
N VAL B 171 -2.45 28.90 -8.62
CA VAL B 171 -1.04 29.22 -8.94
C VAL B 171 -1.04 29.95 -10.29
N LEU B 172 -0.31 31.06 -10.39
CA LEU B 172 -0.18 31.90 -11.60
C LEU B 172 1.15 31.63 -12.28
N TYR B 173 1.13 31.22 -13.56
CA TYR B 173 2.34 30.94 -14.39
C TYR B 173 3.04 32.25 -14.73
N ASP B 174 4.33 32.37 -14.37
CA ASP B 174 5.17 33.59 -14.57
C ASP B 174 5.39 33.80 -16.07
N ASN B 175 5.24 35.05 -16.51
CA ASN B 175 5.36 35.47 -17.94
C ASN B 175 6.79 35.24 -18.43
N GLU B 176 7.79 35.43 -17.55
CA GLU B 176 9.24 35.28 -17.85
C GLU B 176 9.84 34.26 -16.87
N GLY B 177 9.88 32.99 -17.27
CA GLY B 177 10.53 31.90 -16.51
C GLY B 177 11.82 31.44 -17.19
N LYS B 178 12.96 31.82 -16.64
CA LYS B 178 14.31 31.52 -17.21
C LYS B 178 14.46 30.00 -17.35
N LEU B 179 13.88 29.21 -16.43
CA LEU B 179 14.02 27.73 -16.38
C LEU B 179 12.87 27.04 -17.13
N THR B 180 11.84 27.78 -17.56
CA THR B 180 10.65 27.25 -18.29
C THR B 180 10.24 28.23 -19.39
N PRO B 181 11.15 28.54 -20.34
CA PRO B 181 10.88 29.56 -21.36
C PRO B 181 9.75 29.17 -22.32
N TYR B 182 9.51 27.87 -22.47
CA TYR B 182 8.41 27.25 -23.26
C TYR B 182 7.03 27.58 -22.66
N ALA B 183 6.97 28.03 -21.40
CA ALA B 183 5.73 28.40 -20.69
C ALA B 183 5.63 29.92 -20.55
N ASN B 184 6.51 30.68 -21.21
CA ASN B 184 6.49 32.16 -21.17
C ASN B 184 5.28 32.69 -21.95
N SER B 185 4.90 33.93 -21.70
CA SER B 185 3.79 34.65 -22.37
C SER B 185 4.02 36.15 -22.25
N ASN B 186 3.58 36.92 -23.25
CA ASN B 186 3.59 38.41 -23.22
C ASN B 186 2.21 38.92 -22.77
N TYR B 187 1.33 38.05 -22.27
CA TYR B 187 -0.09 38.37 -21.94
C TYR B 187 -0.40 37.95 -20.50
N ARG B 188 -1.30 36.99 -20.29
CA ARG B 188 -1.83 36.63 -18.96
C ARG B 188 -2.33 37.91 -18.27
N ILE B 189 -3.05 38.74 -19.02
CA ILE B 189 -3.72 39.98 -18.50
C ILE B 189 -4.99 39.52 -17.76
N LEU B 190 -5.01 39.66 -16.43
CA LEU B 190 -6.00 39.05 -15.51
C LEU B 190 -7.17 40.02 -15.22
N ASN B 191 -8.32 39.45 -14.85
CA ASN B 191 -9.48 40.16 -14.25
C ASN B 191 -10.03 41.21 -15.20
N ARG B 192 -9.93 41.01 -16.52
CA ARG B 192 -10.50 41.92 -17.56
C ARG B 192 -11.97 41.58 -17.80
N THR B 193 -12.76 41.63 -16.72
CA THR B 193 -14.23 41.50 -16.69
C THR B 193 -14.85 42.64 -17.51
N PRO B 194 -16.13 42.58 -17.90
CA PRO B 194 -16.75 43.72 -18.58
C PRO B 194 -16.56 45.02 -17.78
N THR B 195 -16.72 44.97 -16.45
CA THR B 195 -16.53 46.11 -15.52
C THR B 195 -15.11 46.66 -15.63
N ASN B 196 -14.12 45.77 -15.75
CA ASN B 196 -12.68 46.06 -15.56
C ASN B 196 -11.88 45.78 -16.84
N GLN B 197 -12.55 45.82 -18.01
CA GLN B 197 -11.98 45.35 -19.31
C GLN B 197 -10.70 46.12 -19.65
N THR B 198 -10.62 47.41 -19.31
CA THR B 198 -9.47 48.29 -19.63
C THR B 198 -8.40 48.23 -18.53
N GLY B 199 -8.58 47.41 -17.48
CA GLY B 199 -7.62 47.29 -16.38
C GLY B 199 -7.90 48.29 -15.26
N LYS B 200 -8.92 49.13 -15.44
CA LYS B 200 -9.48 49.96 -14.33
C LYS B 200 -11.00 49.85 -14.40
N LYS B 201 -11.65 50.07 -13.27
CA LYS B 201 -13.12 49.95 -13.09
C LYS B 201 -13.81 50.95 -14.03
N ASP B 202 -14.81 50.52 -14.78
CA ASP B 202 -15.53 51.42 -15.73
C ASP B 202 -16.30 52.46 -14.93
N PRO B 203 -16.08 53.77 -15.14
CA PRO B 203 -16.82 54.78 -14.41
C PRO B 203 -18.30 54.87 -14.80
N ARG B 204 -18.69 54.25 -15.93
CA ARG B 204 -20.07 54.30 -16.45
C ARG B 204 -21.03 53.44 -15.60
N TYR B 205 -20.55 52.42 -14.90
CA TYR B 205 -21.41 51.40 -14.25
C TYR B 205 -21.13 51.37 -12.76
N THR B 206 -22.12 51.76 -11.97
CA THR B 206 -22.01 52.06 -10.52
C THR B 206 -22.87 51.11 -9.70
N ALA B 207 -23.67 50.22 -10.31
CA ALA B 207 -24.54 49.28 -9.58
C ALA B 207 -23.70 48.26 -8.81
N ASP B 208 -22.47 47.97 -9.25
CA ASP B 208 -21.55 47.01 -8.60
C ASP B 208 -20.23 47.72 -8.27
N ASN B 209 -20.02 47.98 -6.97
CA ASN B 209 -18.81 48.47 -6.26
C ASN B 209 -17.51 47.82 -6.75
N THR B 210 -17.56 46.55 -7.10
CA THR B 210 -16.39 45.65 -7.26
C THR B 210 -15.85 45.77 -8.69
N ILE B 211 -14.82 45.00 -9.02
CA ILE B 211 -14.27 44.91 -10.40
C ILE B 211 -15.11 43.90 -11.19
N GLY B 212 -16.18 43.37 -10.61
CA GLY B 212 -17.24 42.68 -11.34
C GLY B 212 -16.82 41.31 -11.84
N GLY B 213 -16.01 40.62 -11.03
CA GLY B 213 -15.58 39.23 -11.25
C GLY B 213 -14.17 39.00 -10.75
N TYR B 214 -13.54 37.91 -11.21
CA TYR B 214 -12.20 37.43 -10.80
C TYR B 214 -11.76 36.34 -11.78
N GLU B 215 -10.45 36.29 -12.08
CA GLU B 215 -9.89 35.49 -13.19
C GLU B 215 -9.99 33.99 -12.89
N PHE B 216 -9.52 33.55 -11.72
CA PHE B 216 -9.34 32.11 -11.38
C PHE B 216 -10.61 31.55 -10.75
N LEU B 217 -11.35 30.74 -11.52
CA LEU B 217 -12.64 30.14 -11.10
C LEU B 217 -12.38 28.68 -10.74
N LEU B 218 -12.00 27.88 -11.74
CA LEU B 218 -11.87 26.39 -11.65
C LEU B 218 -10.74 25.91 -12.56
N ALA B 219 -10.07 24.82 -12.13
CA ALA B 219 -9.20 23.97 -12.96
C ALA B 219 -8.15 24.82 -13.68
N ASN B 220 -7.81 24.47 -14.92
CA ASN B 220 -6.77 25.17 -15.72
C ASN B 220 -7.42 26.40 -16.36
N ASP B 221 -6.94 27.59 -15.98
CA ASP B 221 -7.54 28.88 -16.39
C ASP B 221 -6.96 29.31 -17.73
N VAL B 222 -7.80 29.28 -18.77
CA VAL B 222 -7.42 29.66 -20.16
C VAL B 222 -7.12 31.17 -20.18
N ASP B 223 -6.00 31.56 -20.79
CA ASP B 223 -5.60 32.97 -20.97
C ASP B 223 -6.32 33.53 -22.20
N ASN B 224 -7.54 34.04 -22.00
CA ASN B 224 -8.36 34.66 -23.06
C ASN B 224 -7.89 36.09 -23.33
N SER B 225 -6.77 36.53 -22.75
CA SER B 225 -6.09 37.80 -23.12
C SER B 225 -5.06 37.54 -24.23
N ASN B 226 -4.75 36.28 -24.52
CA ASN B 226 -3.76 35.90 -25.56
C ASN B 226 -4.43 35.97 -26.93
N PRO B 227 -3.97 36.84 -27.85
CA PRO B 227 -4.62 37.00 -29.15
C PRO B 227 -4.77 35.71 -29.97
N VAL B 228 -3.85 34.76 -29.78
CA VAL B 228 -3.88 33.43 -30.46
C VAL B 228 -5.03 32.61 -29.86
N VAL B 229 -5.21 32.67 -28.54
CA VAL B 229 -6.32 31.96 -27.84
C VAL B 229 -7.65 32.60 -28.26
N GLN B 230 -7.70 33.93 -28.37
CA GLN B 230 -8.93 34.65 -28.79
C GLN B 230 -9.37 34.12 -30.15
N ALA B 231 -8.45 34.05 -31.12
CA ALA B 231 -8.72 33.49 -32.46
C ALA B 231 -9.27 32.07 -32.36
N GLU B 232 -8.68 31.24 -31.48
CA GLU B 232 -9.10 29.82 -31.32
C GLU B 232 -10.51 29.75 -30.71
N GLN B 233 -10.86 30.67 -29.81
CA GLN B 233 -12.22 30.71 -29.20
C GLN B 233 -13.23 31.02 -30.32
N LEU B 234 -12.88 31.95 -31.24
CA LEU B 234 -13.72 32.25 -32.42
C LEU B 234 -13.81 31.01 -33.30
N ASN B 235 -12.68 30.32 -33.53
CA ASN B 235 -12.63 29.08 -34.34
C ASN B 235 -13.65 28.10 -33.78
N TRP B 236 -13.60 27.89 -32.47
CA TRP B 236 -14.52 26.99 -31.71
C TRP B 236 -15.96 27.48 -31.83
N LEU B 237 -16.19 28.79 -31.71
CA LEU B 237 -17.54 29.39 -31.86
C LEU B 237 -18.10 29.02 -33.25
N HIS B 238 -17.32 29.26 -34.31
CA HIS B 238 -17.72 28.94 -35.72
C HIS B 238 -18.07 27.45 -35.83
N PHE B 239 -17.22 26.59 -35.27
CA PHE B 239 -17.39 25.12 -35.24
C PHE B 239 -18.77 24.78 -34.67
N LEU B 240 -19.13 25.31 -33.49
CA LEU B 240 -20.41 24.98 -32.80
C LEU B 240 -21.59 25.47 -33.64
N MET B 241 -21.49 26.63 -34.27
CA MET B 241 -22.60 27.23 -35.07
C MET B 241 -22.69 26.51 -36.43
N ASN B 242 -21.73 25.65 -36.75
CA ASN B 242 -21.72 24.85 -38.00
C ASN B 242 -21.50 23.37 -37.69
N PHE B 243 -21.80 22.92 -36.47
CA PHE B 243 -21.51 21.55 -35.99
C PHE B 243 -22.06 20.52 -36.99
N GLY B 244 -23.33 20.68 -37.37
CA GLY B 244 -24.02 19.83 -38.35
C GLY B 244 -23.23 19.72 -39.65
N ASN B 245 -22.89 20.84 -40.29
CA ASN B 245 -22.16 20.86 -41.59
C ASN B 245 -20.81 20.13 -41.42
N ILE B 246 -20.11 20.38 -40.33
CA ILE B 246 -18.70 19.92 -40.13
C ILE B 246 -18.71 18.45 -39.73
N TYR B 247 -19.49 18.05 -38.73
CA TYR B 247 -19.43 16.66 -38.19
C TYR B 247 -20.19 15.70 -39.11
N ALA B 248 -21.44 15.99 -39.46
CA ALA B 248 -22.40 15.05 -40.09
C ALA B 248 -22.75 15.48 -41.53
N ASN B 249 -22.07 16.48 -42.07
CA ASN B 249 -22.38 17.07 -43.39
C ASN B 249 -23.89 17.31 -43.51
N ASP B 250 -24.53 17.79 -42.43
CA ASP B 250 -26.00 17.97 -42.33
C ASP B 250 -26.30 19.40 -41.88
N PRO B 251 -26.82 20.27 -42.78
CA PRO B 251 -27.06 21.67 -42.42
C PRO B 251 -28.22 21.88 -41.45
N ASP B 252 -29.02 20.84 -41.16
CA ASP B 252 -30.17 20.89 -40.21
C ASP B 252 -29.72 20.47 -38.80
N ALA B 253 -28.43 20.22 -38.55
CA ALA B 253 -27.90 19.77 -37.24
C ALA B 253 -26.93 20.80 -36.64
N ASN B 254 -26.97 22.05 -37.10
CA ASN B 254 -26.16 23.16 -36.54
C ASN B 254 -26.85 23.70 -35.28
N PHE B 255 -26.07 24.04 -34.25
CA PHE B 255 -26.50 24.94 -33.14
C PHE B 255 -26.81 26.32 -33.73
N ASP B 256 -27.90 26.95 -33.29
CA ASP B 256 -28.40 28.24 -33.84
C ASP B 256 -27.85 29.41 -33.02
N SER B 257 -27.53 29.18 -31.75
CA SER B 257 -27.24 30.25 -30.76
C SER B 257 -26.20 29.76 -29.75
N ILE B 258 -25.68 30.68 -28.93
CA ILE B 258 -24.69 30.33 -27.88
C ILE B 258 -25.11 30.93 -26.54
N ARG B 259 -24.65 30.28 -25.47
CA ARG B 259 -24.59 30.80 -24.08
C ARG B 259 -23.12 31.08 -23.77
N VAL B 260 -22.79 32.29 -23.36
CA VAL B 260 -21.42 32.64 -22.89
C VAL B 260 -21.35 32.30 -21.40
N ASP B 261 -20.67 31.21 -21.07
CA ASP B 261 -20.48 30.72 -19.69
C ASP B 261 -19.42 31.59 -19.00
N ALA B 262 -19.66 31.91 -17.72
CA ALA B 262 -18.66 32.47 -16.78
C ALA B 262 -18.06 33.76 -17.33
N VAL B 263 -18.90 34.67 -17.82
CA VAL B 263 -18.48 35.96 -18.41
C VAL B 263 -17.58 36.71 -17.41
N ASP B 264 -17.92 36.69 -16.12
CA ASP B 264 -17.21 37.49 -15.09
C ASP B 264 -15.86 36.85 -14.71
N ASN B 265 -15.47 35.73 -15.33
CA ASN B 265 -14.20 35.04 -15.01
C ASN B 265 -13.28 35.01 -16.22
N VAL B 266 -13.62 35.68 -17.33
CA VAL B 266 -12.81 35.64 -18.58
C VAL B 266 -12.61 37.05 -19.11
N ASP B 267 -11.65 37.23 -20.02
CA ASP B 267 -11.39 38.52 -20.70
C ASP B 267 -12.63 38.86 -21.55
N ALA B 268 -13.24 40.03 -21.30
CA ALA B 268 -14.51 40.48 -21.92
C ALA B 268 -14.33 40.78 -23.41
N ASP B 269 -13.10 40.75 -23.93
CA ASP B 269 -12.84 40.85 -25.40
C ASP B 269 -13.64 39.75 -26.12
N LEU B 270 -13.84 38.61 -25.48
CA LEU B 270 -14.65 37.49 -26.05
C LEU B 270 -16.07 37.97 -26.35
N LEU B 271 -16.55 39.03 -25.70
CA LEU B 271 -17.94 39.52 -25.91
C LEU B 271 -18.02 40.29 -27.23
N GLN B 272 -17.01 41.11 -27.54
CA GLN B 272 -16.92 41.80 -28.86
C GLN B 272 -16.68 40.76 -29.96
N ILE B 273 -15.87 39.74 -29.68
CA ILE B 273 -15.50 38.66 -30.65
C ILE B 273 -16.78 37.89 -31.03
N ALA B 274 -17.58 37.49 -30.04
CA ALA B 274 -18.82 36.72 -30.27
C ALA B 274 -19.86 37.62 -30.94
N GLY B 275 -20.00 38.86 -30.49
CA GLY B 275 -20.98 39.82 -31.04
C GLY B 275 -20.67 40.12 -32.50
N ASP B 276 -19.40 40.43 -32.77
CA ASP B 276 -18.89 40.64 -34.15
C ASP B 276 -19.23 39.42 -35.01
N TYR B 277 -19.04 38.22 -34.48
CA TYR B 277 -19.22 36.97 -35.26
C TYR B 277 -20.70 36.84 -35.63
N LEU B 278 -21.59 36.97 -34.65
CA LEU B 278 -23.06 36.89 -34.85
C LEU B 278 -23.50 37.94 -35.87
N LYS B 279 -22.92 39.14 -35.84
CA LYS B 279 -23.28 40.23 -36.78
C LYS B 279 -22.80 39.87 -38.19
N ALA B 280 -21.53 39.46 -38.33
CA ALA B 280 -20.89 39.18 -39.64
C ALA B 280 -21.49 37.90 -40.26
N ALA B 281 -21.55 36.80 -39.50
CA ALA B 281 -21.96 35.48 -40.02
C ALA B 281 -23.49 35.39 -40.09
N LYS B 282 -24.23 35.90 -39.11
CA LYS B 282 -25.70 35.65 -39.03
C LYS B 282 -26.53 36.92 -39.32
N GLY B 283 -25.91 38.11 -39.41
CA GLY B 283 -26.59 39.37 -39.74
C GLY B 283 -27.65 39.77 -38.71
N ILE B 284 -27.41 39.51 -37.42
CA ILE B 284 -28.42 39.77 -36.34
C ILE B 284 -28.71 41.28 -36.21
N HIS B 285 -27.81 42.14 -36.69
N HIS B 285 -27.82 42.16 -36.68
CA HIS B 285 -27.92 43.62 -36.59
CA HIS B 285 -27.93 43.64 -36.57
C HIS B 285 -28.88 44.17 -37.64
C HIS B 285 -28.84 44.21 -37.67
N LYS B 286 -29.24 43.38 -38.64
CA LYS B 286 -30.02 43.82 -39.83
C LYS B 286 -31.49 43.94 -39.44
N ASN B 287 -32.05 42.91 -38.82
CA ASN B 287 -33.49 42.86 -38.47
C ASN B 287 -33.73 41.82 -37.36
N ASP B 288 -34.92 41.86 -36.76
CA ASP B 288 -35.29 41.02 -35.59
C ASP B 288 -35.41 39.56 -36.04
N LYS B 289 -35.75 39.30 -37.30
CA LYS B 289 -35.88 37.91 -37.84
C LYS B 289 -34.54 37.18 -37.68
N ALA B 290 -33.45 37.81 -38.13
CA ALA B 290 -32.06 37.31 -38.02
C ALA B 290 -31.68 37.19 -36.54
N ALA B 291 -31.86 38.25 -35.76
CA ALA B 291 -31.50 38.29 -34.32
C ALA B 291 -32.20 37.16 -33.57
N ASN B 292 -33.50 37.02 -33.76
CA ASN B 292 -34.35 36.08 -32.98
C ASN B 292 -34.08 34.63 -33.45
N ASP B 293 -33.53 34.44 -34.65
CA ASP B 293 -33.12 33.11 -35.15
C ASP B 293 -31.80 32.66 -34.53
N HIS B 294 -31.04 33.56 -33.88
CA HIS B 294 -29.73 33.26 -33.25
C HIS B 294 -29.65 33.94 -31.87
N LEU B 295 -30.72 33.86 -31.08
CA LEU B 295 -30.84 34.58 -29.78
C LEU B 295 -29.86 33.95 -28.79
N SER B 296 -28.80 34.68 -28.46
CA SER B 296 -27.67 34.20 -27.62
C SER B 296 -27.67 34.95 -26.28
N ILE B 297 -27.24 34.28 -25.21
CA ILE B 297 -27.36 34.80 -23.81
C ILE B 297 -25.99 34.80 -23.15
N LEU B 298 -25.84 35.64 -22.13
CA LEU B 298 -24.71 35.59 -21.16
C LEU B 298 -25.23 35.00 -19.86
N GLU B 299 -24.33 34.33 -19.13
CA GLU B 299 -24.39 34.15 -17.65
C GLU B 299 -23.39 35.14 -17.05
N ALA B 300 -23.85 36.38 -16.79
CA ALA B 300 -23.05 37.49 -16.27
C ALA B 300 -23.71 38.03 -15.00
N TRP B 301 -23.15 37.70 -13.84
CA TRP B 301 -23.75 37.91 -12.49
C TRP B 301 -23.63 39.36 -12.03
N SER B 302 -22.56 40.08 -12.36
CA SER B 302 -22.39 41.51 -11.94
C SER B 302 -23.54 42.36 -12.48
N ASP B 303 -24.04 43.29 -11.68
CA ASP B 303 -25.18 44.18 -12.04
C ASP B 303 -24.71 45.24 -13.06
N ASN B 304 -23.40 45.32 -13.31
CA ASN B 304 -22.80 46.19 -14.34
C ASN B 304 -22.90 45.55 -15.73
N ASP B 305 -23.10 44.24 -15.82
CA ASP B 305 -22.92 43.49 -17.10
C ASP B 305 -24.07 43.80 -18.05
N THR B 306 -25.30 43.96 -17.55
CA THR B 306 -26.47 44.27 -18.41
C THR B 306 -26.26 45.63 -19.08
N PRO B 307 -26.08 46.74 -18.33
CA PRO B 307 -25.83 48.03 -18.97
C PRO B 307 -24.58 48.03 -19.89
N TYR B 308 -23.53 47.30 -19.51
CA TYR B 308 -22.33 47.08 -20.37
C TYR B 308 -22.80 46.51 -21.72
N LEU B 309 -23.59 45.44 -21.67
CA LEU B 309 -24.02 44.66 -22.86
C LEU B 309 -24.96 45.54 -23.68
N HIS B 310 -25.78 46.36 -23.02
CA HIS B 310 -26.70 47.31 -23.71
C HIS B 310 -25.87 48.31 -24.52
N ASP B 311 -24.86 48.94 -23.92
CA ASP B 311 -23.99 49.93 -24.60
C ASP B 311 -23.24 49.25 -25.75
N ASP B 312 -22.84 47.99 -25.58
CA ASP B 312 -22.06 47.20 -26.56
C ASP B 312 -22.92 46.89 -27.80
N GLY B 313 -24.25 47.00 -27.74
CA GLY B 313 -25.16 46.90 -28.90
C GLY B 313 -26.24 45.83 -28.80
N ASP B 314 -26.52 45.29 -27.61
CA ASP B 314 -27.54 44.22 -27.40
C ASP B 314 -27.35 43.13 -28.45
N ASN B 315 -26.10 42.70 -28.65
CA ASN B 315 -25.75 41.57 -29.55
C ASN B 315 -26.08 40.25 -28.84
N MET B 316 -26.19 40.29 -27.52
CA MET B 316 -26.65 39.16 -26.69
C MET B 316 -27.50 39.72 -25.55
N ILE B 317 -28.23 38.87 -24.83
CA ILE B 317 -29.07 39.29 -23.67
C ILE B 317 -28.50 38.65 -22.39
N ASN B 318 -28.59 39.38 -21.28
CA ASN B 318 -28.16 38.91 -19.94
C ASN B 318 -29.40 38.48 -19.13
N MET B 319 -29.19 37.79 -18.02
CA MET B 319 -30.21 37.54 -16.98
C MET B 319 -30.66 38.87 -16.38
N ASP B 320 -31.89 38.91 -15.88
CA ASP B 320 -32.38 39.98 -14.97
C ASP B 320 -32.12 39.50 -13.54
N ASN B 321 -30.96 39.86 -13.00
CA ASN B 321 -30.51 39.38 -11.67
C ASN B 321 -31.38 39.99 -10.59
N LYS B 322 -31.79 41.25 -10.75
CA LYS B 322 -32.65 41.96 -9.77
C LYS B 322 -33.98 41.21 -9.61
N LEU B 323 -34.63 40.85 -10.73
CA LEU B 323 -35.94 40.17 -10.66
C LEU B 323 -35.76 38.80 -10.03
N ARG B 324 -34.65 38.12 -10.31
CA ARG B 324 -34.33 36.80 -9.71
C ARG B 324 -34.28 36.95 -8.19
N LEU B 325 -33.53 37.93 -7.69
CA LEU B 325 -33.38 38.19 -6.24
C LEU B 325 -34.72 38.62 -5.63
N SER B 326 -35.52 39.38 -6.37
CA SER B 326 -36.86 39.84 -5.93
C SER B 326 -37.76 38.62 -5.73
N LEU B 327 -37.83 37.74 -6.73
CA LEU B 327 -38.59 36.46 -6.65
C LEU B 327 -38.07 35.63 -5.47
N LEU B 328 -36.76 35.40 -5.41
CA LEU B 328 -36.13 34.52 -4.40
C LEU B 328 -36.53 34.99 -2.99
N PHE B 329 -36.44 36.30 -2.71
CA PHE B 329 -36.61 36.83 -1.33
C PHE B 329 -38.09 37.14 -1.03
N SER B 330 -38.92 37.39 -2.04
CA SER B 330 -40.37 37.71 -1.85
C SER B 330 -41.18 36.41 -1.74
N LEU B 331 -40.77 35.36 -2.44
CA LEU B 331 -41.61 34.14 -2.62
C LEU B 331 -40.93 32.88 -2.06
N ALA B 332 -39.65 32.65 -2.36
CA ALA B 332 -39.00 31.32 -2.23
C ALA B 332 -38.40 31.11 -0.83
N LYS B 333 -37.96 32.18 -0.17
CA LYS B 333 -37.28 32.08 1.14
C LYS B 333 -38.26 31.58 2.20
N PRO B 334 -37.76 31.03 3.33
CA PRO B 334 -38.58 30.71 4.49
C PRO B 334 -39.38 31.91 5.00
N LEU B 335 -40.50 31.65 5.68
CA LEU B 335 -41.55 32.65 5.99
C LEU B 335 -40.99 33.84 6.79
N ASN B 336 -39.98 33.64 7.63
CA ASN B 336 -39.47 34.71 8.53
C ASN B 336 -38.28 35.44 7.89
N GLN B 337 -37.79 34.97 6.74
CA GLN B 337 -36.71 35.63 5.94
C GLN B 337 -37.31 36.31 4.69
N ARG B 338 -38.62 36.29 4.56
CA ARG B 338 -39.33 36.72 3.33
C ARG B 338 -39.53 38.24 3.38
N SER B 339 -39.24 38.92 2.28
CA SER B 339 -39.38 40.38 2.12
C SER B 339 -40.83 40.76 1.80
N GLY B 340 -41.12 42.05 1.76
CA GLY B 340 -42.36 42.59 1.15
C GLY B 340 -42.46 42.16 -0.31
N MET B 341 -43.61 42.37 -0.93
CA MET B 341 -43.89 41.90 -2.30
C MET B 341 -43.49 42.95 -3.35
N ASN B 342 -43.39 44.22 -2.98
CA ASN B 342 -43.27 45.33 -3.96
C ASN B 342 -42.02 45.19 -4.83
N PRO B 343 -40.91 44.57 -4.37
CA PRO B 343 -39.76 44.34 -5.25
C PRO B 343 -40.11 43.57 -6.55
N LEU B 344 -41.11 42.70 -6.49
CA LEU B 344 -41.57 41.89 -7.65
C LEU B 344 -41.98 42.83 -8.80
N ILE B 345 -42.43 44.04 -8.44
CA ILE B 345 -42.88 45.10 -9.40
C ILE B 345 -41.66 45.92 -9.83
N THR B 346 -40.89 46.44 -8.88
CA THR B 346 -39.96 47.58 -9.09
C THR B 346 -38.49 47.15 -9.08
N ASN B 347 -38.10 46.07 -8.41
CA ASN B 347 -36.68 45.62 -8.38
C ASN B 347 -36.44 44.64 -9.53
N SER B 348 -36.17 45.20 -10.71
CA SER B 348 -36.07 44.49 -12.01
C SER B 348 -35.44 45.44 -13.02
N LEU B 349 -34.94 44.94 -14.16
CA LEU B 349 -34.51 45.83 -15.28
C LEU B 349 -35.70 46.67 -15.75
N VAL B 350 -36.93 46.18 -15.55
CA VAL B 350 -38.17 46.85 -16.04
C VAL B 350 -39.10 47.06 -14.84
N ASN B 351 -39.52 48.31 -14.63
CA ASN B 351 -40.55 48.65 -13.61
C ASN B 351 -41.91 48.28 -14.22
N ARG B 352 -42.57 47.25 -13.68
CA ARG B 352 -43.77 46.64 -14.31
C ARG B 352 -45.05 47.24 -13.72
N THR B 353 -44.95 48.36 -13.01
CA THR B 353 -46.13 49.13 -12.51
C THR B 353 -47.07 49.42 -13.68
N ASP B 354 -46.58 50.00 -14.77
CA ASP B 354 -47.35 50.22 -16.03
C ASP B 354 -46.39 50.09 -17.20
N ASP B 355 -46.24 48.89 -17.74
CA ASP B 355 -45.33 48.56 -18.87
C ASP B 355 -46.17 48.62 -20.15
N ASN B 356 -46.10 49.74 -20.86
CA ASN B 356 -46.95 50.01 -22.05
C ASN B 356 -46.06 50.16 -23.30
N ALA B 357 -44.78 49.80 -23.21
CA ALA B 357 -43.77 50.09 -24.24
C ALA B 357 -43.88 49.05 -25.35
N GLU B 358 -43.89 49.47 -26.62
CA GLU B 358 -43.82 48.56 -27.78
C GLU B 358 -42.50 47.79 -27.67
N THR B 359 -41.41 48.47 -27.31
CA THR B 359 -40.06 47.89 -27.11
C THR B 359 -39.50 48.33 -25.76
N ALA B 360 -39.12 47.39 -24.89
CA ALA B 360 -38.55 47.69 -23.56
C ALA B 360 -37.17 48.33 -23.75
N ALA B 361 -36.71 49.10 -22.77
CA ALA B 361 -35.39 49.79 -22.77
C ALA B 361 -34.27 48.76 -22.98
N VAL B 362 -34.29 47.64 -22.25
CA VAL B 362 -33.20 46.63 -22.27
C VAL B 362 -33.79 45.24 -22.41
N PRO B 363 -33.26 44.38 -23.29
CA PRO B 363 -33.73 43.01 -23.38
C PRO B 363 -33.03 42.15 -22.31
N SER B 364 -33.68 41.07 -21.91
CA SER B 364 -33.22 40.17 -20.81
C SER B 364 -33.94 38.83 -20.89
N TYR B 365 -33.39 37.83 -20.20
CA TYR B 365 -34.11 36.60 -19.81
C TYR B 365 -34.24 36.58 -18.28
N SER B 366 -35.33 35.98 -17.81
CA SER B 366 -35.72 35.88 -16.38
C SER B 366 -35.79 34.41 -15.95
N PHE B 367 -35.34 34.09 -14.75
CA PHE B 367 -35.46 32.75 -14.14
C PHE B 367 -35.49 32.86 -12.61
N ILE B 368 -35.96 31.79 -11.97
CA ILE B 368 -35.93 31.63 -10.48
C ILE B 368 -34.84 30.62 -10.09
N ARG B 369 -34.69 29.53 -10.86
CA ARG B 369 -33.61 28.53 -10.69
C ARG B 369 -33.01 28.18 -12.06
N ALA B 370 -31.79 27.64 -12.02
CA ALA B 370 -31.04 27.08 -13.16
C ALA B 370 -30.19 25.90 -12.68
N HIS B 371 -29.49 25.25 -13.58
CA HIS B 371 -28.69 24.04 -13.28
C HIS B 371 -27.75 24.32 -12.10
N ASP B 372 -27.18 25.54 -12.03
CA ASP B 372 -26.21 25.94 -10.97
C ASP B 372 -26.91 26.78 -9.89
N SER B 373 -27.82 27.69 -10.26
CA SER B 373 -28.42 28.69 -9.33
C SER B 373 -29.60 28.08 -8.55
N GLU B 374 -29.49 28.03 -7.22
CA GLU B 374 -30.53 27.54 -6.27
C GLU B 374 -30.80 26.04 -6.47
N VAL B 375 -29.76 25.28 -6.82
CA VAL B 375 -29.77 23.80 -6.80
C VAL B 375 -28.56 23.34 -5.99
N GLN B 376 -27.37 23.45 -6.56
CA GLN B 376 -26.10 23.06 -5.89
C GLN B 376 -25.92 23.88 -4.60
N ASP B 377 -26.41 25.12 -4.54
CA ASP B 377 -26.40 25.96 -3.32
C ASP B 377 -27.23 25.27 -2.21
N LEU B 378 -28.34 24.63 -2.56
CA LEU B 378 -29.28 23.98 -1.60
C LEU B 378 -28.66 22.65 -1.13
N ILE B 379 -28.09 21.88 -2.05
CA ILE B 379 -27.34 20.62 -1.76
C ILE B 379 -26.18 20.94 -0.80
N ARG B 380 -25.45 22.03 -1.03
CA ARG B 380 -24.33 22.49 -0.16
C ARG B 380 -24.86 22.80 1.24
N ASP B 381 -25.94 23.57 1.34
CA ASP B 381 -26.63 23.89 2.62
C ASP B 381 -26.94 22.59 3.36
N ILE B 382 -27.45 21.57 2.66
CA ILE B 382 -27.85 20.27 3.26
C ILE B 382 -26.59 19.52 3.71
N ILE B 383 -25.57 19.44 2.86
CA ILE B 383 -24.30 18.75 3.19
C ILE B 383 -23.65 19.44 4.38
N LYS B 384 -23.43 20.76 4.31
CA LYS B 384 -22.73 21.55 5.35
C LYS B 384 -23.49 21.44 6.68
N ALA B 385 -24.81 21.20 6.64
CA ALA B 385 -25.67 21.07 7.84
C ALA B 385 -25.56 19.65 8.41
N GLU B 386 -26.08 18.63 7.72
CA GLU B 386 -26.20 17.31 8.36
C GLU B 386 -25.24 16.24 7.84
N ILE B 387 -24.22 16.57 7.06
CA ILE B 387 -23.31 15.49 6.57
C ILE B 387 -21.85 15.86 6.89
N ASN B 388 -21.22 16.64 6.03
CA ASN B 388 -19.81 17.08 6.16
C ASN B 388 -19.79 18.60 6.39
N PRO B 389 -19.66 19.08 7.66
CA PRO B 389 -19.65 20.51 7.95
C PRO B 389 -18.46 21.29 7.38
N ASN B 390 -17.41 20.61 6.93
CA ASN B 390 -16.15 21.21 6.40
C ASN B 390 -16.10 21.11 4.88
N VAL B 391 -17.25 20.92 4.23
CA VAL B 391 -17.32 20.72 2.75
C VAL B 391 -16.76 21.99 2.08
N VAL B 392 -15.87 21.81 1.10
CA VAL B 392 -15.14 22.90 0.40
C VAL B 392 -15.94 23.29 -0.85
N GLY B 393 -16.39 24.54 -0.92
CA GLY B 393 -17.17 25.10 -2.05
C GLY B 393 -18.22 24.11 -2.53
N TYR B 394 -18.14 23.71 -3.80
CA TYR B 394 -19.09 22.76 -4.43
C TYR B 394 -18.35 21.47 -4.79
N SER B 395 -17.18 21.22 -4.18
CA SER B 395 -16.35 20.02 -4.40
C SER B 395 -16.92 18.84 -3.60
N PHE B 396 -18.14 18.41 -3.92
CA PHE B 396 -18.86 17.30 -3.26
C PHE B 396 -18.30 15.98 -3.78
N THR B 397 -18.43 14.91 -3.00
CA THR B 397 -18.23 13.50 -3.42
C THR B 397 -19.61 12.94 -3.78
N MET B 398 -19.66 11.93 -4.65
CA MET B 398 -20.92 11.30 -5.13
C MET B 398 -21.76 10.83 -3.94
N GLU B 399 -21.13 10.39 -2.86
CA GLU B 399 -21.83 9.73 -1.72
C GLU B 399 -22.48 10.83 -0.87
N GLU B 400 -21.80 11.98 -0.70
CA GLU B 400 -22.34 13.20 -0.06
C GLU B 400 -23.62 13.64 -0.82
N ILE B 401 -23.56 13.62 -2.15
CA ILE B 401 -24.68 14.01 -3.06
C ILE B 401 -25.86 13.05 -2.86
N LYS B 402 -25.61 11.75 -2.91
CA LYS B 402 -26.68 10.72 -2.87
C LYS B 402 -27.47 10.88 -1.57
N LYS B 403 -26.76 11.15 -0.47
CA LYS B 403 -27.36 11.20 0.90
C LYS B 403 -28.09 12.54 1.06
N ALA B 404 -27.49 13.63 0.59
CA ALA B 404 -28.09 14.99 0.57
C ALA B 404 -29.45 14.94 -0.14
N PHE B 405 -29.54 14.21 -1.25
CA PHE B 405 -30.76 14.14 -2.10
C PHE B 405 -31.91 13.40 -1.39
N GLU B 406 -31.65 12.57 -0.37
CA GLU B 406 -32.73 11.91 0.42
C GLU B 406 -33.44 12.99 1.25
N ILE B 407 -32.66 13.90 1.84
CA ILE B 407 -33.14 15.04 2.67
C ILE B 407 -33.85 16.03 1.75
N TYR B 408 -33.18 16.44 0.67
CA TYR B 408 -33.69 17.34 -0.40
C TYR B 408 -35.07 16.85 -0.87
N ASN B 409 -35.16 15.60 -1.31
CA ASN B 409 -36.36 15.05 -2.02
C ASN B 409 -37.53 14.97 -1.04
N LYS B 410 -37.25 14.76 0.25
CA LYS B 410 -38.29 14.72 1.30
C LYS B 410 -38.75 16.15 1.61
N ASP B 411 -37.81 17.09 1.70
CA ASP B 411 -38.07 18.53 1.94
C ASP B 411 -38.97 19.08 0.82
N LEU B 412 -38.74 18.69 -0.44
CA LEU B 412 -39.55 19.15 -1.60
C LEU B 412 -41.05 18.97 -1.30
N LEU B 413 -41.43 17.87 -0.63
CA LEU B 413 -42.85 17.46 -0.42
C LEU B 413 -43.39 17.96 0.92
N ALA B 414 -42.54 18.55 1.77
CA ALA B 414 -42.95 19.16 3.06
C ALA B 414 -43.70 20.47 2.81
N THR B 415 -44.67 20.78 3.67
CA THR B 415 -45.31 22.12 3.79
C THR B 415 -44.30 23.08 4.43
N GLU B 416 -43.69 22.70 5.56
CA GLU B 416 -42.59 23.48 6.19
C GLU B 416 -41.27 22.97 5.62
N LYS B 417 -40.73 23.69 4.63
CA LYS B 417 -39.45 23.34 3.95
C LYS B 417 -38.33 24.02 4.73
N LYS B 418 -37.23 23.30 4.97
CA LYS B 418 -36.06 23.83 5.73
C LYS B 418 -34.92 24.15 4.77
N TYR B 419 -34.92 23.62 3.55
CA TYR B 419 -33.82 23.76 2.57
C TYR B 419 -34.30 24.26 1.21
N THR B 420 -35.46 23.81 0.72
CA THR B 420 -35.90 23.97 -0.69
C THR B 420 -36.86 25.16 -0.83
N HIS B 421 -37.10 25.60 -2.06
CA HIS B 421 -37.87 26.83 -2.39
C HIS B 421 -39.36 26.66 -2.06
N TYR B 422 -39.95 27.65 -1.40
CA TYR B 422 -41.43 27.84 -1.34
C TYR B 422 -41.93 28.49 -2.64
N ASN B 423 -43.20 28.30 -2.96
CA ASN B 423 -43.97 29.15 -3.89
C ASN B 423 -43.42 29.04 -5.32
N THR B 424 -42.86 27.90 -5.73
CA THR B 424 -42.30 27.70 -7.09
C THR B 424 -43.34 28.16 -8.13
N ALA B 425 -44.60 27.75 -7.97
CA ALA B 425 -45.70 28.03 -8.91
C ALA B 425 -46.01 29.54 -8.94
N LEU B 426 -45.90 30.24 -7.81
CA LEU B 426 -46.09 31.71 -7.75
C LEU B 426 -44.99 32.38 -8.58
N SER B 427 -43.77 31.89 -8.46
CA SER B 427 -42.60 32.44 -9.20
C SER B 427 -42.83 32.25 -10.71
N TYR B 428 -43.28 31.08 -11.13
CA TYR B 428 -43.49 30.75 -12.56
C TYR B 428 -44.72 31.50 -13.12
N ALA B 429 -45.73 31.76 -12.29
CA ALA B 429 -46.91 32.55 -12.70
C ALA B 429 -46.48 33.96 -13.10
N LEU B 430 -45.54 34.57 -12.35
CA LEU B 430 -44.98 35.90 -12.70
C LEU B 430 -44.02 35.75 -13.89
N LEU B 431 -43.10 34.77 -13.87
CA LEU B 431 -42.09 34.63 -14.96
C LEU B 431 -42.79 34.46 -16.31
N LEU B 432 -43.90 33.72 -16.36
CA LEU B 432 -44.56 33.31 -17.63
C LEU B 432 -45.71 34.25 -18.03
N THR B 433 -46.03 35.28 -17.23
CA THR B 433 -47.02 36.34 -17.59
C THR B 433 -46.36 37.73 -17.67
N ASN B 434 -45.16 37.91 -17.13
CA ASN B 434 -44.43 39.20 -17.19
C ASN B 434 -44.18 39.60 -18.63
N LYS B 435 -44.30 40.89 -18.91
CA LYS B 435 -43.93 41.53 -20.18
C LYS B 435 -42.44 41.88 -20.11
N SER B 436 -41.80 42.05 -21.28
CA SER B 436 -40.47 42.68 -21.43
C SER B 436 -39.36 41.77 -20.88
N SER B 437 -39.54 40.45 -20.91
CA SER B 437 -38.46 39.50 -20.63
C SER B 437 -38.79 38.13 -21.22
N VAL B 438 -37.75 37.42 -21.67
CA VAL B 438 -37.85 36.03 -22.16
C VAL B 438 -37.76 35.13 -20.94
N PRO B 439 -38.84 34.43 -20.55
CA PRO B 439 -38.77 33.53 -19.42
C PRO B 439 -37.87 32.33 -19.77
N ARG B 440 -37.05 31.88 -18.82
CA ARG B 440 -36.30 30.60 -18.97
C ARG B 440 -36.78 29.61 -17.89
N VAL B 441 -37.48 28.57 -18.32
CA VAL B 441 -37.95 27.46 -17.43
C VAL B 441 -36.78 26.51 -17.16
N TYR B 442 -36.55 26.20 -15.88
CA TYR B 442 -35.53 25.21 -15.45
C TYR B 442 -36.12 23.81 -15.49
N TYR B 443 -35.41 22.87 -16.14
CA TYR B 443 -35.79 21.45 -16.25
C TYR B 443 -36.20 20.91 -14.88
N GLY B 444 -35.39 21.18 -13.87
CA GLY B 444 -35.52 20.62 -12.51
C GLY B 444 -36.71 21.16 -11.74
N ASP B 445 -37.48 22.08 -12.31
CA ASP B 445 -38.72 22.62 -11.69
C ASP B 445 -39.93 21.86 -12.24
N MET B 446 -39.80 21.20 -13.40
CA MET B 446 -40.87 20.38 -14.03
C MET B 446 -40.60 18.87 -13.80
N PHE B 447 -39.34 18.47 -13.78
CA PHE B 447 -38.90 17.07 -13.53
C PHE B 447 -37.94 17.06 -12.35
N THR B 448 -37.79 15.91 -11.70
CA THR B 448 -36.90 15.71 -10.53
C THR B 448 -35.47 16.12 -10.92
N ASP B 449 -34.78 16.85 -10.04
CA ASP B 449 -33.38 17.29 -10.26
C ASP B 449 -32.49 16.06 -10.40
N ASP B 450 -32.83 14.99 -9.69
CA ASP B 450 -32.14 13.67 -9.76
C ASP B 450 -33.02 12.70 -10.57
N GLY B 451 -32.50 11.52 -10.86
CA GLY B 451 -33.24 10.51 -11.64
C GLY B 451 -33.04 10.68 -13.13
N GLN B 452 -33.64 9.79 -13.93
CA GLN B 452 -33.46 9.71 -15.39
C GLN B 452 -34.23 10.87 -16.04
N TYR B 453 -33.80 11.26 -17.24
CA TYR B 453 -34.29 12.44 -17.98
C TYR B 453 -35.78 12.27 -18.27
N MET B 454 -36.59 13.18 -17.72
CA MET B 454 -38.05 13.35 -17.99
C MET B 454 -38.82 12.15 -17.45
N ALA B 455 -38.24 11.40 -16.50
CA ALA B 455 -38.81 10.15 -15.96
C ALA B 455 -39.87 10.47 -14.89
N HIS B 456 -39.60 11.43 -14.00
CA HIS B 456 -40.44 11.75 -12.82
C HIS B 456 -40.78 13.23 -12.78
N LYS B 457 -42.07 13.55 -12.76
CA LYS B 457 -42.59 14.95 -12.70
C LYS B 457 -42.53 15.42 -11.25
N THR B 458 -42.22 16.70 -11.05
CA THR B 458 -42.34 17.37 -9.73
C THR B 458 -43.81 17.60 -9.45
N ILE B 459 -44.14 17.99 -8.23
CA ILE B 459 -45.53 18.29 -7.81
C ILE B 459 -46.01 19.57 -8.52
N ASN B 460 -45.09 20.36 -9.10
CA ASN B 460 -45.38 21.67 -9.75
C ASN B 460 -45.48 21.51 -11.27
N TYR B 461 -45.19 20.33 -11.81
CA TYR B 461 -45.22 20.06 -13.27
C TYR B 461 -46.53 20.57 -13.86
N GLU B 462 -47.68 20.22 -13.25
CA GLU B 462 -49.02 20.50 -13.82
C GLU B 462 -49.22 22.02 -13.91
N ALA B 463 -48.96 22.75 -12.83
CA ALA B 463 -49.11 24.21 -12.75
C ALA B 463 -48.25 24.86 -13.84
N ILE B 464 -46.98 24.45 -13.93
CA ILE B 464 -46.03 25.07 -14.91
C ILE B 464 -46.49 24.74 -16.34
N GLU B 465 -46.82 23.48 -16.62
CA GLU B 465 -47.32 23.06 -17.96
C GLU B 465 -48.55 23.89 -18.34
N THR B 466 -49.49 24.05 -17.41
CA THR B 466 -50.75 24.82 -17.61
C THR B 466 -50.40 26.27 -17.99
N LEU B 467 -49.50 26.91 -17.24
CA LEU B 467 -49.05 28.31 -17.50
C LEU B 467 -48.42 28.41 -18.88
N LEU B 468 -47.59 27.44 -19.26
CA LEU B 468 -46.87 27.48 -20.56
C LEU B 468 -47.87 27.43 -21.72
N LYS B 469 -48.89 26.58 -21.64
CA LYS B 469 -49.93 26.46 -22.71
C LYS B 469 -50.79 27.72 -22.73
N ALA B 470 -51.16 28.21 -21.55
CA ALA B 470 -51.92 29.46 -21.34
C ALA B 470 -51.12 30.64 -21.93
N ARG B 471 -49.80 30.62 -21.77
CA ARG B 471 -48.96 31.76 -22.24
C ARG B 471 -49.13 31.91 -23.76
N ILE B 472 -49.04 30.80 -24.48
CA ILE B 472 -49.25 30.77 -25.96
C ILE B 472 -50.61 31.40 -26.27
N LYS B 473 -51.63 31.08 -25.49
CA LYS B 473 -53.06 31.37 -25.85
C LYS B 473 -53.46 32.78 -25.38
N TYR B 474 -53.01 33.24 -24.22
CA TYR B 474 -53.61 34.40 -23.50
C TYR B 474 -52.62 35.56 -23.30
N VAL B 475 -51.31 35.31 -23.21
CA VAL B 475 -50.35 36.30 -22.65
C VAL B 475 -49.86 37.24 -23.77
N SER B 476 -50.38 38.45 -23.79
CA SER B 476 -50.04 39.49 -24.79
C SER B 476 -50.54 40.85 -24.29
N GLY B 477 -49.97 41.92 -24.83
CA GLY B 477 -50.39 43.30 -24.57
C GLY B 477 -49.59 43.91 -23.43
N GLY B 478 -49.95 45.14 -23.06
CA GLY B 478 -49.32 45.88 -21.96
C GLY B 478 -49.51 45.14 -20.65
N GLN B 479 -48.77 45.57 -19.63
CA GLN B 479 -48.79 44.99 -18.26
C GLN B 479 -49.06 46.10 -17.25
N ALA B 480 -49.76 45.73 -16.18
CA ALA B 480 -49.95 46.54 -14.96
C ALA B 480 -49.74 45.59 -13.77
N MET B 481 -48.92 46.01 -12.81
CA MET B 481 -48.81 45.33 -11.51
C MET B 481 -49.22 46.33 -10.43
N ARG B 482 -49.97 45.86 -9.42
CA ARG B 482 -50.42 46.66 -8.26
C ARG B 482 -50.05 45.89 -6.99
N ASN B 483 -49.71 46.65 -5.96
CA ASN B 483 -49.42 46.12 -4.60
C ASN B 483 -50.43 46.74 -3.67
N GLN B 484 -51.39 45.96 -3.20
CA GLN B 484 -52.48 46.44 -2.31
C GLN B 484 -52.25 45.90 -0.89
N GLN B 485 -52.28 46.78 0.11
CA GLN B 485 -52.32 46.42 1.56
C GLN B 485 -53.78 46.06 1.88
N VAL B 486 -54.03 44.82 2.31
CA VAL B 486 -55.39 44.32 2.67
C VAL B 486 -55.26 43.39 3.89
N GLY B 487 -56.25 43.47 4.78
CA GLY B 487 -56.28 42.76 6.07
C GLY B 487 -54.97 42.98 6.80
N ASN B 488 -54.29 41.89 7.15
CA ASN B 488 -53.09 41.90 8.03
C ASN B 488 -51.82 41.92 7.16
N SER B 489 -51.94 41.78 5.84
CA SER B 489 -50.78 41.54 4.93
C SER B 489 -50.96 42.34 3.63
N GLU B 490 -50.51 41.78 2.51
CA GLU B 490 -50.55 42.45 1.19
C GLU B 490 -50.72 41.40 0.10
N ILE B 491 -51.20 41.84 -1.06
CA ILE B 491 -51.29 41.02 -2.30
C ILE B 491 -50.69 41.85 -3.44
N ILE B 492 -50.26 41.18 -4.50
CA ILE B 492 -49.96 41.84 -5.81
C ILE B 492 -50.94 41.29 -6.85
N THR B 493 -51.39 42.16 -7.75
CA THR B 493 -52.08 41.78 -9.00
C THR B 493 -51.11 42.07 -10.15
N SER B 494 -51.09 41.21 -11.15
CA SER B 494 -50.35 41.38 -12.43
C SER B 494 -51.35 41.10 -13.54
N VAL B 495 -51.51 42.05 -14.47
CA VAL B 495 -52.50 41.94 -15.59
C VAL B 495 -51.77 42.09 -16.92
N ARG B 496 -52.14 41.28 -17.91
CA ARG B 496 -51.82 41.53 -19.34
C ARG B 496 -53.15 41.86 -20.02
N TYR B 497 -53.24 43.00 -20.70
CA TYR B 497 -54.50 43.59 -21.24
C TYR B 497 -55.06 42.79 -22.45
N GLY B 498 -54.25 41.96 -23.11
CA GLY B 498 -54.65 41.17 -24.29
C GLY B 498 -53.95 41.66 -25.55
N LYS B 499 -53.87 40.81 -26.57
CA LYS B 499 -53.15 41.10 -27.84
C LYS B 499 -53.69 42.40 -28.42
N GLY B 500 -52.81 43.36 -28.74
CA GLY B 500 -53.17 44.62 -29.39
C GLY B 500 -53.44 45.75 -28.42
N ALA B 501 -53.58 45.46 -27.11
CA ALA B 501 -53.86 46.46 -26.06
C ALA B 501 -52.59 46.72 -25.23
N LEU B 502 -51.81 47.72 -25.60
CA LEU B 502 -50.58 48.13 -24.86
C LEU B 502 -50.96 48.94 -23.61
N LYS B 503 -52.12 49.60 -23.64
CA LYS B 503 -52.61 50.49 -22.55
C LYS B 503 -53.97 50.00 -22.05
N ALA B 504 -54.28 50.33 -20.79
CA ALA B 504 -55.53 49.97 -20.10
C ALA B 504 -56.76 50.55 -20.83
N THR B 505 -56.60 51.64 -21.58
CA THR B 505 -57.72 52.34 -22.28
C THR B 505 -57.96 51.79 -23.70
N ASP B 506 -57.03 51.01 -24.27
CA ASP B 506 -57.19 50.39 -25.62
C ASP B 506 -58.38 49.43 -25.58
N THR B 507 -59.33 49.61 -26.50
CA THR B 507 -60.63 48.87 -26.55
C THR B 507 -60.45 47.55 -27.31
N GLY B 508 -59.37 47.42 -28.08
CA GLY B 508 -58.94 46.14 -28.68
C GLY B 508 -59.87 45.71 -29.80
N ASP B 509 -59.58 44.58 -30.43
CA ASP B 509 -60.48 43.87 -31.38
C ASP B 509 -60.97 42.59 -30.70
N ARG B 510 -61.47 41.62 -31.48
CA ARG B 510 -62.06 40.38 -30.92
C ARG B 510 -60.96 39.53 -30.24
N THR B 511 -59.74 39.49 -30.79
CA THR B 511 -58.61 38.71 -30.23
C THR B 511 -58.17 39.29 -28.88
N THR B 512 -58.24 40.61 -28.70
CA THR B 512 -57.96 41.27 -27.40
C THR B 512 -58.95 40.72 -26.36
N ARG B 513 -60.23 40.75 -26.69
CA ARG B 513 -61.36 40.33 -25.82
C ARG B 513 -61.10 38.93 -25.23
N THR B 514 -60.59 37.98 -26.03
CA THR B 514 -60.43 36.57 -25.61
C THR B 514 -58.98 36.27 -25.20
N SER B 515 -58.16 37.30 -24.97
CA SER B 515 -56.78 37.15 -24.46
C SER B 515 -56.57 38.06 -23.24
N GLY B 516 -55.36 38.06 -22.70
CA GLY B 516 -55.03 38.74 -21.43
C GLY B 516 -55.14 37.77 -20.27
N VAL B 517 -54.72 38.18 -19.08
CA VAL B 517 -54.63 37.28 -17.90
C VAL B 517 -54.53 38.16 -16.64
N ALA B 518 -55.08 37.67 -15.53
CA ALA B 518 -54.92 38.27 -14.19
C ALA B 518 -54.23 37.25 -13.28
N VAL B 519 -53.13 37.65 -12.62
CA VAL B 519 -52.43 36.86 -11.57
C VAL B 519 -52.61 37.59 -10.24
N ILE B 520 -53.13 36.91 -9.23
CA ILE B 520 -53.20 37.42 -7.82
C ILE B 520 -52.29 36.53 -6.95
N GLU B 521 -51.38 37.16 -6.20
CA GLU B 521 -50.40 36.43 -5.35
C GLU B 521 -50.30 37.10 -3.98
N GLY B 522 -50.16 36.28 -2.94
CA GLY B 522 -49.73 36.70 -1.59
C GLY B 522 -48.61 35.80 -1.12
N ASN B 523 -47.69 36.32 -0.30
CA ASN B 523 -46.50 35.57 0.17
C ASN B 523 -46.55 35.33 1.69
N ASN B 524 -47.73 35.42 2.30
CA ASN B 524 -47.96 35.23 3.77
C ASN B 524 -49.11 34.25 4.00
N PRO B 525 -48.84 33.05 4.57
CA PRO B 525 -49.89 32.07 4.86
C PRO B 525 -50.98 32.52 5.85
N SER B 526 -50.75 33.60 6.61
CA SER B 526 -51.68 34.11 7.64
C SER B 526 -52.62 35.17 7.04
N LEU B 527 -52.44 35.49 5.77
CA LEU B 527 -53.25 36.50 5.04
C LEU B 527 -54.74 36.22 5.28
N ARG B 528 -55.44 37.16 5.91
CA ARG B 528 -56.92 37.10 6.07
C ARG B 528 -57.46 38.49 5.74
N LEU B 529 -58.38 38.57 4.78
CA LEU B 529 -59.02 39.84 4.38
C LEU B 529 -60.14 40.16 5.38
N LYS B 530 -60.35 41.44 5.68
CA LYS B 530 -61.55 41.93 6.41
C LYS B 530 -62.77 41.71 5.51
N ALA B 531 -63.94 41.49 6.10
CA ALA B 531 -65.23 41.30 5.39
C ALA B 531 -65.43 42.42 4.35
N SER B 532 -64.93 43.63 4.64
CA SER B 532 -65.12 44.83 3.78
C SER B 532 -64.03 44.96 2.71
N ASP B 533 -62.98 44.13 2.73
CA ASP B 533 -61.81 44.27 1.82
C ASP B 533 -62.17 43.79 0.40
N ARG B 534 -61.91 44.63 -0.60
CA ARG B 534 -62.07 44.32 -2.04
C ARG B 534 -60.71 44.48 -2.74
N VAL B 535 -60.32 43.51 -3.55
CA VAL B 535 -59.15 43.59 -4.47
C VAL B 535 -59.74 43.85 -5.87
N VAL B 536 -59.63 45.08 -6.37
CA VAL B 536 -60.22 45.54 -7.67
C VAL B 536 -59.13 45.49 -8.73
N VAL B 537 -59.20 44.55 -9.67
CA VAL B 537 -58.16 44.32 -10.73
C VAL B 537 -58.67 44.86 -12.06
N ASN B 538 -58.08 45.95 -12.57
CA ASN B 538 -58.42 46.50 -13.91
C ASN B 538 -57.86 45.56 -14.98
N MET B 539 -58.73 44.90 -15.74
CA MET B 539 -58.38 43.92 -16.81
C MET B 539 -58.13 44.64 -18.14
N GLY B 540 -58.68 45.86 -18.30
CA GLY B 540 -58.49 46.68 -19.52
C GLY B 540 -59.80 46.90 -20.24
N ALA B 541 -59.85 47.93 -21.09
CA ALA B 541 -61.08 48.49 -21.69
C ALA B 541 -61.71 47.49 -22.68
N ALA B 542 -60.97 46.44 -23.08
CA ALA B 542 -61.45 45.37 -23.97
C ALA B 542 -62.23 44.30 -23.19
N HIS B 543 -62.32 44.38 -21.87
CA HIS B 543 -62.87 43.28 -21.03
C HIS B 543 -64.00 43.76 -20.12
N LYS B 544 -64.84 44.67 -20.60
CA LYS B 544 -66.07 45.12 -19.88
C LYS B 544 -67.11 43.99 -19.91
N ASN B 545 -67.84 43.81 -18.81
CA ASN B 545 -68.95 42.83 -18.69
C ASN B 545 -68.57 41.50 -19.34
N GLN B 546 -67.57 40.79 -18.80
CA GLN B 546 -66.99 39.59 -19.45
C GLN B 546 -66.84 38.45 -18.45
N ALA B 547 -67.13 37.24 -18.90
CA ALA B 547 -66.96 35.97 -18.15
C ALA B 547 -65.48 35.62 -18.07
N TYR B 548 -64.98 35.37 -16.87
CA TYR B 548 -63.59 34.89 -16.61
C TYR B 548 -63.71 33.55 -15.90
N ARG B 549 -62.71 32.69 -16.07
CA ARG B 549 -62.66 31.36 -15.42
C ARG B 549 -61.25 31.16 -14.88
N PRO B 550 -61.09 30.35 -13.82
CA PRO B 550 -59.77 30.09 -13.27
C PRO B 550 -58.93 29.22 -14.21
N LEU B 551 -57.63 29.49 -14.23
CA LEU B 551 -56.57 28.62 -14.80
C LEU B 551 -55.87 27.87 -13.66
N LEU B 552 -55.52 28.57 -12.58
CA LEU B 552 -54.94 27.97 -11.35
C LEU B 552 -55.66 28.56 -10.13
N LEU B 553 -55.98 27.73 -9.15
CA LEU B 553 -56.47 28.18 -7.81
C LEU B 553 -55.72 27.40 -6.74
N THR B 554 -55.34 28.10 -5.68
CA THR B 554 -54.74 27.48 -4.47
C THR B 554 -55.86 26.74 -3.77
N THR B 555 -55.57 25.51 -3.34
CA THR B 555 -56.45 24.65 -2.52
C THR B 555 -55.71 24.32 -1.21
N ASP B 556 -56.40 23.65 -0.28
CA ASP B 556 -55.86 23.25 1.03
C ASP B 556 -54.59 22.40 0.85
N ASN B 557 -54.52 21.52 -0.14
CA ASN B 557 -53.41 20.54 -0.28
C ASN B 557 -52.45 20.90 -1.42
N GLY B 558 -52.81 21.85 -2.28
CA GLY B 558 -51.90 22.25 -3.38
C GLY B 558 -52.52 23.29 -4.32
N ILE B 559 -52.44 23.02 -5.62
CA ILE B 559 -52.91 23.91 -6.71
C ILE B 559 -53.77 23.09 -7.66
N LYS B 560 -55.02 23.49 -7.86
CA LYS B 560 -55.94 22.93 -8.89
C LYS B 560 -55.67 23.64 -10.21
N ALA B 561 -55.35 22.89 -11.26
CA ALA B 561 -55.19 23.39 -12.65
C ALA B 561 -56.47 23.11 -13.46
N TYR B 562 -56.84 24.05 -14.33
CA TYR B 562 -58.01 23.97 -15.23
C TYR B 562 -57.54 24.05 -16.68
N HIS B 563 -57.73 22.96 -17.43
CA HIS B 563 -57.15 22.74 -18.79
C HIS B 563 -58.13 23.18 -19.88
N SER B 564 -59.35 23.61 -19.50
CA SER B 564 -60.40 24.05 -20.45
C SER B 564 -61.41 24.95 -19.75
N ASP B 565 -62.23 25.68 -20.51
CA ASP B 565 -63.35 26.49 -19.96
C ASP B 565 -64.32 25.53 -19.24
N GLN B 566 -64.60 24.34 -19.80
CA GLN B 566 -65.61 23.38 -19.27
C GLN B 566 -65.15 22.81 -17.92
N GLU B 567 -63.87 22.48 -17.79
CA GLU B 567 -63.31 21.96 -16.51
C GLU B 567 -63.53 22.98 -15.38
N ALA B 568 -63.73 24.27 -15.70
CA ALA B 568 -63.89 25.37 -14.73
C ALA B 568 -65.33 25.90 -14.72
N ALA B 569 -66.25 25.18 -15.36
CA ALA B 569 -67.62 25.63 -15.73
C ALA B 569 -68.36 26.23 -14.53
N GLY B 570 -68.16 25.66 -13.33
CA GLY B 570 -68.87 26.07 -12.11
C GLY B 570 -68.24 27.28 -11.41
N LEU B 571 -67.08 27.78 -11.86
CA LEU B 571 -66.28 28.79 -11.10
C LEU B 571 -66.17 30.10 -11.89
N VAL B 572 -67.05 30.30 -12.87
CA VAL B 572 -67.08 31.55 -13.68
C VAL B 572 -67.40 32.72 -12.77
N ARG B 573 -66.71 33.84 -12.98
CA ARG B 573 -67.02 35.17 -12.40
C ARG B 573 -66.94 36.21 -13.51
N TYR B 574 -67.36 37.44 -13.26
CA TYR B 574 -67.56 38.46 -14.31
C TYR B 574 -66.84 39.75 -13.92
N THR B 575 -66.28 40.43 -14.92
CA THR B 575 -65.88 41.85 -14.81
C THR B 575 -67.17 42.66 -14.70
N ASN B 576 -67.07 43.87 -14.13
CA ASN B 576 -68.16 44.87 -14.09
C ASN B 576 -68.09 45.69 -15.39
N ASP B 577 -68.88 46.77 -15.49
CA ASP B 577 -68.98 47.61 -16.71
C ASP B 577 -67.72 48.46 -16.88
N ARG B 578 -66.79 48.45 -15.92
CA ARG B 578 -65.51 49.21 -15.98
C ARG B 578 -64.35 48.27 -16.35
N GLY B 579 -64.61 46.98 -16.54
CA GLY B 579 -63.58 45.97 -16.91
C GLY B 579 -62.74 45.54 -15.73
N GLU B 580 -63.28 45.65 -14.51
CA GLU B 580 -62.61 45.25 -13.25
C GLU B 580 -63.13 43.87 -12.82
N LEU B 581 -62.23 42.91 -12.62
CA LEU B 581 -62.47 41.73 -11.77
C LEU B 581 -62.39 42.21 -10.32
N ILE B 582 -63.23 41.69 -9.44
CA ILE B 582 -63.24 42.06 -7.99
C ILE B 582 -63.24 40.77 -7.17
N PHE B 583 -62.31 40.66 -6.22
CA PHE B 583 -62.13 39.50 -5.31
C PHE B 583 -62.34 39.95 -3.86
N THR B 584 -62.77 39.02 -3.00
CA THR B 584 -63.08 39.26 -1.56
C THR B 584 -62.46 38.14 -0.72
N ALA B 585 -62.75 38.11 0.58
CA ALA B 585 -62.26 37.09 1.54
C ALA B 585 -62.68 35.69 1.04
N ALA B 586 -63.83 35.60 0.37
CA ALA B 586 -64.37 34.33 -0.16
C ALA B 586 -63.43 33.73 -1.21
N ASP B 587 -62.66 34.56 -1.92
CA ASP B 587 -61.79 34.16 -3.05
C ASP B 587 -60.34 33.99 -2.58
N ILE B 588 -59.82 34.97 -1.84
CA ILE B 588 -58.38 35.13 -1.46
C ILE B 588 -58.23 34.90 0.04
N LYS B 589 -57.31 34.01 0.42
CA LYS B 589 -56.83 33.86 1.80
C LYS B 589 -55.47 33.13 1.77
N GLY B 590 -54.72 33.22 2.86
CA GLY B 590 -53.44 32.50 3.01
C GLY B 590 -53.65 31.00 3.16
N TYR B 591 -52.78 30.23 2.52
CA TYR B 591 -52.70 28.76 2.63
C TYR B 591 -51.26 28.38 2.97
N ALA B 592 -51.03 27.14 3.37
CA ALA B 592 -49.70 26.58 3.65
C ALA B 592 -49.71 25.09 3.30
N ASN B 593 -49.21 24.75 2.10
CA ASN B 593 -49.16 23.36 1.58
C ASN B 593 -47.81 23.19 0.88
N PRO B 594 -47.48 21.98 0.37
CA PRO B 594 -46.19 21.77 -0.28
C PRO B 594 -45.90 22.71 -1.47
N GLN B 595 -46.95 23.27 -2.09
CA GLN B 595 -46.84 24.06 -3.34
C GLN B 595 -46.94 25.57 -3.05
N VAL B 596 -47.77 25.96 -2.09
CA VAL B 596 -48.10 27.39 -1.82
C VAL B 596 -47.85 27.69 -0.34
N SER B 597 -47.25 28.85 -0.09
CA SER B 597 -47.05 29.51 1.23
C SER B 597 -47.49 30.96 1.06
N GLY B 598 -48.81 31.17 1.08
CA GLY B 598 -49.47 32.43 0.69
C GLY B 598 -50.68 32.12 -0.18
N TYR B 599 -50.78 32.78 -1.33
CA TYR B 599 -51.94 32.59 -2.25
C TYR B 599 -51.48 32.72 -3.71
N LEU B 600 -52.06 31.91 -4.58
CA LEU B 600 -51.95 32.03 -6.07
C LEU B 600 -53.34 31.84 -6.66
N GLY B 601 -53.78 32.80 -7.47
CA GLY B 601 -54.97 32.74 -8.32
C GLY B 601 -54.63 33.29 -9.70
N VAL B 602 -54.94 32.54 -10.76
CA VAL B 602 -54.71 32.96 -12.17
C VAL B 602 -56.02 32.80 -12.94
N TRP B 603 -56.48 33.86 -13.59
CA TRP B 603 -57.79 33.94 -14.30
C TRP B 603 -57.58 34.34 -15.76
N VAL B 604 -58.30 33.68 -16.67
CA VAL B 604 -58.27 33.93 -18.14
C VAL B 604 -59.68 34.21 -18.62
N PRO B 605 -59.87 35.02 -19.68
CA PRO B 605 -61.20 35.28 -20.21
C PRO B 605 -61.77 33.99 -20.81
N VAL B 606 -63.10 33.82 -20.76
CA VAL B 606 -63.81 32.63 -21.30
C VAL B 606 -63.89 32.79 -22.82
N GLY B 607 -63.76 31.69 -23.55
CA GLY B 607 -64.23 31.57 -24.94
C GLY B 607 -63.12 31.74 -25.96
N ALA B 608 -61.87 31.52 -25.57
CA ALA B 608 -60.72 31.47 -26.49
C ALA B 608 -60.85 30.18 -27.29
N ALA B 609 -60.81 30.26 -28.62
CA ALA B 609 -60.75 29.09 -29.52
C ALA B 609 -59.63 28.15 -29.04
N ALA B 610 -59.79 26.85 -29.25
CA ALA B 610 -58.84 25.80 -28.82
C ALA B 610 -57.42 26.12 -29.31
N ASP B 611 -57.29 26.71 -30.49
CA ASP B 611 -55.99 26.90 -31.17
C ASP B 611 -55.58 28.39 -31.17
N GLN B 612 -56.22 29.23 -30.33
CA GLN B 612 -55.85 30.67 -30.20
C GLN B 612 -54.36 30.76 -29.83
N ASP B 613 -53.61 31.58 -30.57
CA ASP B 613 -52.15 31.83 -30.39
C ASP B 613 -51.88 33.32 -30.61
N VAL B 614 -51.63 34.06 -29.53
CA VAL B 614 -51.48 35.55 -29.57
C VAL B 614 -50.01 35.94 -29.78
N ARG B 615 -49.12 34.97 -29.96
CA ARG B 615 -47.69 35.25 -30.24
C ARG B 615 -47.56 35.94 -31.61
N VAL B 616 -46.43 36.59 -31.85
CA VAL B 616 -46.14 37.29 -33.14
C VAL B 616 -44.69 36.97 -33.54
N ALA B 617 -44.46 36.84 -34.83
CA ALA B 617 -43.14 36.56 -35.44
C ALA B 617 -42.34 37.85 -35.56
N ALA B 618 -41.02 37.74 -35.48
CA ALA B 618 -40.06 38.85 -35.67
C ALA B 618 -40.28 39.45 -37.06
N SER B 619 -40.19 40.77 -37.15
CA SER B 619 -40.30 41.55 -38.41
C SER B 619 -39.00 41.44 -39.20
N THR B 620 -39.07 41.54 -40.53
CA THR B 620 -37.89 41.59 -41.44
C THR B 620 -37.51 43.04 -41.72
N ALA B 621 -38.27 44.02 -41.23
CA ALA B 621 -37.99 45.46 -41.38
C ALA B 621 -36.59 45.76 -40.84
N PRO B 622 -35.79 46.65 -41.47
CA PRO B 622 -34.44 46.92 -41.00
C PRO B 622 -34.47 47.57 -39.60
N SER B 623 -33.57 47.14 -38.73
CA SER B 623 -33.30 47.73 -37.39
C SER B 623 -32.58 49.07 -37.58
N THR B 624 -32.95 50.09 -36.81
CA THR B 624 -32.44 51.48 -37.00
C THR B 624 -31.96 52.13 -35.70
N ASP B 625 -32.02 51.46 -34.54
CA ASP B 625 -31.69 52.07 -33.23
C ASP B 625 -30.27 51.67 -32.78
N GLY B 626 -29.52 50.92 -33.59
CA GLY B 626 -28.13 50.54 -33.30
C GLY B 626 -28.01 49.37 -32.33
N LYS B 627 -29.12 48.68 -32.06
CA LYS B 627 -29.17 47.45 -31.23
C LYS B 627 -29.59 46.26 -32.10
N SER B 628 -29.12 45.06 -31.78
CA SER B 628 -29.45 43.84 -32.56
C SER B 628 -30.76 43.24 -32.04
N VAL B 629 -30.84 42.97 -30.74
CA VAL B 629 -32.03 42.35 -30.09
C VAL B 629 -32.92 43.45 -29.53
N HIS B 630 -34.23 43.29 -29.71
CA HIS B 630 -35.26 44.26 -29.25
C HIS B 630 -36.31 43.54 -28.41
N GLN B 631 -36.50 43.95 -27.16
CA GLN B 631 -37.52 43.35 -26.27
C GLN B 631 -38.90 43.91 -26.66
N ASN B 632 -39.45 43.41 -27.76
CA ASN B 632 -40.79 43.77 -28.30
C ASN B 632 -41.70 42.54 -28.19
N ALA B 633 -42.93 42.63 -28.70
CA ALA B 633 -43.93 41.53 -28.67
C ALA B 633 -43.33 40.25 -29.27
N ALA B 634 -42.46 40.36 -30.28
CA ALA B 634 -41.88 39.17 -30.95
C ALA B 634 -40.91 38.46 -30.00
N LEU B 635 -40.03 39.22 -29.34
CA LEU B 635 -39.09 38.61 -28.35
C LEU B 635 -39.87 38.12 -27.13
N ASP B 636 -40.89 38.86 -26.69
CA ASP B 636 -41.76 38.45 -25.55
C ASP B 636 -42.46 37.12 -25.89
N SER B 637 -42.67 36.80 -27.17
CA SER B 637 -43.40 35.58 -27.62
C SER B 637 -42.53 34.33 -27.44
N ARG B 638 -41.25 34.50 -27.12
CA ARG B 638 -40.27 33.39 -27.03
C ARG B 638 -40.28 32.79 -25.62
N VAL B 639 -39.88 31.54 -25.50
CA VAL B 639 -39.68 30.87 -24.19
C VAL B 639 -38.39 30.05 -24.27
N MET B 640 -37.53 30.25 -23.29
CA MET B 640 -36.23 29.54 -23.18
C MET B 640 -36.43 28.35 -22.23
N PHE B 641 -35.86 27.20 -22.57
CA PHE B 641 -35.93 25.98 -21.72
C PHE B 641 -34.50 25.52 -21.46
N GLU B 642 -34.09 25.55 -20.19
CA GLU B 642 -32.78 24.99 -19.74
C GLU B 642 -32.96 23.48 -19.60
N GLY B 643 -32.53 22.72 -20.59
CA GLY B 643 -32.98 21.33 -20.81
C GLY B 643 -32.10 20.29 -20.13
N PHE B 644 -31.58 20.59 -18.95
CA PHE B 644 -30.82 19.62 -18.13
C PHE B 644 -30.79 20.01 -16.66
N SER B 645 -30.45 19.03 -15.82
CA SER B 645 -30.09 19.16 -14.40
C SER B 645 -28.67 18.59 -14.21
N ASN B 646 -27.88 19.23 -13.34
CA ASN B 646 -26.54 18.75 -12.93
C ASN B 646 -26.67 17.32 -12.40
N PHE B 647 -27.72 17.05 -11.62
CA PHE B 647 -27.88 15.84 -10.79
C PHE B 647 -28.74 14.78 -11.50
N GLN B 648 -29.02 14.94 -12.80
CA GLN B 648 -29.56 13.84 -13.64
C GLN B 648 -28.79 12.58 -13.32
N ALA B 649 -29.49 11.45 -13.14
CA ALA B 649 -28.89 10.10 -13.03
C ALA B 649 -28.12 9.81 -14.33
N PHE B 650 -27.10 8.95 -14.25
CA PHE B 650 -26.41 8.38 -15.43
C PHE B 650 -27.35 7.36 -16.08
N ALA B 651 -27.42 7.37 -17.42
CA ALA B 651 -28.25 6.46 -18.23
C ALA B 651 -27.72 5.03 -18.07
N THR B 652 -28.61 4.05 -17.91
CA THR B 652 -28.28 2.59 -17.81
C THR B 652 -28.45 1.93 -19.18
N LYS B 653 -29.38 2.42 -20.00
CA LYS B 653 -29.66 1.90 -21.37
C LYS B 653 -29.84 3.08 -22.33
N LYS B 654 -29.73 2.83 -23.64
CA LYS B 654 -29.65 3.87 -24.70
C LYS B 654 -30.96 4.67 -24.74
N GLU B 655 -32.08 4.05 -24.37
CA GLU B 655 -33.44 4.66 -24.36
C GLU B 655 -33.52 5.79 -23.32
N GLU B 656 -32.61 5.81 -22.34
CA GLU B 656 -32.60 6.76 -21.20
C GLU B 656 -31.64 7.92 -21.45
N TYR B 657 -30.81 7.83 -22.50
CA TYR B 657 -29.91 8.93 -22.95
C TYR B 657 -30.77 10.18 -23.21
N THR B 658 -30.33 11.33 -22.69
CA THR B 658 -31.06 12.63 -22.69
C THR B 658 -31.41 13.02 -24.14
N ASN B 659 -30.42 13.03 -25.02
CA ASN B 659 -30.56 13.49 -26.43
C ASN B 659 -31.54 12.55 -27.17
N VAL B 660 -31.62 11.28 -26.77
CA VAL B 660 -32.58 10.30 -27.39
C VAL B 660 -33.99 10.63 -26.87
N VAL B 661 -34.12 10.90 -25.57
CA VAL B 661 -35.42 11.27 -24.95
C VAL B 661 -35.88 12.63 -25.52
N ILE B 662 -34.97 13.57 -25.76
CA ILE B 662 -35.30 14.92 -26.31
C ILE B 662 -35.94 14.75 -27.70
N ALA B 663 -35.34 13.94 -28.57
CA ALA B 663 -35.81 13.68 -29.94
C ALA B 663 -37.20 13.05 -29.90
N LYS B 664 -37.40 12.11 -28.96
CA LYS B 664 -38.69 11.39 -28.81
C LYS B 664 -39.78 12.35 -28.33
N ASN B 665 -39.47 13.33 -27.47
CA ASN B 665 -40.48 14.13 -26.73
C ASN B 665 -40.56 15.56 -27.29
N VAL B 666 -40.07 15.79 -28.50
CA VAL B 666 -39.93 17.16 -29.08
C VAL B 666 -41.31 17.80 -29.25
N ASP B 667 -42.36 16.99 -29.43
CA ASP B 667 -43.78 17.45 -29.55
C ASP B 667 -44.19 18.18 -28.26
N LYS B 668 -43.70 17.72 -27.11
CA LYS B 668 -44.04 18.29 -25.78
C LYS B 668 -43.49 19.73 -25.70
N PHE B 669 -42.27 19.96 -26.18
CA PHE B 669 -41.58 21.28 -26.07
C PHE B 669 -42.31 22.31 -26.92
N ALA B 670 -42.71 21.92 -28.13
CA ALA B 670 -43.46 22.79 -29.07
C ALA B 670 -44.80 23.15 -28.44
N GLU B 671 -45.43 22.19 -27.76
CA GLU B 671 -46.74 22.34 -27.06
C GLU B 671 -46.59 23.37 -25.92
N TRP B 672 -45.42 23.42 -25.26
CA TRP B 672 -45.10 24.35 -24.14
C TRP B 672 -44.71 25.74 -24.68
N GLY B 673 -44.57 25.88 -26.00
CA GLY B 673 -44.13 27.13 -26.63
C GLY B 673 -42.64 27.39 -26.46
N VAL B 674 -41.85 26.35 -26.20
CA VAL B 674 -40.36 26.47 -26.12
C VAL B 674 -39.88 26.84 -27.53
N THR B 675 -39.27 28.01 -27.67
CA THR B 675 -38.69 28.52 -28.94
C THR B 675 -37.17 28.34 -28.92
N ASP B 676 -36.58 28.32 -27.73
CA ASP B 676 -35.11 28.26 -27.53
C ASP B 676 -34.78 27.17 -26.52
N PHE B 677 -34.21 26.07 -27.00
CA PHE B 677 -33.85 24.90 -26.17
C PHE B 677 -32.37 25.05 -25.81
N GLU B 678 -32.11 25.39 -24.56
CA GLU B 678 -30.72 25.50 -24.05
C GLU B 678 -30.25 24.09 -23.69
N MET B 679 -29.42 23.48 -24.52
CA MET B 679 -28.85 22.14 -24.23
C MET B 679 -27.66 22.32 -23.28
N ALA B 680 -27.45 21.31 -22.43
CA ALA B 680 -26.23 21.18 -21.60
C ALA B 680 -25.01 21.28 -22.50
N PRO B 681 -23.84 21.69 -21.96
CA PRO B 681 -22.58 21.57 -22.70
C PRO B 681 -22.36 20.09 -23.09
N GLN B 682 -22.08 19.84 -24.37
CA GLN B 682 -22.06 18.47 -24.96
C GLN B 682 -20.63 17.89 -24.97
N TYR B 683 -19.67 18.58 -24.37
CA TYR B 683 -18.24 18.19 -24.35
C TYR B 683 -18.12 16.96 -23.45
N VAL B 684 -17.29 15.99 -23.85
CA VAL B 684 -17.07 14.74 -23.05
C VAL B 684 -16.44 15.18 -21.73
N SER B 685 -17.04 14.77 -20.62
CA SER B 685 -16.65 15.19 -19.25
C SER B 685 -15.37 14.49 -18.83
N SER B 686 -14.49 15.21 -18.13
CA SER B 686 -13.37 14.62 -17.36
C SER B 686 -13.97 13.88 -16.15
N THR B 687 -13.17 13.05 -15.49
CA THR B 687 -13.63 12.13 -14.41
C THR B 687 -12.79 12.33 -13.13
N ASP B 688 -11.98 13.39 -13.08
CA ASP B 688 -11.04 13.70 -11.95
C ASP B 688 -11.79 13.88 -10.63
N GLY B 689 -13.06 14.31 -10.66
CA GLY B 689 -13.88 14.52 -9.45
C GLY B 689 -13.40 15.68 -8.58
N SER B 690 -12.62 16.62 -9.13
CA SER B 690 -12.04 17.78 -8.39
C SER B 690 -13.08 18.90 -8.19
N PHE B 691 -14.30 18.72 -8.72
CA PHE B 691 -15.41 19.68 -8.62
C PHE B 691 -16.71 18.94 -8.93
N LEU B 692 -17.84 19.51 -8.51
CA LEU B 692 -19.19 18.97 -8.79
C LEU B 692 -19.31 18.60 -10.27
N ASP B 693 -18.83 19.46 -11.17
CA ASP B 693 -19.06 19.36 -12.63
C ASP B 693 -18.41 18.07 -13.17
N SER B 694 -17.27 17.67 -12.59
CA SER B 694 -16.47 16.48 -13.00
C SER B 694 -16.86 15.24 -12.19
N VAL B 695 -17.78 15.36 -11.23
CA VAL B 695 -18.36 14.23 -10.45
C VAL B 695 -19.67 13.78 -11.11
N ILE B 696 -20.56 14.72 -11.43
CA ILE B 696 -21.88 14.40 -12.08
C ILE B 696 -21.77 14.56 -13.60
N GLN B 697 -20.62 14.98 -14.12
CA GLN B 697 -20.27 14.94 -15.57
C GLN B 697 -21.32 15.69 -16.40
N ASN B 698 -21.61 16.95 -16.05
CA ASN B 698 -22.66 17.78 -16.71
C ASN B 698 -22.19 18.22 -18.10
N GLY B 699 -20.87 18.43 -18.28
CA GLY B 699 -20.30 18.88 -19.56
C GLY B 699 -19.43 20.12 -19.44
N TYR B 700 -19.36 20.73 -18.25
CA TYR B 700 -18.62 21.99 -18.01
C TYR B 700 -17.15 21.68 -17.66
N ALA B 701 -16.83 20.44 -17.27
CA ALA B 701 -15.45 20.00 -16.97
C ALA B 701 -15.00 19.05 -18.09
N PHE B 702 -14.04 19.48 -18.90
CA PHE B 702 -13.63 18.80 -20.16
C PHE B 702 -12.16 19.08 -20.47
N THR B 703 -11.61 18.22 -21.34
CA THR B 703 -10.20 18.19 -21.78
C THR B 703 -10.13 18.51 -23.29
N ASP B 704 -11.23 18.27 -24.00
CA ASP B 704 -11.29 18.38 -25.48
C ASP B 704 -12.53 19.20 -25.87
N ARG B 705 -12.33 20.44 -26.28
CA ARG B 705 -13.41 21.40 -26.64
C ARG B 705 -14.25 20.88 -27.81
N TYR B 706 -13.69 20.05 -28.70
CA TYR B 706 -14.38 19.62 -29.95
C TYR B 706 -14.95 18.20 -29.81
N ASP B 707 -14.81 17.56 -28.65
CA ASP B 707 -15.23 16.16 -28.42
C ASP B 707 -16.70 16.17 -27.95
N LEU B 708 -17.63 16.40 -28.87
CA LEU B 708 -19.09 16.44 -28.54
C LEU B 708 -19.66 15.03 -28.64
N GLY B 709 -19.22 14.14 -27.75
CA GLY B 709 -19.62 12.72 -27.71
C GLY B 709 -19.06 11.94 -28.91
N ILE B 710 -17.88 12.31 -29.38
CA ILE B 710 -17.25 11.71 -30.61
C ILE B 710 -16.36 10.52 -30.19
N SER B 711 -15.40 10.72 -29.30
CA SER B 711 -14.43 9.69 -28.83
C SER B 711 -15.16 8.63 -27.99
N LYS B 712 -16.28 9.02 -27.37
CA LYS B 712 -17.10 8.17 -26.48
C LYS B 712 -18.40 8.92 -26.22
N PRO B 713 -19.46 8.29 -25.66
CA PRO B 713 -20.65 9.03 -25.29
C PRO B 713 -20.36 10.11 -24.24
N ASN B 714 -21.04 11.26 -24.33
CA ASN B 714 -21.18 12.21 -23.21
C ASN B 714 -22.32 11.69 -22.32
N LYS B 715 -22.63 12.35 -21.21
CA LYS B 715 -23.70 11.92 -20.27
C LYS B 715 -25.05 11.83 -21.00
N TYR B 716 -25.19 12.52 -22.13
CA TYR B 716 -26.49 12.75 -22.82
C TYR B 716 -26.60 11.88 -24.07
N GLY B 717 -25.53 11.15 -24.41
CA GLY B 717 -25.53 10.17 -25.52
C GLY B 717 -24.35 10.36 -26.45
N THR B 718 -24.45 9.77 -27.64
CA THR B 718 -23.40 9.82 -28.69
C THR B 718 -23.52 11.11 -29.48
N ALA B 719 -22.47 11.46 -30.22
CA ALA B 719 -22.46 12.57 -31.20
C ALA B 719 -23.68 12.43 -32.12
N ASP B 720 -24.00 11.22 -32.56
CA ASP B 720 -25.13 10.94 -33.50
C ASP B 720 -26.45 11.21 -32.77
N ASP B 721 -26.52 10.85 -31.49
CA ASP B 721 -27.72 11.11 -30.63
C ASP B 721 -27.96 12.63 -30.55
N LEU B 722 -26.89 13.41 -30.39
CA LEU B 722 -26.91 14.90 -30.37
C LEU B 722 -27.43 15.41 -31.71
N VAL B 723 -26.86 14.93 -32.82
CA VAL B 723 -27.25 15.35 -34.20
C VAL B 723 -28.75 15.10 -34.39
N LYS B 724 -29.25 13.94 -33.95
CA LYS B 724 -30.68 13.56 -34.12
C LYS B 724 -31.55 14.50 -33.25
N ALA B 725 -31.09 14.84 -32.05
CA ALA B 725 -31.80 15.73 -31.11
C ALA B 725 -31.97 17.13 -31.70
N ILE B 726 -30.90 17.68 -32.30
CA ILE B 726 -30.91 19.03 -32.91
C ILE B 726 -31.87 19.03 -34.09
N LYS B 727 -31.86 17.98 -34.92
CA LYS B 727 -32.72 17.86 -36.13
C LYS B 727 -34.18 17.76 -35.71
N ALA B 728 -34.48 16.97 -34.68
CA ALA B 728 -35.84 16.80 -34.12
C ALA B 728 -36.36 18.16 -33.63
N LEU B 729 -35.54 18.91 -32.89
CA LEU B 729 -35.91 20.25 -32.38
C LEU B 729 -36.14 21.19 -33.57
N HIS B 730 -35.26 21.18 -34.56
CA HIS B 730 -35.37 21.99 -35.80
C HIS B 730 -36.66 21.63 -36.56
N SER B 731 -37.07 20.35 -36.51
CA SER B 731 -38.29 19.85 -37.20
C SER B 731 -39.53 20.57 -36.66
N LYS B 732 -39.48 21.12 -35.44
CA LYS B 732 -40.62 21.83 -34.79
C LYS B 732 -40.36 23.35 -34.76
N GLY B 733 -39.33 23.84 -35.43
CA GLY B 733 -38.99 25.28 -35.50
C GLY B 733 -38.31 25.79 -34.23
N ILE B 734 -37.85 24.87 -33.37
CA ILE B 734 -37.19 25.19 -32.07
C ILE B 734 -35.70 25.41 -32.34
N LYS B 735 -35.16 26.53 -31.86
CA LYS B 735 -33.72 26.87 -31.98
C LYS B 735 -32.97 26.17 -30.85
N VAL B 736 -31.71 25.82 -31.07
CA VAL B 736 -30.88 25.01 -30.13
C VAL B 736 -29.62 25.80 -29.80
N MET B 737 -29.31 25.93 -28.51
CA MET B 737 -28.22 26.78 -27.99
C MET B 737 -27.03 25.90 -27.55
N ALA B 738 -25.83 26.24 -28.04
CA ALA B 738 -24.55 25.62 -27.66
C ALA B 738 -23.95 26.35 -26.47
N ASP B 739 -23.45 25.63 -25.47
CA ASP B 739 -22.82 26.23 -24.28
C ASP B 739 -21.35 26.50 -24.58
N TRP B 740 -21.01 27.76 -24.87
CA TRP B 740 -19.63 28.24 -25.15
C TRP B 740 -18.92 28.43 -23.81
N VAL B 741 -17.88 27.64 -23.53
CA VAL B 741 -17.22 27.58 -22.19
C VAL B 741 -15.72 27.84 -22.35
N PRO B 742 -15.30 29.11 -22.56
CA PRO B 742 -13.89 29.42 -22.73
C PRO B 742 -13.04 29.69 -21.48
N ASP B 743 -13.59 29.53 -20.27
CA ASP B 743 -12.89 29.95 -19.02
C ASP B 743 -11.81 28.93 -18.63
N GLN B 744 -12.12 27.64 -18.65
CA GLN B 744 -11.22 26.61 -18.05
C GLN B 744 -11.29 25.30 -18.83
N MET B 745 -10.30 24.44 -18.59
CA MET B 745 -10.26 23.03 -19.07
C MET B 745 -9.69 22.18 -17.92
N TYR B 746 -10.12 20.92 -17.83
CA TYR B 746 -9.74 20.00 -16.73
C TYR B 746 -8.85 18.86 -17.26
N ALA B 747 -8.03 18.30 -16.35
CA ALA B 747 -7.48 16.93 -16.41
C ALA B 747 -6.75 16.70 -17.74
N PHE B 748 -5.75 17.50 -18.05
CA PHE B 748 -4.86 17.28 -19.22
C PHE B 748 -4.05 16.01 -18.99
N PRO B 749 -3.85 15.16 -20.02
CA PRO B 749 -3.14 13.89 -19.86
C PRO B 749 -1.62 13.97 -19.73
N GLU B 750 -0.97 15.06 -20.16
CA GLU B 750 0.51 15.22 -20.16
C GLU B 750 0.94 16.30 -19.16
N LYS B 751 1.90 15.97 -18.29
CA LYS B 751 2.47 16.90 -17.27
C LYS B 751 3.39 17.90 -17.98
N GLU B 752 3.58 19.06 -17.35
CA GLU B 752 4.48 20.15 -17.81
C GLU B 752 5.06 20.82 -16.57
N VAL B 753 6.29 21.30 -16.63
CA VAL B 753 6.94 22.05 -15.52
C VAL B 753 6.88 23.54 -15.86
N VAL B 754 6.31 24.34 -14.96
CA VAL B 754 6.11 25.80 -15.12
C VAL B 754 6.77 26.52 -13.94
N THR B 755 7.26 27.74 -14.16
CA THR B 755 7.63 28.70 -13.10
C THR B 755 6.33 29.36 -12.63
N ALA B 756 6.04 29.28 -11.34
CA ALA B 756 4.71 29.55 -10.77
C ALA B 756 4.80 30.32 -9.45
N THR B 757 3.81 31.16 -9.18
CA THR B 757 3.65 31.91 -7.89
C THR B 757 2.26 31.63 -7.33
N ARG B 758 2.18 31.30 -6.03
CA ARG B 758 0.90 31.11 -5.33
C ARG B 758 0.15 32.44 -5.31
N VAL B 759 -1.13 32.44 -5.71
CA VAL B 759 -1.98 33.66 -5.82
C VAL B 759 -3.38 33.38 -5.25
N ASP B 760 -4.14 34.45 -4.97
CA ASP B 760 -5.60 34.38 -4.69
C ASP B 760 -6.34 34.32 -6.04
N LYS B 761 -7.67 34.25 -6.01
CA LYS B 761 -8.49 34.06 -7.23
C LYS B 761 -8.38 35.28 -8.17
N PHE B 762 -7.87 36.41 -7.66
CA PHE B 762 -7.67 37.68 -8.42
C PHE B 762 -6.27 37.69 -9.06
N GLY B 763 -5.41 36.74 -8.68
CA GLY B 763 -4.03 36.58 -9.20
C GLY B 763 -3.01 37.37 -8.41
N LYS B 764 -3.38 37.88 -7.22
CA LYS B 764 -2.48 38.66 -6.35
C LYS B 764 -1.60 37.67 -5.60
N PRO B 765 -0.24 37.81 -5.68
CA PRO B 765 0.67 36.89 -4.99
C PRO B 765 0.39 36.85 -3.49
N VAL B 766 0.52 35.66 -2.89
CA VAL B 766 0.28 35.40 -1.44
C VAL B 766 1.63 35.55 -0.74
N GLU B 767 1.75 36.62 0.04
CA GLU B 767 3.01 37.00 0.76
C GLU B 767 3.38 35.87 1.74
N GLY B 768 4.68 35.56 1.83
CA GLY B 768 5.22 34.45 2.64
C GLY B 768 4.69 33.10 2.18
N SER B 769 4.66 32.86 0.87
CA SER B 769 4.42 31.51 0.27
C SER B 769 5.74 31.01 -0.31
N GLN B 770 6.04 29.72 -0.12
CA GLN B 770 7.28 29.08 -0.63
C GLN B 770 7.17 28.84 -2.15
N ILE B 771 5.96 28.91 -2.73
CA ILE B 771 5.73 28.92 -4.21
C ILE B 771 5.76 30.38 -4.68
N LYS B 772 6.93 30.87 -5.06
CA LYS B 772 7.15 32.27 -5.52
C LYS B 772 8.28 32.27 -6.56
N SER B 773 7.89 32.17 -7.84
CA SER B 773 8.81 32.08 -9.01
C SER B 773 9.62 30.80 -8.87
N VAL B 774 8.95 29.69 -8.52
CA VAL B 774 9.55 28.34 -8.32
C VAL B 774 8.88 27.35 -9.28
N LEU B 775 9.54 26.23 -9.55
CA LEU B 775 9.04 25.19 -10.48
C LEU B 775 7.89 24.45 -9.80
N TYR B 776 6.87 24.12 -10.60
CA TYR B 776 5.66 23.38 -10.17
C TYR B 776 5.27 22.46 -11.33
N VAL B 777 4.81 21.26 -11.03
CA VAL B 777 4.42 20.25 -12.06
C VAL B 777 2.89 20.34 -12.20
N ALA B 778 2.44 20.83 -13.36
CA ALA B 778 1.02 21.00 -13.72
C ALA B 778 0.65 19.87 -14.68
N ASP B 779 -0.62 19.47 -14.71
CA ASP B 779 -1.22 18.69 -15.82
C ASP B 779 -1.76 19.70 -16.84
N SER B 780 -0.96 20.17 -17.82
CA SER B 780 -1.43 21.22 -18.77
C SER B 780 -0.91 21.01 -20.20
N LYS B 781 -0.88 19.78 -20.70
CA LYS B 781 -0.67 19.52 -22.15
C LYS B 781 -1.71 18.51 -22.64
N SER B 782 -2.41 18.85 -23.73
CA SER B 782 -3.35 17.94 -24.43
C SER B 782 -2.54 16.89 -25.19
N SER B 783 -3.20 15.82 -25.62
CA SER B 783 -2.58 14.63 -26.26
C SER B 783 -1.91 15.02 -27.59
N GLY B 784 -2.48 16.01 -28.30
CA GLY B 784 -2.07 16.35 -29.68
C GLY B 784 -2.57 15.33 -30.68
N LYS B 785 -3.48 14.44 -30.25
CA LYS B 785 -4.07 13.36 -31.08
C LYS B 785 -5.58 13.28 -30.85
N ASP B 786 -6.19 14.39 -30.38
CA ASP B 786 -7.63 14.50 -29.99
C ASP B 786 -8.36 15.34 -31.04
N GLN B 787 -9.63 15.69 -30.78
CA GLN B 787 -10.44 16.51 -31.70
C GLN B 787 -9.84 17.92 -31.79
N GLN B 788 -9.29 18.43 -30.68
CA GLN B 788 -8.55 19.73 -30.69
C GLN B 788 -7.50 19.71 -31.81
N ALA B 789 -6.67 18.67 -31.83
CA ALA B 789 -5.57 18.47 -32.81
C ALA B 789 -6.13 18.46 -34.25
N LYS B 790 -7.38 18.06 -34.45
CA LYS B 790 -8.03 17.99 -35.80
C LYS B 790 -8.59 19.36 -36.21
N TYR B 791 -9.42 19.98 -35.35
CA TYR B 791 -10.26 21.17 -35.70
C TYR B 791 -9.61 22.48 -35.26
N GLY B 792 -8.62 22.43 -34.36
CA GLY B 792 -7.87 23.61 -33.89
C GLY B 792 -7.45 24.52 -35.03
N GLY B 793 -8.01 25.74 -35.08
CA GLY B 793 -7.65 26.78 -36.06
C GLY B 793 -7.99 26.39 -37.48
N ALA B 794 -8.79 25.34 -37.67
CA ALA B 794 -9.08 24.74 -38.99
C ALA B 794 -9.89 25.70 -39.87
N PHE B 795 -10.56 26.70 -39.28
CA PHE B 795 -11.55 27.56 -39.98
C PHE B 795 -11.08 29.01 -40.04
N LEU B 796 -9.90 29.31 -39.50
CA LEU B 796 -9.40 30.70 -39.37
C LEU B 796 -9.14 31.32 -40.76
N GLU B 797 -8.75 30.52 -41.75
CA GLU B 797 -8.46 31.01 -43.13
C GLU B 797 -9.80 31.37 -43.81
N GLU B 798 -10.79 30.48 -43.70
CA GLU B 798 -12.16 30.71 -44.22
C GLU B 798 -12.75 31.96 -43.54
N LEU B 799 -12.61 32.09 -42.21
CA LEU B 799 -13.19 33.21 -41.43
C LEU B 799 -12.52 34.53 -41.84
N GLN B 800 -11.19 34.56 -41.97
CA GLN B 800 -10.48 35.79 -42.37
C GLN B 800 -10.88 36.20 -43.79
N ALA B 801 -11.21 35.24 -44.65
CA ALA B 801 -11.56 35.47 -46.08
C ALA B 801 -12.96 36.09 -46.16
N LYS B 802 -13.96 35.47 -45.51
CA LYS B 802 -15.39 35.89 -45.52
C LYS B 802 -15.58 37.17 -44.70
N TYR B 803 -14.98 37.24 -43.51
CA TYR B 803 -15.31 38.24 -42.45
C TYR B 803 -14.06 38.96 -41.97
N PRO B 804 -13.32 39.69 -42.84
CA PRO B 804 -12.09 40.36 -42.41
C PRO B 804 -12.24 41.37 -41.25
N GLU B 805 -13.42 41.96 -41.08
CA GLU B 805 -13.67 43.00 -40.03
C GLU B 805 -13.43 42.38 -38.63
N LEU B 806 -13.75 41.09 -38.45
CA LEU B 806 -13.53 40.35 -37.16
C LEU B 806 -12.07 40.48 -36.73
N PHE B 807 -11.14 40.43 -37.69
CA PHE B 807 -9.67 40.37 -37.46
C PHE B 807 -9.04 41.76 -37.54
N ALA B 808 -9.82 42.78 -37.90
CA ALA B 808 -9.39 44.20 -37.99
C ALA B 808 -9.59 44.88 -36.64
N ARG B 809 -10.63 44.50 -35.89
CA ARG B 809 -10.91 45.09 -34.55
C ARG B 809 -9.69 44.91 -33.64
N LYS B 810 -9.19 46.02 -33.10
CA LYS B 810 -8.22 46.01 -31.97
C LYS B 810 -9.03 45.78 -30.70
N GLN B 811 -8.90 44.58 -30.11
CA GLN B 811 -9.65 44.16 -28.91
C GLN B 811 -9.29 45.11 -27.77
N ILE B 812 -10.21 45.34 -26.82
CA ILE B 812 -10.09 46.46 -25.85
C ILE B 812 -8.96 46.12 -24.85
N SER B 813 -8.97 44.93 -24.27
CA SER B 813 -8.06 44.55 -23.15
C SER B 813 -6.59 44.57 -23.61
N THR B 814 -6.31 44.18 -24.87
CA THR B 814 -4.95 43.96 -25.42
C THR B 814 -4.49 45.14 -26.31
N GLY B 815 -5.41 45.86 -26.94
CA GLY B 815 -5.09 46.94 -27.89
C GLY B 815 -4.66 46.43 -29.26
N VAL B 816 -4.73 45.11 -29.49
CA VAL B 816 -4.30 44.48 -30.77
C VAL B 816 -5.39 43.52 -31.25
N PRO B 817 -5.43 43.20 -32.56
CA PRO B 817 -6.40 42.22 -33.07
C PRO B 817 -6.06 40.79 -32.63
N MET B 818 -7.02 39.89 -32.84
CA MET B 818 -6.83 38.43 -32.76
C MET B 818 -5.66 38.06 -33.67
N ASP B 819 -4.90 37.03 -33.30
CA ASP B 819 -3.71 36.55 -34.04
C ASP B 819 -3.99 35.14 -34.54
N PRO B 820 -4.54 34.98 -35.76
CA PRO B 820 -4.83 33.66 -36.31
C PRO B 820 -3.63 33.02 -37.03
N SER B 821 -2.47 33.68 -37.01
CA SER B 821 -1.22 33.19 -37.66
C SER B 821 -0.72 31.89 -37.00
N VAL B 822 -1.10 31.62 -35.75
CA VAL B 822 -0.78 30.33 -35.05
C VAL B 822 -2.09 29.60 -34.79
N LYS B 823 -2.08 28.27 -34.96
CA LYS B 823 -3.24 27.38 -34.76
C LYS B 823 -2.94 26.51 -33.54
N ILE B 824 -3.86 26.46 -32.57
CA ILE B 824 -3.70 25.65 -31.34
C ILE B 824 -4.21 24.24 -31.66
N LYS B 825 -3.28 23.33 -31.91
CA LYS B 825 -3.54 21.89 -32.15
C LYS B 825 -3.28 21.15 -30.83
N GLN B 826 -2.40 21.70 -29.99
CA GLN B 826 -2.06 21.13 -28.65
C GLN B 826 -2.07 22.25 -27.60
N TRP B 827 -2.91 22.12 -26.57
CA TRP B 827 -2.88 23.02 -25.38
C TRP B 827 -1.59 22.79 -24.60
N SER B 828 -1.00 23.87 -24.12
CA SER B 828 0.27 23.93 -23.34
C SER B 828 0.14 25.10 -22.36
N ALA B 829 0.90 25.08 -21.25
CA ALA B 829 0.85 26.09 -20.17
C ALA B 829 0.97 27.51 -20.72
N LYS B 830 1.63 27.73 -21.86
CA LYS B 830 1.85 29.09 -22.42
C LYS B 830 0.50 29.74 -22.81
N TYR B 831 -0.57 28.96 -22.96
CA TYR B 831 -1.93 29.43 -23.33
C TYR B 831 -2.83 29.56 -22.10
N PHE B 832 -2.30 29.36 -20.89
CA PHE B 832 -3.09 29.37 -19.64
C PHE B 832 -2.52 30.39 -18.65
N ASN B 833 -3.40 31.01 -17.85
CA ASN B 833 -3.02 31.97 -16.78
C ASN B 833 -2.35 31.20 -15.64
N GLY B 834 -2.89 30.01 -15.33
CA GLY B 834 -2.46 29.20 -14.18
C GLY B 834 -3.40 28.03 -13.96
N THR B 835 -3.37 27.46 -12.75
CA THR B 835 -4.18 26.27 -12.37
C THR B 835 -4.52 26.36 -10.87
N ASN B 836 -5.59 25.66 -10.48
CA ASN B 836 -5.88 25.39 -9.05
C ASN B 836 -4.70 24.58 -8.51
N ILE B 837 -4.33 24.81 -7.25
CA ILE B 837 -3.31 24.04 -6.49
C ILE B 837 -3.67 22.54 -6.58
N LEU B 838 -2.68 21.69 -6.86
CA LEU B 838 -2.88 20.25 -7.16
C LEU B 838 -2.42 19.37 -6.00
N GLY B 839 -1.99 19.94 -4.87
CA GLY B 839 -1.58 19.18 -3.68
C GLY B 839 -0.31 18.37 -3.92
N ARG B 840 0.63 18.95 -4.66
CA ARG B 840 1.94 18.33 -5.03
C ARG B 840 3.06 19.00 -4.22
N GLY B 841 2.80 20.15 -3.62
CA GLY B 841 3.73 20.87 -2.73
C GLY B 841 4.71 21.73 -3.48
N ALA B 842 5.43 22.60 -2.76
CA ALA B 842 6.34 23.63 -3.30
C ALA B 842 7.68 23.03 -3.72
N GLY B 843 7.99 21.79 -3.32
CA GLY B 843 9.30 21.15 -3.53
C GLY B 843 9.22 19.84 -4.30
N TYR B 844 8.15 19.64 -5.09
CA TYR B 844 7.90 18.39 -5.88
C TYR B 844 8.99 18.20 -6.95
N VAL B 845 9.55 19.29 -7.47
CA VAL B 845 10.66 19.25 -8.47
C VAL B 845 11.99 19.19 -7.70
N LEU B 846 12.73 18.09 -7.88
CA LEU B 846 13.86 17.68 -7.01
C LEU B 846 15.07 18.58 -7.28
N LYS B 847 15.72 19.02 -6.20
CA LYS B 847 17.02 19.74 -6.21
C LYS B 847 18.11 18.82 -5.65
N ASP B 848 19.35 19.03 -6.08
CA ASP B 848 20.55 18.45 -5.41
C ASP B 848 20.73 19.23 -4.09
N GLN B 849 20.84 18.51 -2.97
CA GLN B 849 20.83 19.06 -1.59
C GLN B 849 21.98 20.08 -1.45
N ALA B 850 23.18 19.66 -1.84
CA ALA B 850 24.45 20.43 -1.71
C ALA B 850 24.38 21.70 -2.58
N THR B 851 24.20 21.53 -3.89
CA THR B 851 24.29 22.60 -4.93
C THR B 851 23.11 23.58 -4.81
N ASN B 852 21.98 23.16 -4.21
CA ASN B 852 20.70 23.91 -4.18
C ASN B 852 20.28 24.27 -5.61
N THR B 853 20.43 23.31 -6.54
CA THR B 853 20.11 23.46 -7.99
C THR B 853 19.05 22.42 -8.36
N TYR B 854 18.11 22.78 -9.23
CA TYR B 854 17.14 21.83 -9.84
C TYR B 854 17.92 20.84 -10.70
N PHE B 855 17.70 19.54 -10.50
CA PHE B 855 18.23 18.47 -11.38
C PHE B 855 17.66 18.71 -12.80
N ASN B 856 18.55 18.98 -13.76
CA ASN B 856 18.22 19.02 -15.21
C ASN B 856 19.02 17.95 -15.93
N ILE B 857 18.39 17.19 -16.82
CA ILE B 857 19.02 16.09 -17.62
C ILE B 857 19.59 16.66 -18.93
N SER B 858 20.74 16.15 -19.36
CA SER B 858 21.46 16.54 -20.60
C SER B 858 21.70 18.06 -20.61
CA CA C . 11.41 -27.56 23.04
C1 EDO D . 3.40 -30.43 33.59
O1 EDO D . 3.86 -30.51 34.92
C2 EDO D . 3.71 -29.16 32.90
O2 EDO D . 5.06 -28.94 32.55
C1 EDO E . -6.77 -29.69 12.83
O1 EDO E . -6.80 -30.76 13.74
C2 EDO E . -7.76 -28.65 13.15
O2 EDO E . -7.55 -27.45 12.48
C1 EDO F . 47.97 -21.66 35.55
O1 EDO F . 47.56 -21.35 36.85
C2 EDO F . 49.40 -21.93 35.45
O2 EDO F . 50.00 -22.36 36.65
S SO4 G . -4.30 -36.56 13.60
O1 SO4 G . -4.41 -35.23 14.11
O2 SO4 G . -2.92 -36.87 13.34
O3 SO4 G . -4.82 -37.50 14.56
O4 SO4 G . -5.05 -36.67 12.38
S SO4 H . 58.20 -37.24 34.21
O1 SO4 H . 59.60 -37.58 34.49
O2 SO4 H . 58.16 -36.10 33.29
O3 SO4 H . 57.53 -38.38 33.60
O4 SO4 H . 57.53 -36.88 35.46
S SO4 I . 1.49 -12.41 8.95
O1 SO4 I . 2.13 -11.14 8.66
O2 SO4 I . 2.12 -13.03 10.11
O3 SO4 I . 0.07 -12.19 9.22
O4 SO4 I . 1.62 -13.30 7.80
S SO4 J . 17.11 -48.94 31.43
O1 SO4 J . 16.89 -47.55 31.18
O2 SO4 J . 18.04 -49.06 32.50
O3 SO4 J . 17.62 -49.60 30.27
O4 SO4 J . 15.89 -49.54 31.83
S SO4 K . -4.80 -20.84 5.35
O1 SO4 K . -5.76 -19.80 5.43
O2 SO4 K . -3.50 -20.31 5.60
O3 SO4 K . -5.10 -21.83 6.33
O4 SO4 K . -4.83 -21.43 4.06
S SO4 L . 48.21 -6.19 11.88
O1 SO4 L . 49.45 -5.62 12.42
O2 SO4 L . 47.11 -5.25 12.10
O3 SO4 L . 47.90 -7.43 12.59
O4 SO4 L . 48.37 -6.45 10.46
S SO4 M . 20.21 -58.22 23.86
O1 SO4 M . 20.63 -57.17 24.77
O2 SO4 M . 20.04 -57.67 22.52
O3 SO4 M . 21.22 -59.28 23.83
O4 SO4 M . 18.94 -58.79 24.31
S SO4 N . 19.17 -25.26 16.26
O1 SO4 N . 20.40 -26.01 16.07
O2 SO4 N . 19.29 -23.96 15.63
O3 SO4 N . 18.93 -25.09 17.69
O4 SO4 N . 18.05 -26.00 15.67
S SO4 O . 58.87 -17.11 7.62
O1 SO4 O . 58.64 -16.23 8.76
O2 SO4 O . 59.15 -16.31 6.43
O3 SO4 O . 60.02 -17.97 7.89
O4 SO4 O . 57.69 -17.93 7.38
S SO4 P . -5.46 10.37 15.65
O1 SO4 P . -5.28 11.17 16.85
O2 SO4 P . -4.33 10.60 14.74
O3 SO4 P . -5.52 8.95 16.01
O4 SO4 P . -6.70 10.75 14.98
S SO4 Q . 33.35 -17.33 -3.39
O1 SO4 Q . 34.37 -16.67 -2.64
O2 SO4 Q . 33.33 -16.82 -4.73
O3 SO4 Q . 33.62 -18.72 -3.43
O4 SO4 Q . 32.08 -17.08 -2.79
S SO4 R . 23.74 -50.55 8.24
O1 SO4 R . 23.58 -49.14 8.11
O2 SO4 R . 25.10 -50.90 8.04
O3 SO4 R . 22.95 -51.20 7.24
O4 SO4 R . 23.32 -50.97 9.53
S SO4 S . 25.94 -9.49 23.78
O1 SO4 S . 25.33 -8.36 24.42
O2 SO4 S . 27.03 -9.05 22.96
O3 SO4 S . 26.40 -10.41 24.75
O4 SO4 S . 24.95 -10.12 22.95
S SO4 T . 40.59 -47.38 11.81
O1 SO4 T . 41.89 -47.79 12.20
O2 SO4 T . 40.68 -46.59 10.62
O3 SO4 T . 39.97 -46.61 12.84
O4 SO4 T . 39.82 -48.54 11.55
CL CL U . 45.48 -43.70 34.20
CA CA V . -10.51 32.84 -16.11
C1 EDO W . -63.39 42.52 9.86
O1 EDO W . -63.16 41.15 9.72
C2 EDO W . -64.54 42.99 9.07
O2 EDO W . -64.45 44.34 8.73
C1 EDO X . -19.40 26.27 -14.76
O1 EDO X . -19.42 25.89 -13.42
C2 EDO X . -18.11 26.85 -15.13
O2 EDO X . -17.68 26.56 -16.42
C1 EDO Y . -9.58 43.37 -6.21
O1 EDO Y . -9.83 42.94 -4.89
C2 EDO Y . -8.14 43.36 -6.57
O2 EDO Y . -7.87 43.99 -7.80
C1 EDO Z . -43.22 9.74 -11.81
O1 EDO Z . -43.15 9.17 -10.54
C2 EDO Z . -44.08 10.94 -11.88
O2 EDO Z . -44.56 11.20 -13.17
C1 EDO AA . -63.78 29.81 2.99
O1 EDO AA . -63.07 30.16 4.15
C2 EDO AA . -63.23 28.63 2.29
O2 EDO AA . -62.71 28.93 1.01
S SO4 BA . -22.19 29.04 3.07
O1 SO4 BA . -22.80 30.16 3.70
O2 SO4 BA . -20.78 29.21 3.09
O3 SO4 BA . -22.64 28.94 1.73
O4 SO4 BA . -22.55 27.87 3.78
S SO4 CA . -68.97 38.25 -25.20
O1 SO4 CA . -69.02 39.39 -26.07
O2 SO4 CA . -67.59 37.91 -24.94
O3 SO4 CA . -69.62 37.13 -25.83
O4 SO4 CA . -69.63 38.55 -23.97
S SO4 DA . -44.77 19.14 7.05
O1 SO4 DA . -44.43 20.46 6.60
O2 SO4 DA . -43.58 18.38 7.27
O3 SO4 DA . -45.51 19.24 8.29
O4 SO4 DA . -45.58 18.48 6.06
S SO4 EA . 1.99 25.97 -30.45
O1 SO4 EA . 2.64 27.27 -30.56
O2 SO4 EA . 2.44 25.31 -29.23
O3 SO4 EA . 2.35 25.15 -31.60
O4 SO4 EA . 0.54 26.15 -30.41
S SO4 FA . -55.76 51.50 -12.33
O1 SO4 FA . -55.26 52.63 -11.55
O2 SO4 FA . -55.30 51.63 -13.72
O3 SO4 FA . -55.24 50.26 -11.76
O4 SO4 FA . -57.20 51.49 -12.29
S SO4 GA . -18.69 48.75 -32.68
O1 SO4 GA . -19.28 49.96 -32.18
O2 SO4 GA . -17.26 48.87 -32.65
O3 SO4 GA . -19.09 47.65 -31.86
O4 SO4 GA . -19.12 48.53 -34.03
S SO4 HA . -1.22 13.20 -8.83
O1 SO4 HA . -1.36 14.02 -7.67
O2 SO4 HA . 0.11 12.68 -8.90
O3 SO4 HA . -2.16 12.13 -8.78
O4 SO4 HA . -1.47 13.98 -10.00
S SO4 IA . -27.73 29.14 -40.22
O1 SO4 IA . -27.44 29.88 -38.99
O2 SO4 IA . -26.68 29.40 -41.20
O3 SO4 IA . -27.81 27.72 -39.94
O4 SO4 IA . -29.01 29.60 -40.76
S SO4 JA . -57.19 19.58 -2.29
O1 SO4 JA . -56.80 20.69 -1.51
O2 SO4 JA . -56.34 19.45 -3.42
O3 SO4 JA . -57.10 18.41 -1.50
O4 SO4 JA . -58.52 19.77 -2.74
S SO4 KA . -34.77 6.92 -11.17
O1 SO4 KA . -34.90 7.83 -10.07
O2 SO4 KA . -33.40 6.53 -11.30
O3 SO4 KA . -35.55 5.76 -10.91
O4 SO4 KA . -35.22 7.55 -12.36
S SO4 LA . -17.97 48.43 -24.61
O1 SO4 LA . -17.35 49.71 -24.80
O2 SO4 LA . -17.03 47.52 -24.02
O3 SO4 LA . -18.40 47.90 -25.89
O4 SO4 LA . -19.11 48.56 -23.75
S SO4 MA . -7.09 19.04 -12.41
O1 SO4 MA . -5.78 18.48 -12.71
O2 SO4 MA . -7.25 20.32 -13.09
O3 SO4 MA . -7.22 19.23 -10.96
O4 SO4 MA . -8.13 18.11 -12.86
S SO4 NA . -28.78 -0.80 -24.51
O1 SO4 NA . -28.59 -0.36 -23.18
O2 SO4 NA . -27.78 -0.24 -25.36
O3 SO4 NA . -28.66 -2.22 -24.54
O4 SO4 NA . -30.06 -0.43 -24.96
S SO4 OA . -40.08 49.48 -2.81
O1 SO4 OA . -40.66 49.61 -1.52
O2 SO4 OA . -38.87 50.21 -2.87
O3 SO4 OA . -39.83 48.11 -3.11
O4 SO4 OA . -40.96 50.01 -3.78
#